data_2UZ6
#
_entry.id   2UZ6
#
_cell.length_a   72.540
_cell.length_b   85.754
_cell.length_c   121.667
_cell.angle_alpha   90.14
_cell.angle_beta   80.01
_cell.angle_gamma   70.64
#
_symmetry.space_group_name_H-M   'P 1'
#
loop_
_entity.id
_entity.type
_entity.pdbx_description
1 polymer 'SOLUBLE ACETYLCHOLINE RECEPTOR'
2 polymer 'ALPHA-CONOTOXIN TXIA(A10L)'
3 non-polymer 2-acetamido-2-deoxy-beta-D-glucopyranose
4 non-polymer GLYCEROL
5 water water
#
loop_
_entity_poly.entity_id
_entity_poly.type
_entity_poly.pdbx_seq_one_letter_code
_entity_poly.pdbx_strand_id
1 'polypeptide(L)'
;QANLMRLKSDLFNRSPMYPGPTKDDPLTVTLGFTLQDIVKVDSSTNEVDLVYYEQQRWKLNSLMWDPNEYGNITDFRTSA
ADIWTPDITAYSSTRPVQVLSPQIAVVTHDGSVMFIPAQRLSFMCDPTGVDSEEGVTCAVKFGSWVYSGFEIDLKTDTDQ
VDLSSYYASSKYEILSATQTRQVQHYSCCPEPYIDVNLVVKFRERRAGNGFFRNLFD
;
A,B,C,D,E,F,G,H,I,J
2 'polypeptide(L)' GCCSRPPCILNNPDLC(NH2) K,L,M,N,O,P,Q,R,S,T
#
loop_
_chem_comp.id
_chem_comp.type
_chem_comp.name
_chem_comp.formula
GOL non-polymer GLYCEROL 'C3 H8 O3'
NAG D-saccharide, beta linking 2-acetamido-2-deoxy-beta-D-glucopyranose 'C8 H15 N O6'
NH2 non-polymer 'AMINO GROUP' 'H2 N'
#
# COMPACT_ATOMS: atom_id res chain seq x y z
N GLN A 1 -27.07 11.48 -18.11
CA GLN A 1 -26.73 12.42 -17.01
C GLN A 1 -27.76 12.23 -15.91
N ALA A 2 -28.90 11.65 -16.27
CA ALA A 2 -29.95 11.34 -15.32
C ALA A 2 -29.38 10.25 -14.41
N ASN A 3 -28.74 9.26 -15.03
CA ASN A 3 -28.07 8.20 -14.29
C ASN A 3 -26.93 8.76 -13.45
N LEU A 4 -26.11 9.60 -14.06
CA LEU A 4 -24.96 10.20 -13.38
C LEU A 4 -25.38 11.15 -12.25
N MET A 5 -26.32 12.04 -12.53
CA MET A 5 -26.84 12.96 -11.52
C MET A 5 -27.43 12.21 -10.32
N ARG A 6 -28.17 11.12 -10.58
CA ARG A 6 -28.75 10.32 -9.50
C ARG A 6 -27.68 9.67 -8.63
N LEU A 7 -26.63 9.15 -9.28
CA LEU A 7 -25.49 8.54 -8.58
C LEU A 7 -24.87 9.54 -7.60
N LYS A 8 -24.36 10.65 -8.14
CA LYS A 8 -23.76 11.73 -7.34
C LYS A 8 -24.70 12.19 -6.22
N SER A 9 -25.99 12.27 -6.54
CA SER A 9 -27.03 12.67 -5.58
C SER A 9 -27.09 11.70 -4.41
N ASP A 10 -26.91 10.41 -4.70
CA ASP A 10 -27.00 9.37 -3.68
C ASP A 10 -25.76 9.27 -2.78
N LEU A 11 -24.60 9.55 -3.35
CA LEU A 11 -23.32 9.44 -2.63
C LEU A 11 -23.03 10.65 -1.76
N PHE A 12 -22.96 11.81 -2.42
CA PHE A 12 -22.65 13.05 -1.76
C PHE A 12 -23.80 13.51 -0.88
N ASN A 13 -24.87 13.96 -1.53
CA ASN A 13 -26.06 14.52 -0.86
C ASN A 13 -26.82 13.66 0.16
N ARG A 14 -26.50 12.37 0.28
CA ARG A 14 -27.24 11.49 1.21
C ARG A 14 -26.50 10.83 2.39
N SER A 15 -25.16 10.86 2.38
CA SER A 15 -24.40 10.20 3.43
C SER A 15 -23.40 11.17 4.06
N PRO A 16 -23.33 11.22 5.42
CA PRO A 16 -22.41 12.15 6.09
C PRO A 16 -20.98 12.12 5.49
N MET A 17 -20.31 13.27 5.52
CA MET A 17 -18.97 13.40 4.95
C MET A 17 -17.97 12.48 5.64
N TYR A 18 -17.16 11.78 4.85
CA TYR A 18 -16.11 10.95 5.38
C TYR A 18 -15.34 11.77 6.44
N PRO A 19 -15.24 11.26 7.68
CA PRO A 19 -14.64 12.07 8.74
C PRO A 19 -13.12 11.99 8.78
N GLY A 20 -12.53 11.48 7.71
CA GLY A 20 -11.10 11.30 7.68
C GLY A 20 -10.82 9.93 8.26
N PRO A 21 -9.55 9.53 8.22
CA PRO A 21 -9.01 8.26 8.69
C PRO A 21 -8.74 8.22 10.20
N THR A 22 -8.67 7.00 10.72
CA THR A 22 -8.38 6.78 12.13
C THR A 22 -7.33 5.70 12.28
N LYS A 23 -6.88 5.53 13.52
CA LYS A 23 -5.98 4.47 13.87
C LYS A 23 -6.73 3.17 13.66
N ASP A 24 -8.02 3.18 13.99
CA ASP A 24 -8.87 2.02 13.81
C ASP A 24 -9.11 1.75 12.32
N ASP A 25 -9.22 2.81 11.52
CA ASP A 25 -9.48 2.70 10.09
C ASP A 25 -8.49 3.55 9.30
N PRO A 26 -7.31 3.00 9.00
CA PRO A 26 -6.25 3.73 8.32
C PRO A 26 -6.50 3.87 6.83
N LEU A 27 -5.71 4.74 6.22
CA LEU A 27 -5.86 5.02 4.82
C LEU A 27 -4.52 5.09 4.14
N THR A 28 -4.40 4.42 3.00
CA THR A 28 -3.22 4.50 2.18
C THR A 28 -3.48 5.61 1.16
N VAL A 29 -2.57 6.57 1.11
CA VAL A 29 -2.62 7.63 0.12
C VAL A 29 -1.33 7.47 -0.68
N THR A 30 -1.45 7.48 -2.00
CA THR A 30 -0.28 7.36 -2.86
C THR A 30 -0.04 8.74 -3.52
N LEU A 31 1.22 9.14 -3.54
CA LEU A 31 1.63 10.44 -4.03
C LEU A 31 2.78 10.34 -5.03
N GLY A 32 2.75 11.20 -6.04
CA GLY A 32 3.81 11.25 -7.05
C GLY A 32 3.88 12.60 -7.77
N PHE A 33 5.04 12.93 -8.32
CA PHE A 33 5.23 14.20 -9.04
C PHE A 33 5.66 14.05 -10.49
N THR A 34 5.45 15.14 -11.22
CA THR A 34 5.76 15.28 -12.61
C THR A 34 6.33 16.71 -12.62
N LEU A 35 7.66 16.83 -12.64
CA LEU A 35 8.30 18.16 -12.62
C LEU A 35 8.37 18.77 -14.02
N GLN A 36 7.90 20.00 -14.15
CA GLN A 36 7.84 20.67 -15.44
C GLN A 36 8.98 21.67 -15.58
N ASP A 37 9.24 22.43 -14.53
CA ASP A 37 10.35 23.35 -14.55
C ASP A 37 10.69 23.89 -13.16
N ILE A 38 11.96 24.26 -13.02
CA ILE A 38 12.48 24.93 -11.84
C ILE A 38 12.45 26.39 -12.29
N VAL A 39 11.56 27.16 -11.68
CA VAL A 39 11.25 28.50 -12.19
C VAL A 39 11.83 29.70 -11.46
N LYS A 40 12.37 29.48 -10.27
CA LYS A 40 13.00 30.56 -9.54
C LYS A 40 14.03 29.98 -8.60
N VAL A 41 15.20 30.63 -8.61
CA VAL A 41 16.31 30.32 -7.75
C VAL A 41 16.68 31.70 -7.20
N ASP A 42 16.75 31.83 -5.88
CA ASP A 42 17.07 33.12 -5.28
C ASP A 42 18.12 32.97 -4.21
N SER A 43 19.35 33.29 -4.60
CA SER A 43 20.53 33.20 -3.74
C SER A 43 20.44 34.08 -2.49
N SER A 44 19.79 35.24 -2.62
CA SER A 44 19.70 36.17 -1.49
C SER A 44 18.73 35.74 -0.40
N THR A 45 17.64 35.08 -0.78
CA THR A 45 16.66 34.66 0.22
C THR A 45 16.79 33.19 0.57
N ASN A 46 17.27 32.40 -0.40
CA ASN A 46 17.35 30.93 -0.28
C ASN A 46 16.03 30.22 -0.55
N GLU A 47 15.34 30.64 -1.62
CA GLU A 47 14.10 29.94 -1.99
C GLU A 47 14.13 29.50 -3.45
N VAL A 48 13.47 28.38 -3.70
CA VAL A 48 13.36 27.77 -5.01
C VAL A 48 11.88 27.56 -5.33
N ASP A 49 11.51 27.85 -6.57
CA ASP A 49 10.14 27.69 -7.03
C ASP A 49 10.07 26.60 -8.09
N LEU A 50 9.13 25.68 -7.89
CA LEU A 50 8.95 24.59 -8.81
C LEU A 50 7.52 24.60 -9.26
N VAL A 51 7.31 24.19 -10.51
CA VAL A 51 5.99 24.00 -11.05
C VAL A 51 6.01 22.52 -11.41
N TYR A 52 4.95 21.82 -11.00
CA TYR A 52 4.89 20.38 -11.17
C TYR A 52 3.43 19.93 -11.06
N TYR A 53 3.12 18.70 -11.48
CA TYR A 53 1.77 18.17 -11.22
C TYR A 53 1.91 17.24 -10.04
N GLU A 54 0.96 17.32 -9.11
CA GLU A 54 0.97 16.49 -7.92
C GLU A 54 -0.20 15.53 -8.00
N GLN A 55 0.15 14.25 -7.95
CA GLN A 55 -0.80 13.18 -8.09
C GLN A 55 -1.16 12.60 -6.74
N GLN A 56 -2.45 12.40 -6.49
CA GLN A 56 -2.94 11.81 -5.24
C GLN A 56 -4.04 10.77 -5.42
N ARG A 57 -3.85 9.62 -4.78
CA ARG A 57 -4.75 8.49 -4.94
C ARG A 57 -5.09 7.82 -3.63
N TRP A 58 -6.36 7.52 -3.44
CA TRP A 58 -6.86 6.82 -2.26
C TRP A 58 -8.21 6.16 -2.60
N LYS A 59 -8.67 5.28 -1.71
CA LYS A 59 -9.89 4.49 -1.92
C LYS A 59 -10.78 4.54 -0.68
N LEU A 60 -12.09 4.66 -0.85
CA LEU A 60 -13.01 4.70 0.29
C LEU A 60 -14.26 3.86 0.06
N ASN A 61 -14.62 3.04 1.06
CA ASN A 61 -15.84 2.25 0.98
C ASN A 61 -17.03 3.18 0.82
N SER A 62 -16.99 4.32 1.51
CA SER A 62 -18.02 5.37 1.44
C SER A 62 -18.35 5.74 -0.01
N LEU A 63 -17.39 5.50 -0.91
CA LEU A 63 -17.50 5.89 -2.32
C LEU A 63 -17.57 4.78 -3.36
N MET A 64 -18.03 3.60 -2.97
CA MET A 64 -18.19 2.52 -3.96
C MET A 64 -19.67 2.26 -4.28
N TRP A 65 -19.93 1.84 -5.51
CA TRP A 65 -21.31 1.57 -5.93
C TRP A 65 -21.39 0.47 -6.99
N ASP A 66 -22.62 0.01 -7.24
CA ASP A 66 -22.86 -1.02 -8.23
C ASP A 66 -23.31 -0.39 -9.56
N PRO A 67 -22.44 -0.45 -10.59
CA PRO A 67 -22.74 0.11 -11.90
C PRO A 67 -24.14 -0.28 -12.40
N ASN A 68 -24.52 -1.54 -12.21
CA ASN A 68 -25.85 -2.04 -12.63
C ASN A 68 -27.04 -1.23 -12.11
N GLU A 69 -26.87 -0.63 -10.94
CA GLU A 69 -27.91 0.21 -10.36
C GLU A 69 -27.83 1.65 -10.83
N TYR A 70 -26.85 1.93 -11.69
CA TYR A 70 -26.62 3.28 -12.20
C TYR A 70 -26.22 3.25 -13.67
N GLY A 71 -26.98 2.48 -14.45
CA GLY A 71 -26.76 2.35 -15.89
C GLY A 71 -25.34 2.10 -16.34
N ASN A 72 -24.66 1.17 -15.67
CA ASN A 72 -23.29 0.77 -16.06
C ASN A 72 -22.18 1.79 -15.85
N ILE A 73 -22.50 2.92 -15.23
CA ILE A 73 -21.52 3.95 -14.91
C ILE A 73 -20.43 3.37 -14.01
N THR A 74 -19.19 3.37 -14.48
CA THR A 74 -18.09 2.79 -13.70
C THR A 74 -17.24 3.83 -12.97
N ASP A 75 -17.09 5.02 -13.57
CA ASP A 75 -16.31 6.09 -12.95
C ASP A 75 -16.77 7.47 -13.36
N PHE A 76 -16.66 8.44 -12.45
CA PHE A 76 -17.05 9.81 -12.76
C PHE A 76 -16.07 10.88 -12.28
N ARG A 77 -16.19 12.04 -12.90
CA ARG A 77 -15.40 13.22 -12.59
C ARG A 77 -16.30 14.22 -11.88
N THR A 78 -15.78 14.73 -10.77
CA THR A 78 -16.48 15.67 -9.90
C THR A 78 -15.36 16.52 -9.30
N SER A 79 -15.66 17.73 -8.84
CA SER A 79 -14.62 18.62 -8.31
C SER A 79 -14.16 18.17 -6.94
N ALA A 80 -12.86 18.29 -6.70
CA ALA A 80 -12.25 17.87 -5.42
C ALA A 80 -12.98 18.38 -4.19
N ALA A 81 -13.58 19.56 -4.27
CA ALA A 81 -14.33 20.12 -3.14
C ALA A 81 -15.67 19.40 -2.89
N ASP A 82 -15.98 18.39 -3.71
CA ASP A 82 -17.20 17.58 -3.52
C ASP A 82 -16.90 16.39 -2.62
N ILE A 83 -15.60 16.16 -2.41
CA ILE A 83 -15.12 15.00 -1.68
C ILE A 83 -14.11 15.30 -0.57
N TRP A 84 -13.83 14.29 0.24
CA TRP A 84 -12.78 14.37 1.23
C TRP A 84 -11.49 14.21 0.41
N THR A 85 -10.47 14.99 0.76
CA THR A 85 -9.15 14.89 0.12
C THR A 85 -8.16 15.03 1.27
N PRO A 86 -6.98 14.37 1.18
CA PRO A 86 -6.06 14.36 2.30
C PRO A 86 -5.35 15.69 2.55
N ASP A 87 -4.66 15.79 3.70
CA ASP A 87 -3.89 16.99 4.04
C ASP A 87 -2.39 16.86 3.74
N ILE A 88 -2.02 16.13 2.69
CA ILE A 88 -0.59 16.01 2.35
C ILE A 88 -0.10 17.38 1.92
N THR A 89 0.96 17.83 2.58
CA THR A 89 1.57 19.14 2.36
C THR A 89 3.07 19.14 2.53
N ALA A 90 3.70 20.15 1.94
CA ALA A 90 5.13 20.36 2.02
C ALA A 90 5.47 20.98 3.36
N TYR A 91 6.21 20.25 4.19
CA TYR A 91 6.59 20.75 5.52
C TYR A 91 7.50 21.97 5.50
N SER A 92 8.02 22.34 4.33
CA SER A 92 8.97 23.45 4.23
C SER A 92 8.70 24.60 3.26
N SER A 93 7.44 24.77 2.89
CA SER A 93 7.04 25.87 2.02
C SER A 93 7.37 27.18 2.72
N THR A 94 7.60 28.22 1.93
CA THR A 94 7.86 29.55 2.43
C THR A 94 6.75 30.48 1.96
N ARG A 95 5.86 29.95 1.09
CA ARG A 95 4.69 30.72 0.62
C ARG A 95 3.50 29.81 0.42
N PRO A 96 2.28 30.38 0.43
CA PRO A 96 1.15 29.49 0.21
C PRO A 96 1.32 28.87 -1.15
N VAL A 97 1.17 27.56 -1.23
CA VAL A 97 1.32 26.89 -2.50
C VAL A 97 0.28 27.53 -3.43
N GLN A 98 0.58 27.53 -4.72
CA GLN A 98 -0.32 28.13 -5.69
C GLN A 98 -0.87 27.04 -6.60
N VAL A 99 -2.19 26.95 -6.70
CA VAL A 99 -2.82 26.00 -7.60
C VAL A 99 -2.77 26.62 -9.00
N LEU A 100 -2.36 25.87 -10.01
CA LEU A 100 -2.28 26.41 -11.38
C LEU A 100 -3.24 25.76 -12.37
N SER A 101 -4.25 25.05 -11.87
CA SER A 101 -5.18 24.33 -12.73
C SER A 101 -6.49 24.06 -11.99
N PRO A 102 -7.51 23.52 -12.68
CA PRO A 102 -8.74 23.18 -11.96
C PRO A 102 -8.52 21.97 -11.05
N GLN A 103 -9.19 21.94 -9.91
CA GLN A 103 -9.10 20.77 -9.03
C GLN A 103 -10.35 19.93 -9.25
N ILE A 104 -10.20 18.87 -10.04
CA ILE A 104 -11.27 17.93 -10.35
C ILE A 104 -10.70 16.52 -10.20
N ALA A 105 -11.46 15.64 -9.53
CA ALA A 105 -11.05 14.26 -9.29
C ALA A 105 -11.86 13.25 -10.10
N VAL A 106 -11.33 12.03 -10.22
CA VAL A 106 -12.04 10.92 -10.85
C VAL A 106 -12.35 9.88 -9.76
N VAL A 107 -13.63 9.64 -9.52
CA VAL A 107 -14.09 8.67 -8.54
C VAL A 107 -14.42 7.38 -9.29
N THR A 108 -14.01 6.23 -8.76
CA THR A 108 -14.34 4.96 -9.41
C THR A 108 -15.36 4.17 -8.61
N HIS A 109 -16.10 3.31 -9.30
CA HIS A 109 -17.15 2.51 -8.68
C HIS A 109 -16.65 1.69 -7.50
N ASP A 110 -15.33 1.61 -7.35
CA ASP A 110 -14.72 0.85 -6.26
C ASP A 110 -14.23 1.69 -5.07
N GLY A 111 -14.38 3.02 -5.17
CA GLY A 111 -14.00 3.91 -4.07
C GLY A 111 -12.65 4.58 -4.28
N SER A 112 -12.07 4.31 -5.44
CA SER A 112 -10.79 4.88 -5.82
C SER A 112 -10.96 6.30 -6.30
N VAL A 113 -10.26 7.22 -5.65
CA VAL A 113 -10.28 8.60 -6.09
C VAL A 113 -8.89 8.93 -6.61
N MET A 114 -8.84 9.65 -7.89
CA MET A 114 -7.55 10.19 -8.32
C MET A 114 -7.73 11.67 -8.64
N PHE A 115 -6.62 12.46 -8.49
CA PHE A 115 -6.61 13.92 -8.46
C PHE A 115 -5.19 14.42 -8.79
N ILE A 116 -5.05 15.10 -9.92
CA ILE A 116 -3.71 15.60 -10.34
C ILE A 116 -3.68 17.12 -10.71
N PRO A 117 -3.67 17.97 -9.83
CA PRO A 117 -3.58 19.41 -10.07
C PRO A 117 -2.14 19.88 -10.23
N ALA A 118 -1.94 20.98 -10.95
CA ALA A 118 -0.60 21.59 -11.14
C ALA A 118 -0.29 22.55 -10.01
N GLN A 119 0.99 22.75 -9.67
CA GLN A 119 1.29 23.62 -8.54
C GLN A 119 2.61 24.37 -8.61
N ARG A 120 2.57 25.58 -8.07
CA ARG A 120 3.75 26.39 -7.96
C ARG A 120 4.03 26.36 -6.47
N LEU A 121 5.23 25.94 -6.13
CA LEU A 121 5.66 25.82 -4.75
C LEU A 121 7.00 26.52 -4.55
N SER A 122 7.04 27.36 -3.51
CA SER A 122 8.25 28.06 -3.06
C SER A 122 8.62 27.36 -1.78
N PHE A 123 9.87 26.93 -1.69
CA PHE A 123 10.32 26.24 -0.48
C PHE A 123 11.75 26.63 -0.15
N MET A 124 12.23 26.16 1.00
CA MET A 124 13.56 26.51 1.50
C MET A 124 14.70 25.76 0.80
N CYS A 125 15.53 26.51 0.08
CA CYS A 125 16.73 25.94 -0.55
C CYS A 125 17.84 26.93 -0.84
N ASP A 126 19.01 26.61 -0.33
CA ASP A 126 20.24 27.32 -0.56
C ASP A 126 20.75 26.78 -1.91
N PRO A 127 20.71 27.62 -2.96
CA PRO A 127 21.15 27.22 -4.30
C PRO A 127 22.62 27.49 -4.67
N THR A 128 23.47 27.79 -3.69
CA THR A 128 24.88 28.00 -3.98
C THR A 128 25.44 26.78 -4.73
N GLY A 129 25.93 27.00 -5.95
CA GLY A 129 26.54 25.94 -6.73
C GLY A 129 25.75 25.45 -7.93
N VAL A 130 24.65 26.13 -8.23
CA VAL A 130 23.78 25.77 -9.35
C VAL A 130 24.50 26.00 -10.69
N ASP A 131 25.37 27.01 -10.70
CA ASP A 131 26.19 27.32 -11.87
C ASP A 131 27.25 26.24 -12.09
N SER A 132 27.82 25.75 -10.98
CA SER A 132 28.81 24.67 -10.97
C SER A 132 28.45 23.47 -11.85
N GLU A 133 29.44 22.64 -12.16
CA GLU A 133 29.19 21.47 -12.99
C GLU A 133 28.57 20.33 -12.18
N GLU A 134 28.76 20.37 -10.86
CA GLU A 134 28.23 19.33 -9.97
C GLU A 134 26.80 19.65 -9.52
N GLY A 135 26.40 20.89 -9.71
CA GLY A 135 25.07 21.35 -9.37
C GLY A 135 24.82 21.65 -7.91
N VAL A 136 23.55 21.59 -7.53
CA VAL A 136 23.11 21.84 -6.17
C VAL A 136 21.94 20.90 -5.88
N THR A 137 21.81 20.49 -4.62
CA THR A 137 20.72 19.61 -4.21
C THR A 137 19.74 20.36 -3.32
N CYS A 138 18.47 20.33 -3.71
CA CYS A 138 17.38 20.94 -2.93
C CYS A 138 16.47 19.81 -2.48
N ALA A 139 16.01 19.87 -1.24
CA ALA A 139 15.11 18.86 -0.73
C ALA A 139 13.95 19.50 0.03
N VAL A 140 12.78 18.87 -0.09
CA VAL A 140 11.58 19.29 0.62
C VAL A 140 10.83 18.01 0.93
N LYS A 141 10.31 17.85 2.15
CA LYS A 141 9.56 16.62 2.39
C LYS A 141 8.06 16.87 2.53
N PHE A 142 7.26 15.93 2.01
CA PHE A 142 5.79 16.00 2.03
C PHE A 142 5.20 14.98 3.01
N GLY A 143 4.12 15.35 3.71
CA GLY A 143 3.49 14.41 4.66
C GLY A 143 2.12 14.89 5.12
N SER A 144 1.37 14.03 5.81
CA SER A 144 0.07 14.47 6.34
C SER A 144 0.35 15.58 7.33
N TRP A 145 -0.58 16.52 7.44
CA TRP A 145 -0.35 17.62 8.37
C TRP A 145 -0.72 17.22 9.80
N VAL A 146 -1.75 16.39 9.93
CA VAL A 146 -2.26 16.01 11.24
C VAL A 146 -2.32 14.51 11.54
N TYR A 147 -2.02 13.67 10.54
CA TYR A 147 -2.05 12.22 10.72
C TYR A 147 -0.68 11.56 10.78
N SER A 148 -0.61 10.60 11.69
CA SER A 148 0.54 9.76 11.94
C SER A 148 0.53 8.55 11.01
N GLY A 149 1.65 7.83 10.96
CA GLY A 149 1.75 6.60 10.15
C GLY A 149 0.68 5.58 10.49
N PHE A 150 0.00 5.77 11.62
CA PHE A 150 -1.06 4.86 12.07
C PHE A 150 -2.43 5.17 11.49
N GLU A 151 -2.55 6.33 10.85
CA GLU A 151 -3.81 6.80 10.30
C GLU A 151 -3.68 7.05 8.81
N ILE A 152 -2.54 7.58 8.40
CA ILE A 152 -2.23 7.78 6.98
C ILE A 152 -0.94 7.09 6.59
N ASP A 153 -1.10 6.17 5.65
CA ASP A 153 -0.05 5.35 5.13
C ASP A 153 0.29 5.98 3.80
N LEU A 154 1.37 6.77 3.78
CA LEU A 154 1.75 7.50 2.59
C LEU A 154 2.86 6.81 1.86
N LYS A 155 2.65 6.62 0.56
CA LYS A 155 3.56 5.89 -0.34
C LYS A 155 3.71 6.55 -1.69
N THR A 156 4.58 5.96 -2.50
CA THR A 156 4.83 6.35 -3.89
C THR A 156 4.90 5.03 -4.65
N ASP A 157 4.66 5.06 -5.96
CA ASP A 157 4.76 3.84 -6.78
C ASP A 157 6.15 3.71 -7.36
N THR A 158 6.88 4.82 -7.31
CA THR A 158 8.18 4.88 -7.90
C THR A 158 8.96 5.96 -7.18
N ASP A 159 10.24 5.70 -6.96
CA ASP A 159 11.10 6.66 -6.30
C ASP A 159 11.61 7.67 -7.31
N GLN A 160 11.18 7.52 -8.56
CA GLN A 160 11.55 8.42 -9.63
C GLN A 160 10.57 9.55 -9.86
N VAL A 161 11.07 10.79 -9.85
CA VAL A 161 10.23 11.93 -10.20
C VAL A 161 10.06 11.87 -11.72
N ASP A 162 8.82 11.94 -12.17
CA ASP A 162 8.58 11.87 -13.60
C ASP A 162 9.04 13.15 -14.30
N LEU A 163 10.01 12.99 -15.20
CA LEU A 163 10.67 14.09 -15.90
C LEU A 163 10.35 14.10 -17.38
N SER A 164 9.35 13.30 -17.75
CA SER A 164 8.97 13.19 -19.15
C SER A 164 8.32 14.48 -19.66
N SER A 165 8.00 15.41 -18.75
CA SER A 165 7.35 16.67 -19.14
C SER A 165 8.20 17.88 -18.85
N TYR A 166 9.41 17.64 -18.36
CA TYR A 166 10.26 18.74 -17.99
C TYR A 166 10.42 19.65 -19.19
N TYR A 167 10.32 20.94 -18.95
CA TYR A 167 10.43 21.92 -20.00
C TYR A 167 11.82 21.94 -20.68
N ALA A 168 11.80 21.52 -21.95
CA ALA A 168 12.97 21.35 -22.85
C ALA A 168 13.93 22.54 -23.04
N SER A 169 13.52 23.73 -22.62
CA SER A 169 14.38 24.90 -22.68
C SER A 169 14.60 25.50 -21.31
N SER A 170 14.45 24.66 -20.28
CA SER A 170 14.67 25.08 -18.90
C SER A 170 16.05 25.72 -18.77
N LYS A 171 16.20 26.68 -17.86
CA LYS A 171 17.52 27.24 -17.60
C LYS A 171 18.29 26.20 -16.79
N TYR A 172 17.59 25.14 -16.37
CA TYR A 172 18.22 24.11 -15.55
C TYR A 172 18.22 22.70 -16.13
N GLU A 173 19.20 21.94 -15.69
CA GLU A 173 19.33 20.55 -16.08
C GLU A 173 19.11 19.71 -14.83
N ILE A 174 18.19 18.73 -14.94
CA ILE A 174 17.88 17.85 -13.81
C ILE A 174 18.88 16.70 -13.75
N LEU A 175 19.74 16.72 -12.74
CA LEU A 175 20.75 15.67 -12.55
C LEU A 175 20.13 14.43 -11.92
N SER A 176 19.13 14.64 -11.07
CA SER A 176 18.32 13.54 -10.48
C SER A 176 17.08 14.09 -9.77
N ALA A 177 15.96 13.39 -9.92
CA ALA A 177 14.71 13.79 -9.30
C ALA A 177 14.02 12.55 -8.75
N THR A 178 13.94 12.51 -7.42
CA THR A 178 13.41 11.36 -6.70
C THR A 178 12.38 11.76 -5.66
N GLN A 179 11.50 10.82 -5.36
CA GLN A 179 10.40 11.00 -4.41
C GLN A 179 10.37 9.75 -3.56
N THR A 180 11.25 9.71 -2.57
CA THR A 180 11.43 8.52 -1.74
C THR A 180 10.66 8.54 -0.44
N ARG A 181 9.94 7.44 -0.17
CA ARG A 181 9.23 7.35 1.08
C ARG A 181 10.19 7.01 2.23
N GLN A 182 9.92 7.62 3.39
CA GLN A 182 10.73 7.43 4.60
C GLN A 182 9.81 7.21 5.79
N VAL A 183 10.12 6.19 6.59
CA VAL A 183 9.36 5.90 7.80
C VAL A 183 10.26 6.26 8.97
N GLN A 184 9.72 7.07 9.89
CA GLN A 184 10.47 7.57 11.02
C GLN A 184 10.03 6.98 12.36
N HIS A 185 10.97 6.40 13.10
CA HIS A 185 10.68 5.89 14.44
C HIS A 185 11.46 6.72 15.46
N TYR A 186 10.72 7.46 16.28
CA TYR A 186 11.34 8.31 17.26
C TYR A 186 11.43 7.63 18.61
N SER A 187 12.56 7.82 19.28
CA SER A 187 12.81 7.26 20.61
C SER A 187 11.70 7.66 21.58
N CYS A 188 11.19 8.88 21.43
CA CYS A 188 10.15 9.44 22.29
C CYS A 188 8.79 8.83 22.06
N CYS A 189 8.57 8.41 20.81
CA CYS A 189 7.20 8.16 20.41
C CYS A 189 6.88 6.83 19.72
N PRO A 190 5.86 6.14 20.26
CA PRO A 190 5.32 4.85 19.82
C PRO A 190 5.01 4.82 18.34
N GLU A 191 4.23 5.81 17.89
CA GLU A 191 3.76 5.91 16.52
C GLU A 191 4.80 6.37 15.51
N PRO A 192 4.81 5.74 14.31
CA PRO A 192 5.75 6.10 13.27
C PRO A 192 5.28 7.31 12.44
N TYR A 193 6.25 7.97 11.80
CA TYR A 193 5.98 9.13 10.97
C TYR A 193 6.54 8.93 9.57
N ILE A 194 5.74 9.29 8.56
CA ILE A 194 6.07 9.09 7.16
C ILE A 194 6.11 10.39 6.38
N ASP A 195 7.20 10.58 5.64
CA ASP A 195 7.27 11.69 4.73
C ASP A 195 7.64 11.08 3.37
N VAL A 196 7.39 11.82 2.29
CA VAL A 196 7.81 11.42 0.96
C VAL A 196 8.79 12.55 0.63
N ASN A 197 10.08 12.24 0.66
CA ASN A 197 11.10 13.26 0.46
C ASN A 197 11.43 13.56 -1.00
N LEU A 198 11.03 14.76 -1.45
CA LEU A 198 11.30 15.20 -2.83
C LEU A 198 12.68 15.84 -2.93
N VAL A 199 13.58 15.16 -3.64
CA VAL A 199 14.96 15.60 -3.82
C VAL A 199 15.29 15.83 -5.29
N VAL A 200 15.67 17.05 -5.64
CA VAL A 200 16.06 17.37 -7.01
C VAL A 200 17.49 17.93 -6.97
N LYS A 201 18.37 17.33 -7.79
CA LYS A 201 19.75 17.79 -7.92
C LYS A 201 19.83 18.38 -9.32
N PHE A 202 20.32 19.62 -9.42
CA PHE A 202 20.30 20.31 -10.70
C PHE A 202 21.40 21.37 -10.82
N ARG A 203 21.58 21.88 -12.04
CA ARG A 203 22.56 22.93 -12.30
C ARG A 203 22.10 23.74 -13.52
N GLU A 204 22.73 24.88 -13.76
CA GLU A 204 22.41 25.65 -14.96
C GLU A 204 22.80 24.86 -16.20
N ARG A 205 21.86 24.82 -17.16
CA ARG A 205 22.06 24.04 -18.39
C ARG A 205 23.10 24.66 -19.33
N GLN B 1 -16.48 7.17 9.79
CA GLN B 1 -17.02 5.94 10.36
C GLN B 1 -18.28 6.22 11.18
N ALA B 2 -18.89 5.16 11.70
CA ALA B 2 -20.19 5.26 12.35
C ALA B 2 -20.13 6.24 13.52
N ASN B 3 -19.38 5.88 14.55
CA ASN B 3 -19.46 6.58 15.83
C ASN B 3 -18.82 7.97 15.76
N LEU B 4 -17.71 8.07 15.04
CA LEU B 4 -17.03 9.35 14.84
C LEU B 4 -17.96 10.30 14.12
N MET B 5 -18.58 9.80 13.07
CA MET B 5 -19.49 10.59 12.28
C MET B 5 -20.64 11.07 13.18
N ARG B 6 -20.98 10.25 14.18
CA ARG B 6 -22.02 10.56 15.18
C ARG B 6 -21.50 11.52 16.24
N LEU B 7 -20.30 11.22 16.75
CA LEU B 7 -19.64 12.06 17.74
C LEU B 7 -19.55 13.49 17.24
N LYS B 8 -18.83 13.71 16.14
CA LYS B 8 -18.67 15.05 15.58
C LYS B 8 -20.01 15.78 15.48
N SER B 9 -21.01 15.07 14.93
CA SER B 9 -22.37 15.60 14.78
C SER B 9 -23.00 16.08 16.10
N ASP B 10 -22.81 15.32 17.18
CA ASP B 10 -23.34 15.68 18.50
C ASP B 10 -22.63 16.89 19.08
N LEU B 11 -21.31 16.96 18.87
CA LEU B 11 -20.49 18.05 19.39
C LEU B 11 -20.68 19.35 18.65
N PHE B 12 -20.92 19.26 17.35
CA PHE B 12 -21.01 20.47 16.51
C PHE B 12 -22.41 20.96 16.18
N ASN B 13 -23.27 20.04 15.71
CA ASN B 13 -24.62 20.38 15.27
C ASN B 13 -25.66 20.44 16.39
N ARG B 14 -25.28 20.07 17.61
CA ARG B 14 -26.21 20.11 18.75
C ARG B 14 -26.18 21.42 19.52
N SER B 15 -25.01 21.75 20.04
CA SER B 15 -24.84 22.92 20.89
C SER B 15 -24.42 24.16 20.09
N PRO B 16 -24.71 25.36 20.63
CA PRO B 16 -24.20 26.56 19.97
C PRO B 16 -22.68 26.63 20.13
N MET B 17 -22.03 27.28 19.17
CA MET B 17 -20.57 27.44 19.16
C MET B 17 -20.14 28.25 20.38
N TYR B 18 -19.09 27.76 21.04
CA TYR B 18 -18.51 28.45 22.18
C TYR B 18 -18.37 29.93 21.83
N PRO B 19 -18.95 30.82 22.67
CA PRO B 19 -18.97 32.26 22.46
C PRO B 19 -17.71 33.01 22.94
N GLY B 20 -16.67 32.27 23.31
CA GLY B 20 -15.44 32.89 23.79
C GLY B 20 -15.36 33.01 25.30
N PRO B 21 -14.15 33.29 25.82
CA PRO B 21 -13.89 33.39 27.26
C PRO B 21 -14.55 34.62 27.88
N THR B 22 -14.61 34.68 29.21
CA THR B 22 -15.15 35.83 29.93
C THR B 22 -14.39 35.90 31.24
N LYS B 23 -14.51 36.99 31.98
CA LYS B 23 -13.74 37.12 33.21
C LYS B 23 -14.17 36.14 34.31
N ASP B 24 -15.42 35.66 34.21
CA ASP B 24 -15.99 34.68 35.12
C ASP B 24 -15.52 33.28 34.73
N ASP B 25 -15.08 33.13 33.49
CA ASP B 25 -14.65 31.84 32.99
C ASP B 25 -13.43 32.00 32.09
N PRO B 26 -12.30 32.43 32.67
CA PRO B 26 -11.07 32.67 31.90
C PRO B 26 -10.59 31.42 31.17
N LEU B 27 -10.12 31.57 29.94
CA LEU B 27 -9.58 30.44 29.21
C LEU B 27 -8.05 30.50 29.23
N THR B 28 -7.40 29.38 29.54
CA THR B 28 -5.93 29.35 29.48
C THR B 28 -5.52 28.93 28.06
N VAL B 29 -4.59 29.66 27.46
CA VAL B 29 -4.09 29.31 26.13
C VAL B 29 -2.58 29.20 26.17
N THR B 30 -2.05 28.06 25.74
CA THR B 30 -0.61 27.86 25.69
C THR B 30 -0.12 28.01 24.25
N LEU B 31 1.00 28.69 24.14
CA LEU B 31 1.57 29.07 22.87
C LEU B 31 3.05 28.75 22.81
N GLY B 32 3.47 28.31 21.63
CA GLY B 32 4.87 28.02 21.36
C GLY B 32 5.16 28.23 19.90
N PHE B 33 6.44 28.37 19.58
CA PHE B 33 6.88 28.55 18.20
C PHE B 33 8.01 27.62 17.82
N THR B 34 7.97 27.18 16.57
CA THR B 34 8.98 26.35 15.94
C THR B 34 9.48 27.16 14.74
N LEU B 35 10.60 27.85 14.94
CA LEU B 35 11.22 28.71 13.92
C LEU B 35 11.93 27.93 12.82
N GLN B 36 11.41 27.98 11.60
CA GLN B 36 12.02 27.26 10.51
C GLN B 36 13.12 28.05 9.82
N ASP B 37 12.90 29.35 9.64
CA ASP B 37 13.88 30.19 8.98
C ASP B 37 13.51 31.67 9.01
N ILE B 38 14.54 32.48 8.79
CA ILE B 38 14.42 33.91 8.62
C ILE B 38 14.64 33.94 7.12
N VAL B 39 13.54 34.12 6.40
CA VAL B 39 13.54 34.06 4.96
C VAL B 39 13.73 35.42 4.31
N LYS B 40 13.70 36.48 5.12
CA LYS B 40 13.98 37.81 4.58
C LYS B 40 14.34 38.94 5.52
N VAL B 41 15.20 39.81 5.01
CA VAL B 41 15.66 41.00 5.69
C VAL B 41 15.64 42.13 4.67
N ASP B 42 15.29 43.31 5.15
CA ASP B 42 15.21 44.43 4.26
C ASP B 42 15.54 45.66 5.07
N SER B 43 16.74 46.15 4.84
CA SER B 43 17.23 47.33 5.52
C SER B 43 16.68 48.61 4.91
N SER B 44 16.18 48.54 3.67
CA SER B 44 15.58 49.73 3.08
C SER B 44 14.22 50.05 3.74
N THR B 45 13.59 49.05 4.36
CA THR B 45 12.27 49.23 4.97
C THR B 45 12.16 48.80 6.44
N ASN B 46 13.24 48.25 6.99
CA ASN B 46 13.24 47.72 8.36
C ASN B 46 12.14 46.66 8.58
N GLU B 47 12.02 45.76 7.60
CA GLU B 47 11.04 44.67 7.67
C GLU B 47 11.78 43.33 7.75
N VAL B 48 11.20 42.38 8.50
CA VAL B 48 11.79 41.05 8.64
C VAL B 48 10.74 39.95 8.53
N ASP B 49 11.09 38.87 7.83
CA ASP B 49 10.17 37.74 7.67
C ASP B 49 10.65 36.47 8.34
N LEU B 50 9.72 35.76 8.96
CA LEU B 50 10.01 34.50 9.60
C LEU B 50 9.12 33.47 8.96
N VAL B 51 9.53 32.22 9.06
CA VAL B 51 8.71 31.10 8.67
C VAL B 51 8.93 30.19 9.86
N TYR B 52 7.81 29.83 10.49
CA TYR B 52 7.75 29.04 11.70
C TYR B 52 6.39 28.34 11.80
N TYR B 53 6.28 27.39 12.72
CA TYR B 53 4.99 26.74 13.02
C TYR B 53 4.47 27.38 14.31
N GLU B 54 3.16 27.61 14.40
CA GLU B 54 2.62 28.20 15.61
C GLU B 54 1.63 27.29 16.32
N GLN B 55 1.97 26.76 17.49
CA GLN B 55 0.95 25.98 18.16
C GLN B 55 0.25 26.75 19.25
N GLN B 56 -1.01 26.38 19.44
CA GLN B 56 -1.87 26.95 20.44
C GLN B 56 -2.65 25.80 21.07
N ARG B 57 -2.75 25.82 22.39
CA ARG B 57 -3.48 24.80 23.15
C ARG B 57 -4.48 25.40 24.13
N TRP B 58 -5.69 24.85 24.17
CA TRP B 58 -6.75 25.29 25.10
C TRP B 58 -7.68 24.12 25.41
N LYS B 59 -8.49 24.26 26.46
CA LYS B 59 -9.40 23.18 26.87
C LYS B 59 -10.82 23.74 27.02
N LEU B 60 -11.80 23.07 26.40
CA LEU B 60 -13.20 23.51 26.47
C LEU B 60 -14.13 22.41 26.98
N ASN B 61 -14.91 22.73 28.01
CA ASN B 61 -15.85 21.77 28.58
C ASN B 61 -16.86 21.26 27.56
N SER B 62 -17.20 22.13 26.62
CA SER B 62 -18.21 21.86 25.60
C SER B 62 -17.77 20.86 24.53
N LEU B 63 -16.46 20.57 24.52
CA LEU B 63 -15.91 19.62 23.57
C LEU B 63 -15.56 18.32 24.26
N MET B 64 -16.28 18.05 25.35
CA MET B 64 -16.09 16.83 26.14
C MET B 64 -17.13 15.79 25.79
N TRP B 65 -16.73 14.53 25.86
CA TRP B 65 -17.63 13.41 25.63
C TRP B 65 -17.14 12.17 26.37
N ASP B 66 -18.05 11.20 26.52
CA ASP B 66 -17.73 9.93 27.14
C ASP B 66 -17.32 9.01 25.99
N PRO B 67 -16.03 8.60 25.95
CA PRO B 67 -15.51 7.74 24.88
C PRO B 67 -16.32 6.46 24.72
N ASN B 68 -16.78 5.90 25.85
CA ASN B 68 -17.58 4.67 25.88
C ASN B 68 -18.93 4.82 25.18
N GLU B 69 -19.44 6.04 25.09
CA GLU B 69 -20.69 6.28 24.40
C GLU B 69 -20.43 6.47 22.89
N TYR B 70 -19.14 6.48 22.52
CA TYR B 70 -18.75 6.68 21.12
C TYR B 70 -17.66 5.72 20.61
N GLY B 71 -17.91 4.42 20.77
CA GLY B 71 -17.00 3.38 20.30
C GLY B 71 -15.57 3.48 20.79
N ASN B 72 -15.39 4.05 21.98
CA ASN B 72 -14.06 4.22 22.60
C ASN B 72 -13.11 5.20 21.88
N ILE B 73 -13.68 6.28 21.33
CA ILE B 73 -12.90 7.32 20.66
C ILE B 73 -12.35 8.30 21.69
N THR B 74 -11.03 8.41 21.73
CA THR B 74 -10.36 9.31 22.66
C THR B 74 -10.09 10.71 22.10
N ASP B 75 -9.97 10.81 20.77
CA ASP B 75 -9.70 12.07 20.08
C ASP B 75 -9.94 11.96 18.58
N PHE B 76 -9.95 13.10 17.90
CA PHE B 76 -10.13 13.18 16.44
C PHE B 76 -9.61 14.51 15.93
N ARG B 77 -9.24 14.53 14.65
CA ARG B 77 -8.84 15.76 13.99
C ARG B 77 -10.05 16.29 13.23
N THR B 78 -10.12 17.61 13.07
CA THR B 78 -11.23 18.25 12.37
C THR B 78 -10.79 19.61 11.87
N SER B 79 -11.50 20.13 10.87
CA SER B 79 -11.23 21.45 10.35
C SER B 79 -11.31 22.46 11.50
N ALA B 80 -10.28 23.30 11.61
CA ALA B 80 -10.21 24.33 12.64
C ALA B 80 -11.36 25.32 12.47
N ALA B 81 -12.04 25.22 11.33
CA ALA B 81 -13.20 26.06 11.02
C ALA B 81 -14.42 25.54 11.78
N ASP B 82 -14.34 24.27 12.20
CA ASP B 82 -15.41 23.62 12.97
C ASP B 82 -15.41 23.99 14.45
N ILE B 83 -14.34 24.63 14.91
CA ILE B 83 -14.19 24.99 16.33
C ILE B 83 -14.01 26.49 16.56
N TRP B 84 -13.98 26.89 17.82
CA TRP B 84 -13.64 28.27 18.19
C TRP B 84 -12.12 28.23 18.33
N THR B 85 -11.47 29.30 17.92
CA THR B 85 -10.02 29.42 18.04
C THR B 85 -9.69 30.81 18.55
N PRO B 86 -8.63 30.93 19.36
CA PRO B 86 -8.16 32.20 19.91
C PRO B 86 -7.79 33.26 18.88
N ASP B 87 -7.60 34.49 19.36
CA ASP B 87 -7.16 35.61 18.55
C ASP B 87 -5.70 35.99 18.87
N ILE B 88 -4.89 35.02 19.29
CA ILE B 88 -3.48 35.35 19.60
C ILE B 88 -2.88 35.87 18.31
N THR B 89 -2.52 37.15 18.33
CA THR B 89 -2.06 37.80 17.11
C THR B 89 -0.74 38.52 17.35
N ALA B 90 0.09 38.63 16.31
CA ALA B 90 1.32 39.41 16.39
C ALA B 90 0.84 40.86 16.45
N TYR B 91 1.52 41.68 17.24
CA TYR B 91 1.09 43.08 17.43
C TYR B 91 1.80 44.15 16.58
N SER B 92 2.96 43.83 16.01
CA SER B 92 3.71 44.77 15.17
C SER B 92 4.04 44.18 13.79
N SER B 93 3.04 43.54 13.17
CA SER B 93 3.19 43.00 11.82
C SER B 93 3.10 44.15 10.81
N THR B 94 3.57 43.90 9.60
CA THR B 94 3.61 44.89 8.53
C THR B 94 2.81 44.39 7.33
N ARG B 95 2.52 43.09 7.33
CA ARG B 95 1.67 42.52 6.29
C ARG B 95 0.71 41.50 6.89
N PRO B 96 -0.34 41.13 6.11
CA PRO B 96 -1.29 40.10 6.52
C PRO B 96 -0.58 38.76 6.55
N VAL B 97 -0.61 38.10 7.69
CA VAL B 97 0.05 36.81 7.90
C VAL B 97 -0.41 35.80 6.85
N GLN B 98 0.52 35.00 6.35
CA GLN B 98 0.18 33.98 5.36
C GLN B 98 0.22 32.58 5.98
N VAL B 99 -0.81 31.80 5.69
CA VAL B 99 -0.86 30.44 6.21
C VAL B 99 -0.23 29.51 5.20
N LEU B 100 0.71 28.69 5.67
CA LEU B 100 1.47 27.83 4.80
C LEU B 100 1.09 26.37 4.86
N SER B 101 -0.06 26.09 5.47
CA SER B 101 -0.54 24.74 5.61
C SER B 101 -2.05 24.73 5.83
N PRO B 102 -2.65 23.53 5.94
CA PRO B 102 -4.05 23.45 6.31
C PRO B 102 -4.22 23.92 7.75
N GLN B 103 -5.47 24.04 8.18
CA GLN B 103 -5.77 24.42 9.54
C GLN B 103 -6.74 23.39 10.08
N ILE B 104 -6.14 22.37 10.69
CA ILE B 104 -6.84 21.22 11.24
C ILE B 104 -6.38 21.07 12.69
N ALA B 105 -7.34 20.89 13.59
CA ALA B 105 -7.02 20.76 15.01
C ALA B 105 -7.21 19.33 15.51
N VAL B 106 -6.91 19.11 16.78
CA VAL B 106 -7.20 17.82 17.39
C VAL B 106 -7.96 18.04 18.69
N VAL B 107 -9.16 17.48 18.76
CA VAL B 107 -10.00 17.60 19.95
C VAL B 107 -9.88 16.29 20.77
N THR B 108 -9.65 16.41 22.07
CA THR B 108 -9.47 15.24 22.91
C THR B 108 -10.71 15.08 23.81
N HIS B 109 -11.12 13.84 24.11
CA HIS B 109 -12.37 13.58 24.86
C HIS B 109 -12.54 14.43 26.14
N ASP B 110 -11.42 14.89 26.69
CA ASP B 110 -11.42 15.72 27.89
C ASP B 110 -11.65 17.19 27.58
N GLY B 111 -11.53 17.55 26.30
CA GLY B 111 -11.76 18.92 25.90
C GLY B 111 -10.58 19.65 25.31
N SER B 112 -9.38 19.10 25.43
CA SER B 112 -8.20 19.74 24.86
C SER B 112 -8.35 19.92 23.36
N VAL B 113 -7.93 21.07 22.86
CA VAL B 113 -7.85 21.28 21.42
C VAL B 113 -6.41 21.68 21.18
N MET B 114 -5.79 21.09 20.15
CA MET B 114 -4.45 21.55 19.76
C MET B 114 -4.46 21.91 18.29
N PHE B 115 -3.53 22.78 17.91
CA PHE B 115 -3.60 23.38 16.60
C PHE B 115 -2.26 24.01 16.27
N ILE B 116 -1.72 23.58 15.13
CA ILE B 116 -0.40 24.02 14.69
C ILE B 116 -0.30 24.29 13.17
N PRO B 117 -0.76 25.48 12.72
CA PRO B 117 -0.51 25.85 11.33
C PRO B 117 0.90 26.41 11.09
N ALA B 118 1.35 26.34 9.84
CA ALA B 118 2.62 26.93 9.43
C ALA B 118 2.30 28.37 9.01
N GLN B 119 3.24 29.28 9.26
CA GLN B 119 3.06 30.72 9.01
C GLN B 119 4.28 31.44 8.44
N ARG B 120 4.01 32.52 7.72
CA ARG B 120 5.08 33.42 7.31
C ARG B 120 4.61 34.79 7.79
N LEU B 121 5.46 35.44 8.59
CA LEU B 121 5.16 36.72 9.19
C LEU B 121 6.18 37.78 8.84
N SER B 122 5.68 38.97 8.50
CA SER B 122 6.52 40.12 8.20
C SER B 122 6.29 41.10 9.36
N PHE B 123 7.36 41.46 10.06
CA PHE B 123 7.21 42.36 11.21
C PHE B 123 8.25 43.48 11.23
N MET B 124 8.07 44.44 12.14
CA MET B 124 8.93 45.61 12.23
C MET B 124 10.26 45.30 12.88
N CYS B 125 11.33 45.54 12.13
CA CYS B 125 12.68 45.32 12.66
C CYS B 125 13.78 46.06 11.90
N ASP B 126 14.50 46.92 12.61
CA ASP B 126 15.68 47.56 12.04
C ASP B 126 16.76 46.49 12.22
N PRO B 127 17.26 45.95 11.09
CA PRO B 127 18.25 44.87 11.10
C PRO B 127 19.70 45.31 10.97
N THR B 128 19.96 46.62 11.01
CA THR B 128 21.33 47.12 10.92
C THR B 128 22.15 46.49 12.04
N GLY B 129 23.15 45.72 11.63
CA GLY B 129 24.02 44.99 12.55
C GLY B 129 24.00 43.51 12.21
N VAL B 130 23.19 43.14 11.22
CA VAL B 130 23.03 41.74 10.81
C VAL B 130 24.31 41.12 10.27
N ASP B 131 25.02 41.87 9.42
CA ASP B 131 26.29 41.41 8.88
C ASP B 131 27.39 41.83 9.85
N SER B 132 27.54 41.06 10.93
CA SER B 132 28.57 41.34 11.92
C SER B 132 28.61 40.27 13.02
N GLU B 133 29.69 40.28 13.79
CA GLU B 133 29.88 39.36 14.92
C GLU B 133 28.76 39.41 15.94
N GLU B 134 28.43 40.61 16.42
CA GLU B 134 27.42 40.81 17.46
C GLU B 134 25.98 40.56 17.01
N GLY B 135 25.69 40.72 15.72
CA GLY B 135 24.37 40.44 15.18
C GLY B 135 23.32 41.51 15.38
N VAL B 136 22.06 41.09 15.46
CA VAL B 136 20.94 42.01 15.63
C VAL B 136 19.73 41.32 16.27
N THR B 137 19.00 42.06 17.09
CA THR B 137 17.84 41.53 17.74
C THR B 137 16.57 42.07 17.04
N CYS B 138 15.51 41.25 17.07
CA CYS B 138 14.22 41.60 16.47
C CYS B 138 13.18 41.10 17.46
N ALA B 139 12.30 41.98 17.90
CA ALA B 139 11.32 41.54 18.87
C ALA B 139 9.92 41.79 18.34
N VAL B 140 9.01 40.85 18.59
CA VAL B 140 7.63 40.99 18.13
C VAL B 140 6.69 40.35 19.15
N LYS B 141 5.99 41.19 19.91
CA LYS B 141 5.07 40.69 20.93
C LYS B 141 3.87 40.01 20.30
N PHE B 142 3.41 38.95 20.95
CA PHE B 142 2.23 38.20 20.54
C PHE B 142 1.33 38.23 21.75
N GLY B 143 0.04 38.35 21.51
CA GLY B 143 -0.94 38.38 22.58
C GLY B 143 -2.29 38.39 21.93
N SER B 144 -3.35 38.38 22.74
CA SER B 144 -4.69 38.38 22.23
C SER B 144 -5.11 39.72 21.66
N TRP B 145 -5.84 39.70 20.56
CA TRP B 145 -6.30 40.97 20.04
C TRP B 145 -7.27 41.70 20.99
N VAL B 146 -8.02 40.98 21.83
CA VAL B 146 -9.09 41.68 22.54
C VAL B 146 -9.45 41.26 23.97
N TYR B 147 -8.70 40.31 24.50
CA TYR B 147 -8.92 39.85 25.84
C TYR B 147 -7.75 40.25 26.71
N SER B 148 -8.06 40.66 27.93
CA SER B 148 -7.06 40.99 28.90
C SER B 148 -6.74 39.67 29.61
N GLY B 149 -5.84 39.73 30.58
CA GLY B 149 -5.46 38.55 31.37
C GLY B 149 -6.61 37.93 32.15
N PHE B 150 -7.66 38.72 32.40
CA PHE B 150 -8.83 38.21 33.13
C PHE B 150 -9.69 37.26 32.29
N GLU B 151 -9.46 37.20 30.99
CA GLU B 151 -10.31 36.39 30.10
C GLU B 151 -9.55 35.30 29.34
N ILE B 152 -8.32 35.62 28.94
CA ILE B 152 -7.42 34.67 28.29
C ILE B 152 -6.07 34.73 29.00
N ASP B 153 -5.63 33.58 29.52
CA ASP B 153 -4.35 33.50 30.23
C ASP B 153 -3.26 32.94 29.30
N LEU B 154 -2.53 33.84 28.68
CA LEU B 154 -1.51 33.44 27.74
C LEU B 154 -0.30 32.87 28.47
N LYS B 155 0.03 31.64 28.12
CA LYS B 155 1.16 30.93 28.69
C LYS B 155 2.00 30.30 27.60
N THR B 156 3.29 30.12 27.91
CA THR B 156 4.21 29.38 27.06
C THR B 156 4.66 28.27 27.99
N ASP B 157 4.98 27.10 27.45
CA ASP B 157 5.48 26.02 28.30
C ASP B 157 6.99 26.03 28.52
N THR B 158 7.68 26.80 27.68
CA THR B 158 9.11 27.02 27.79
C THR B 158 9.41 28.39 27.21
N ASP B 159 10.43 29.07 27.76
CA ASP B 159 10.82 30.39 27.29
C ASP B 159 11.68 30.26 26.04
N GLN B 160 11.89 29.01 25.62
CA GLN B 160 12.80 28.73 24.52
C GLN B 160 12.10 28.32 23.23
N VAL B 161 12.38 29.10 22.18
CA VAL B 161 11.83 28.85 20.84
C VAL B 161 12.44 27.57 20.27
N ASP B 162 11.59 26.68 19.76
CA ASP B 162 12.10 25.44 19.17
C ASP B 162 12.86 25.72 17.88
N LEU B 163 14.12 25.32 17.87
CA LEU B 163 14.98 25.51 16.71
C LEU B 163 15.40 24.19 16.08
N SER B 164 14.67 23.11 16.32
CA SER B 164 15.09 21.84 15.72
C SER B 164 14.72 21.63 14.25
N SER B 165 14.13 22.65 13.63
CA SER B 165 13.82 22.56 12.21
C SER B 165 14.46 23.75 11.56
N TYR B 166 15.11 24.57 12.38
CA TYR B 166 15.79 25.69 11.81
C TYR B 166 16.66 25.12 10.72
N TYR B 167 16.50 25.67 9.53
CA TYR B 167 17.18 25.24 8.33
C TYR B 167 18.71 25.18 8.45
N ALA B 168 19.25 24.03 8.06
CA ALA B 168 20.69 23.77 8.08
C ALA B 168 21.45 24.72 7.15
N SER B 169 20.83 25.07 6.01
CA SER B 169 21.45 25.97 5.05
C SER B 169 20.79 27.35 5.01
N SER B 170 20.23 27.77 6.14
CA SER B 170 19.64 29.09 6.25
C SER B 170 20.79 30.08 6.17
N LYS B 171 20.53 31.25 5.61
CA LYS B 171 21.54 32.30 5.51
C LYS B 171 21.93 32.94 6.83
N TYR B 172 21.19 32.64 7.90
CA TYR B 172 21.44 33.25 9.20
C TYR B 172 21.61 32.24 10.31
N GLU B 173 22.23 32.67 11.40
CA GLU B 173 22.35 31.77 12.53
C GLU B 173 21.74 32.41 13.76
N ILE B 174 20.97 31.60 14.47
CA ILE B 174 20.29 32.06 15.66
C ILE B 174 21.27 32.16 16.82
N LEU B 175 21.60 33.40 17.19
CA LEU B 175 22.45 33.64 18.36
C LEU B 175 21.62 33.25 19.57
N SER B 176 20.34 33.59 19.54
CA SER B 176 19.37 33.17 20.56
C SER B 176 17.95 33.40 20.08
N ALA B 177 17.00 32.65 20.66
CA ALA B 177 15.60 32.73 20.25
C ALA B 177 14.70 32.40 21.42
N THR B 178 14.04 33.41 21.97
CA THR B 178 13.20 33.18 23.14
C THR B 178 11.74 33.58 22.98
N GLN B 179 10.89 32.83 23.69
CA GLN B 179 9.46 33.05 23.76
C GLN B 179 9.04 33.24 25.24
N THR B 180 9.42 34.38 25.81
CA THR B 180 9.12 34.71 27.20
C THR B 180 7.78 35.39 27.38
N ARG B 181 7.02 34.94 28.38
CA ARG B 181 5.74 35.55 28.70
C ARG B 181 5.88 36.57 29.84
N GLN B 182 5.32 37.76 29.59
CA GLN B 182 5.31 38.88 30.53
C GLN B 182 3.84 39.21 30.87
N VAL B 183 3.57 39.54 32.14
CA VAL B 183 2.22 39.94 32.57
C VAL B 183 2.34 41.41 33.01
N GLN B 184 1.65 42.31 32.31
CA GLN B 184 1.74 43.74 32.65
C GLN B 184 0.60 44.21 33.52
N HIS B 185 0.96 44.93 34.60
CA HIS B 185 -0.01 45.59 35.46
C HIS B 185 0.21 47.08 35.24
N TYR B 186 -0.79 47.74 34.66
CA TYR B 186 -0.69 49.18 34.36
C TYR B 186 -1.41 50.01 35.40
N SER B 187 -0.69 50.98 35.99
CA SER B 187 -1.27 51.84 37.03
C SER B 187 -2.63 52.43 36.59
N CYS B 188 -2.79 52.57 35.28
CA CYS B 188 -4.00 53.13 34.70
C CYS B 188 -5.21 52.23 34.84
N CYS B 189 -4.93 50.93 34.96
CA CYS B 189 -5.98 49.97 34.74
C CYS B 189 -5.99 48.74 35.67
N PRO B 190 -7.19 48.30 36.10
CA PRO B 190 -7.48 47.19 37.01
C PRO B 190 -7.17 45.79 36.48
N GLU B 191 -7.39 45.58 35.18
CA GLU B 191 -7.16 44.28 34.56
C GLU B 191 -5.74 44.16 34.01
N PRO B 192 -5.15 42.95 34.12
CA PRO B 192 -3.81 42.73 33.62
C PRO B 192 -3.80 42.37 32.14
N TYR B 193 -2.65 42.56 31.51
CA TYR B 193 -2.46 42.26 30.10
C TYR B 193 -1.28 41.35 29.88
N ILE B 194 -1.47 40.36 29.02
CA ILE B 194 -0.45 39.37 28.75
C ILE B 194 -0.08 39.28 27.29
N ASP B 195 1.23 39.26 27.07
CA ASP B 195 1.82 39.09 25.77
C ASP B 195 2.91 38.04 25.90
N VAL B 196 3.21 37.38 24.79
CA VAL B 196 4.31 36.44 24.70
C VAL B 196 5.27 37.16 23.75
N ASN B 197 6.48 37.46 24.22
CA ASN B 197 7.44 38.23 23.43
C ASN B 197 8.47 37.40 22.66
N LEU B 198 8.29 37.34 21.34
CA LEU B 198 9.22 36.62 20.48
C LEU B 198 10.45 37.49 20.23
N VAL B 199 11.59 37.09 20.81
CA VAL B 199 12.85 37.82 20.67
C VAL B 199 13.84 36.91 19.99
N VAL B 200 14.36 37.35 18.84
CA VAL B 200 15.29 36.55 18.06
C VAL B 200 16.58 37.31 17.73
N LYS B 201 17.69 36.87 18.32
CA LYS B 201 18.98 37.47 18.05
C LYS B 201 19.68 36.60 17.02
N PHE B 202 20.13 37.22 15.93
CA PHE B 202 20.69 36.49 14.80
C PHE B 202 21.63 37.33 13.93
N ARG B 203 22.43 36.65 13.10
CA ARG B 203 23.39 37.30 12.19
C ARG B 203 23.56 36.46 10.91
N GLU B 204 24.18 37.05 9.89
CA GLU B 204 24.44 36.32 8.63
C GLU B 204 25.51 35.28 8.90
N ARG B 205 25.24 34.05 8.44
CA ARG B 205 26.10 32.91 8.72
C ARG B 205 27.59 33.08 8.34
N GLN C 1 -21.14 31.33 29.27
CA GLN C 1 -21.46 30.58 28.01
C GLN C 1 -22.96 30.61 27.83
N ALA C 2 -23.70 29.94 28.72
CA ALA C 2 -25.16 29.84 28.61
C ALA C 2 -25.89 31.16 28.40
N ASN C 3 -25.61 32.15 29.25
CA ASN C 3 -26.24 33.47 29.16
C ASN C 3 -25.74 34.26 27.96
N LEU C 4 -24.45 34.10 27.66
CA LEU C 4 -23.83 34.77 26.52
C LEU C 4 -24.31 34.15 25.22
N MET C 5 -24.57 32.84 25.23
CA MET C 5 -25.05 32.16 24.03
C MET C 5 -26.48 32.59 23.70
N ARG C 6 -27.29 32.91 24.72
CA ARG C 6 -28.68 33.37 24.49
C ARG C 6 -28.68 34.86 24.11
N LEU C 7 -27.80 35.63 24.76
CA LEU C 7 -27.66 37.05 24.44
C LEU C 7 -27.42 37.25 22.94
N LYS C 8 -26.33 36.68 22.42
CA LYS C 8 -25.99 36.78 21.00
C LYS C 8 -27.06 36.11 20.14
N SER C 9 -27.67 35.06 20.68
CA SER C 9 -28.76 34.38 20.01
C SER C 9 -29.87 35.38 19.71
N ASP C 10 -30.28 36.13 20.73
CA ASP C 10 -31.36 37.11 20.57
C ASP C 10 -30.88 38.40 19.87
N LEU C 11 -29.71 38.90 20.22
CA LEU C 11 -29.23 40.15 19.59
C LEU C 11 -29.02 40.08 18.08
N PHE C 12 -28.75 38.89 17.56
CA PHE C 12 -28.46 38.74 16.13
C PHE C 12 -29.52 38.02 15.31
N ASN C 13 -30.02 36.90 15.83
CA ASN C 13 -31.03 36.09 15.12
C ASN C 13 -32.43 36.64 15.32
N ARG C 14 -32.65 37.23 16.49
CA ARG C 14 -33.92 37.84 16.91
C ARG C 14 -34.56 38.60 15.75
N SER C 15 -33.90 39.67 15.30
CA SER C 15 -34.47 40.50 14.24
C SER C 15 -33.51 40.98 13.13
N PRO C 16 -33.99 41.85 12.21
CA PRO C 16 -33.22 42.22 11.01
C PRO C 16 -32.02 43.15 11.22
N MET C 17 -31.20 43.22 10.17
CA MET C 17 -30.01 44.07 10.16
C MET C 17 -30.34 45.56 10.15
N TYR C 18 -29.48 46.30 10.83
CA TYR C 18 -29.57 47.75 10.96
C TYR C 18 -29.25 48.35 9.59
N PRO C 19 -30.16 49.21 9.08
CA PRO C 19 -30.03 49.68 7.72
C PRO C 19 -29.05 50.83 7.52
N GLY C 20 -28.29 51.15 8.56
CA GLY C 20 -27.36 52.27 8.49
C GLY C 20 -28.04 53.53 8.96
N PRO C 21 -27.27 54.58 9.28
CA PRO C 21 -27.81 55.85 9.76
C PRO C 21 -28.56 56.60 8.67
N THR C 22 -29.30 57.63 9.09
CA THR C 22 -30.10 58.46 8.19
C THR C 22 -30.18 59.87 8.78
N LYS C 23 -30.79 60.80 8.02
CA LYS C 23 -31.03 62.16 8.52
C LYS C 23 -31.89 62.17 9.79
N ASP C 24 -32.85 61.25 9.88
CA ASP C 24 -33.72 61.13 11.06
C ASP C 24 -33.07 60.47 12.25
N ASP C 25 -32.28 59.43 11.99
CA ASP C 25 -31.60 58.71 13.05
C ASP C 25 -30.07 58.78 12.81
N PRO C 26 -29.48 59.98 13.01
CA PRO C 26 -28.05 60.13 12.74
C PRO C 26 -27.22 59.37 13.74
N LEU C 27 -26.02 58.97 13.32
CA LEU C 27 -25.11 58.21 14.13
C LEU C 27 -23.79 58.98 14.29
N THR C 28 -23.28 59.06 15.51
CA THR C 28 -21.98 59.69 15.78
C THR C 28 -20.87 58.63 15.78
N VAL C 29 -19.79 58.90 15.06
CA VAL C 29 -18.64 57.98 14.98
C VAL C 29 -17.34 58.64 15.40
N THR C 30 -16.68 58.06 16.39
CA THR C 30 -15.38 58.56 16.84
C THR C 30 -14.29 57.73 16.14
N LEU C 31 -13.24 58.42 15.70
CA LEU C 31 -12.12 57.83 14.94
C LEU C 31 -10.81 58.22 15.59
N GLY C 32 -9.86 57.29 15.63
CA GLY C 32 -8.54 57.53 16.21
C GLY C 32 -7.46 56.61 15.65
N PHE C 33 -6.25 57.14 15.50
CA PHE C 33 -5.11 56.39 14.97
C PHE C 33 -3.96 56.29 15.97
N THR C 34 -3.36 55.09 16.02
CA THR C 34 -2.19 54.78 16.83
C THR C 34 -1.17 54.39 15.77
N LEU C 35 -0.30 55.33 15.40
CA LEU C 35 0.68 55.10 14.34
C LEU C 35 1.91 54.33 14.83
N GLN C 36 2.19 53.22 14.15
CA GLN C 36 3.25 52.29 14.51
C GLN C 36 4.53 52.49 13.72
N ASP C 37 4.38 52.74 12.42
CA ASP C 37 5.53 53.02 11.58
C ASP C 37 5.13 53.48 10.19
N ILE C 38 6.07 54.18 9.56
CA ILE C 38 5.96 54.59 8.18
C ILE C 38 6.76 53.48 7.51
N VAL C 39 6.06 52.71 6.68
CA VAL C 39 6.71 51.53 6.07
C VAL C 39 7.34 51.64 4.67
N LYS C 40 6.91 52.32 3.96
CA LYS C 40 7.54 52.46 2.65
C LYS C 40 7.31 53.88 2.16
N VAL C 41 8.29 54.36 1.38
CA VAL C 41 8.29 55.70 0.80
C VAL C 41 8.77 55.52 -0.63
N ASP C 42 7.91 55.79 -1.60
CA ASP C 42 8.27 55.58 -2.99
C ASP C 42 8.24 56.90 -3.74
N SER C 43 9.41 57.51 -3.90
CA SER C 43 9.55 58.79 -4.59
C SER C 43 9.49 58.67 -6.11
N SER C 44 9.57 57.44 -6.62
CA SER C 44 9.45 57.23 -8.06
C SER C 44 7.99 57.17 -8.48
N THR C 45 7.11 56.86 -7.53
CA THR C 45 5.68 56.84 -7.82
C THR C 45 4.89 57.78 -6.90
N ASN C 46 5.55 58.36 -5.91
CA ASN C 46 4.93 59.26 -4.91
C ASN C 46 3.82 58.57 -4.10
N GLU C 47 4.23 57.61 -3.29
CA GLU C 47 3.32 56.78 -2.51
C GLU C 47 4.01 56.41 -1.20
N VAL C 48 3.28 56.52 -0.09
CA VAL C 48 3.81 56.22 1.25
C VAL C 48 2.90 55.19 1.93
N ASP C 49 3.49 54.20 2.59
CA ASP C 49 2.68 53.22 3.29
C ASP C 49 2.78 53.40 4.78
N LEU C 50 1.67 53.26 5.47
CA LEU C 50 1.65 53.40 6.91
C LEU C 50 1.07 52.17 7.54
N VAL C 51 1.52 51.88 8.75
CA VAL C 51 0.95 50.82 9.55
C VAL C 51 0.52 51.48 10.86
N TYR C 52 -0.76 51.32 11.16
CA TYR C 52 -1.37 51.98 12.30
C TYR C 52 -2.53 51.14 12.83
N TYR C 53 -3.00 51.46 14.03
CA TYR C 53 -4.20 50.83 14.54
C TYR C 53 -5.32 51.83 14.30
N GLU C 54 -6.48 51.34 13.85
CA GLU C 54 -7.57 52.24 13.56
C GLU C 54 -8.73 52.00 14.51
N GLN C 55 -8.78 52.85 15.52
CA GLN C 55 -9.82 52.80 16.53
C GLN C 55 -11.12 53.43 16.02
N GLN C 56 -12.22 52.69 16.09
CA GLN C 56 -13.53 53.21 15.66
C GLN C 56 -14.61 52.92 16.70
N ARG C 57 -15.39 53.96 17.04
CA ARG C 57 -16.47 53.83 18.02
C ARG C 57 -17.80 54.41 17.53
N TRP C 58 -18.90 53.83 18.03
CA TRP C 58 -20.26 54.26 17.71
C TRP C 58 -21.22 53.54 18.66
N LYS C 59 -22.45 54.02 18.76
CA LYS C 59 -23.43 53.37 19.63
C LYS C 59 -24.76 53.18 18.95
N LEU C 60 -25.31 51.97 19.08
CA LEU C 60 -26.60 51.64 18.49
C LEU C 60 -27.63 51.19 19.52
N ASN C 61 -28.85 51.72 19.37
CA ASN C 61 -29.98 51.33 20.20
C ASN C 61 -30.33 49.88 19.92
N SER C 62 -30.22 49.50 18.65
CA SER C 62 -30.46 48.14 18.22
C SER C 62 -29.61 47.11 18.98
N LEU C 63 -28.65 47.60 19.76
CA LEU C 63 -27.72 46.73 20.48
C LEU C 63 -27.78 46.86 22.00
N MET C 64 -28.92 47.31 22.52
CA MET C 64 -29.08 47.49 23.96
C MET C 64 -29.72 46.27 24.62
N TRP C 65 -29.29 45.99 25.84
CA TRP C 65 -29.86 44.90 26.61
C TRP C 65 -29.76 45.16 28.11
N ASP C 66 -30.54 44.38 28.86
CA ASP C 66 -30.57 44.47 30.30
C ASP C 66 -29.61 43.41 30.83
N PRO C 67 -28.54 43.85 31.53
CA PRO C 67 -27.63 42.85 32.10
C PRO C 67 -28.40 41.87 33.01
N ASN C 68 -29.53 42.33 33.54
CA ASN C 68 -30.40 41.55 34.43
C ASN C 68 -30.99 40.29 33.79
N GLU C 69 -31.62 40.45 32.62
CA GLU C 69 -32.24 39.31 31.91
C GLU C 69 -31.25 38.34 31.27
N TYR C 70 -29.97 38.70 31.29
CA TYR C 70 -28.95 37.88 30.67
C TYR C 70 -27.78 37.58 31.60
N GLY C 71 -28.10 37.21 32.84
CA GLY C 71 -27.09 36.82 33.83
C GLY C 71 -26.02 37.83 34.19
N ASN C 72 -26.37 39.12 34.14
CA ASN C 72 -25.46 40.23 34.49
C ASN C 72 -24.26 40.47 33.56
N ILE C 73 -24.47 40.23 32.27
CA ILE C 73 -23.44 40.45 31.25
C ILE C 73 -23.49 41.92 30.82
N THR C 74 -22.38 42.63 31.00
CA THR C 74 -22.33 44.06 30.65
C THR C 74 -21.71 44.36 29.28
N ASP C 75 -20.88 43.44 28.79
CA ASP C 75 -20.24 43.59 27.48
C ASP C 75 -19.77 42.26 26.91
N PHE C 76 -19.66 42.18 25.58
CA PHE C 76 -19.13 40.99 24.93
C PHE C 76 -18.29 41.32 23.71
N ARG C 77 -17.38 40.43 23.35
CA ARG C 77 -16.58 40.59 22.15
C ARG C 77 -17.10 39.67 21.07
N THR C 78 -17.06 40.14 19.83
CA THR C 78 -17.50 39.33 18.70
C THR C 78 -16.87 39.79 17.39
N SER C 79 -16.87 38.88 16.42
CA SER C 79 -16.40 39.15 15.08
C SER C 79 -17.18 40.35 14.54
N ALA C 80 -16.45 41.36 14.07
CA ALA C 80 -17.09 42.57 13.52
C ALA C 80 -18.01 42.25 12.34
N ALA C 81 -17.92 41.01 11.85
CA ALA C 81 -18.76 40.56 10.73
C ALA C 81 -20.19 40.29 11.17
N ASP C 82 -20.42 40.31 12.48
CA ASP C 82 -21.74 40.08 13.08
C ASP C 82 -22.57 41.33 13.25
N ILE C 83 -21.98 42.46 12.87
CA ILE C 83 -22.62 43.74 13.05
C ILE C 83 -22.39 44.68 11.90
N TRP C 84 -23.26 45.69 11.83
CA TRP C 84 -23.12 46.79 10.91
C TRP C 84 -21.91 47.57 11.41
N THR C 85 -21.12 48.14 10.50
CA THR C 85 -19.94 48.95 10.85
C THR C 85 -19.87 50.13 9.87
N PRO C 86 -19.34 51.30 10.32
CA PRO C 86 -19.33 52.44 9.39
C PRO C 86 -18.41 52.26 8.16
N ASP C 87 -18.55 53.15 7.19
CA ASP C 87 -17.76 53.05 5.97
C ASP C 87 -16.67 54.09 5.86
N ILE C 88 -16.17 54.53 7.00
CA ILE C 88 -15.11 55.51 7.04
C ILE C 88 -13.93 54.91 6.27
N THR C 89 -13.42 55.63 5.28
CA THR C 89 -12.23 55.17 4.56
C THR C 89 -11.35 56.32 4.06
N ALA C 90 -10.07 56.01 3.84
CA ALA C 90 -9.10 56.97 3.32
C ALA C 90 -9.56 57.41 1.93
N TYR C 91 -9.64 58.72 1.69
CA TYR C 91 -10.10 59.23 0.40
C TYR C 91 -9.10 59.17 -0.75
N SER C 92 -7.81 59.03 -0.43
CA SER C 92 -6.79 59.00 -1.47
C SER C 92 -5.79 57.84 -1.36
N SER C 93 -6.32 56.64 -1.05
CA SER C 93 -5.50 55.44 -0.98
C SER C 93 -5.13 55.07 -2.41
N THR C 94 -4.08 54.29 -2.57
CA THR C 94 -3.64 53.85 -3.90
C THR C 94 -3.78 52.34 -4.05
N ARG C 95 -3.95 51.66 -2.94
CA ARG C 95 -4.07 50.21 -2.94
C ARG C 95 -5.10 49.76 -1.93
N PRO C 96 -5.74 48.60 -2.19
CA PRO C 96 -6.62 48.01 -1.21
C PRO C 96 -5.91 48.00 0.12
N VAL C 97 -6.49 48.66 1.12
CA VAL C 97 -5.93 48.70 2.46
C VAL C 97 -5.76 47.26 2.95
N GLN C 98 -4.68 46.99 3.65
CA GLN C 98 -4.46 45.65 4.17
C GLN C 98 -4.80 45.56 5.65
N VAL C 99 -5.57 44.54 6.04
CA VAL C 99 -5.94 44.33 7.43
C VAL C 99 -4.93 43.36 8.04
N LEU C 100 -4.21 43.81 9.06
CA LEU C 100 -3.13 43.03 9.65
C LEU C 100 -3.53 42.33 10.94
N SER C 101 -4.83 42.17 11.15
CA SER C 101 -5.27 41.53 12.36
C SER C 101 -6.69 41.01 12.33
N PRO C 102 -7.06 40.34 13.43
CA PRO C 102 -8.43 39.97 13.65
C PRO C 102 -9.24 41.27 13.61
N GLN C 103 -10.52 41.10 13.30
CA GLN C 103 -11.50 42.18 13.28
C GLN C 103 -12.65 41.71 14.18
N ILE C 104 -12.60 42.19 15.42
CA ILE C 104 -13.50 41.76 16.49
C ILE C 104 -13.92 42.99 17.30
N ALA C 105 -15.21 43.11 17.57
CA ALA C 105 -15.71 44.26 18.31
C ALA C 105 -16.16 43.92 19.73
N VAL C 106 -16.26 44.96 20.56
CA VAL C 106 -16.81 44.82 21.89
C VAL C 106 -18.15 45.55 21.80
N VAL C 107 -19.21 44.88 22.25
CA VAL C 107 -20.56 45.43 22.25
C VAL C 107 -21.00 45.51 23.71
N THR C 108 -21.39 46.71 24.14
CA THR C 108 -21.74 46.94 25.55
C THR C 108 -23.24 47.19 25.77
N HIS C 109 -23.74 46.91 26.98
CA HIS C 109 -25.19 46.98 27.30
C HIS C 109 -25.93 48.27 26.89
N ASP C 110 -25.24 49.40 26.89
CA ASP C 110 -25.81 50.69 26.46
C ASP C 110 -25.95 50.80 24.94
N GLY C 111 -25.30 49.88 24.22
CA GLY C 111 -25.35 49.83 22.76
C GLY C 111 -24.04 50.26 22.13
N SER C 112 -23.09 50.64 22.99
CA SER C 112 -21.78 51.08 22.56
C SER C 112 -21.03 49.98 21.84
N VAL C 113 -20.55 50.29 20.65
CA VAL C 113 -19.74 49.37 19.90
C VAL C 113 -18.37 50.00 19.71
N MET C 114 -17.32 49.19 19.86
CA MET C 114 -15.94 49.63 19.59
C MET C 114 -15.18 48.58 18.78
N PHE C 115 -14.14 49.01 18.04
CA PHE C 115 -13.47 48.13 17.08
C PHE C 115 -12.10 48.72 16.65
N ILE C 116 -11.00 47.97 16.86
CA ILE C 116 -9.63 48.46 16.55
C ILE C 116 -8.75 47.52 15.71
N PRO C 117 -9.00 47.43 14.39
CA PRO C 117 -8.11 46.61 13.57
C PRO C 117 -6.80 47.33 13.21
N ALA C 118 -5.76 46.56 12.90
CA ALA C 118 -4.46 47.10 12.50
C ALA C 118 -4.49 47.19 10.98
N GLN C 119 -3.82 48.19 10.41
CA GLN C 119 -3.89 48.33 8.96
C GLN C 119 -2.63 48.77 8.24
N ARG C 120 -2.52 48.40 6.98
CA ARG C 120 -1.44 48.90 6.13
C ARG C 120 -2.12 49.76 5.07
N LEU C 121 -1.70 51.02 4.95
CA LEU C 121 -2.28 51.93 3.95
C LEU C 121 -1.19 52.51 3.07
N SER C 122 -1.47 52.52 1.76
CA SER C 122 -0.63 53.16 0.76
C SER C 122 -1.49 54.28 0.18
N PHE C 123 -1.01 55.52 0.26
CA PHE C 123 -1.74 56.66 -0.23
C PHE C 123 -0.81 57.60 -0.99
N MET C 124 -1.40 58.56 -1.70
CA MET C 124 -0.64 59.51 -2.50
C MET C 124 0.07 60.52 -1.64
N CYS C 125 1.38 60.55 -1.77
CA CYS C 125 2.23 61.52 -1.11
C CYS C 125 3.54 61.70 -1.84
N ASP C 126 3.82 62.91 -2.29
CA ASP C 126 5.10 63.24 -2.90
C ASP C 126 6.07 63.36 -1.73
N PRO C 127 6.96 62.37 -1.56
CA PRO C 127 7.88 62.39 -0.43
C PRO C 127 9.10 63.31 -0.57
N THR C 128 9.24 64.01 -1.68
CA THR C 128 10.38 64.90 -1.92
C THR C 128 10.69 65.82 -0.72
N GLY C 129 11.82 65.54 -0.08
CA GLY C 129 12.25 66.32 1.07
C GLY C 129 12.49 65.49 2.33
N VAL C 130 12.03 64.23 2.32
CA VAL C 130 12.19 63.35 3.47
C VAL C 130 13.64 63.31 4.02
N ASP C 131 14.62 63.36 3.12
CA ASP C 131 16.03 63.35 3.51
C ASP C 131 16.50 64.65 4.17
N SER C 132 15.85 65.77 3.82
CA SER C 132 16.19 67.07 4.37
C SER C 132 16.00 67.11 5.90
N GLU C 133 16.34 68.25 6.51
CA GLU C 133 16.15 68.43 7.94
C GLU C 133 14.75 68.93 8.27
N GLU C 134 14.15 69.64 7.31
CA GLU C 134 12.78 70.14 7.45
C GLU C 134 11.86 68.93 7.37
N GLY C 135 12.28 67.93 6.61
CA GLY C 135 11.49 66.72 6.41
C GLY C 135 10.43 66.92 5.36
N VAL C 136 9.33 66.20 5.49
CA VAL C 136 8.24 66.24 4.52
C VAL C 136 6.89 65.98 5.19
N THR C 137 5.86 66.59 4.64
CA THR C 137 4.51 66.48 5.16
C THR C 137 3.60 65.74 4.18
N CYS C 138 2.92 64.69 4.65
CA CYS C 138 1.96 63.96 3.82
C CYS C 138 0.64 63.91 4.58
N ALA C 139 -0.45 63.88 3.83
CA ALA C 139 -1.78 63.93 4.43
C ALA C 139 -2.73 62.99 3.75
N VAL C 140 -3.78 62.59 4.47
CA VAL C 140 -4.80 61.71 3.90
C VAL C 140 -6.11 61.90 4.66
N LYS C 141 -7.18 62.16 3.90
CA LYS C 141 -8.49 62.39 4.46
C LYS C 141 -9.26 61.11 4.63
N PHE C 142 -9.83 60.96 5.82
CA PHE C 142 -10.68 59.83 6.15
C PHE C 142 -12.06 60.38 6.37
N GLY C 143 -13.05 59.76 5.74
CA GLY C 143 -14.44 60.17 5.93
C GLY C 143 -15.34 59.09 5.38
N SER C 144 -16.63 59.18 5.72
CA SER C 144 -17.62 58.24 5.23
C SER C 144 -17.68 58.28 3.72
N TRP C 145 -17.65 57.11 3.09
CA TRP C 145 -17.75 57.05 1.63
C TRP C 145 -19.10 57.57 1.10
N VAL C 146 -20.17 57.41 1.87
CA VAL C 146 -21.52 57.79 1.38
C VAL C 146 -22.44 58.69 2.26
N TYR C 147 -22.07 58.86 3.53
CA TYR C 147 -22.89 59.64 4.46
C TYR C 147 -22.38 61.05 4.72
N SER C 148 -23.26 62.03 4.58
CA SER C 148 -22.89 63.42 4.84
C SER C 148 -22.83 63.66 6.36
N GLY C 149 -22.67 64.92 6.76
CA GLY C 149 -22.65 65.28 8.17
C GLY C 149 -24.02 65.09 8.79
N PHE C 150 -25.05 65.01 7.96
CA PHE C 150 -26.39 64.80 8.48
C PHE C 150 -26.65 63.36 8.92
N GLU C 151 -25.80 62.44 8.49
CA GLU C 151 -26.01 61.01 8.75
C GLU C 151 -24.96 60.39 9.67
N ILE C 152 -23.69 60.75 9.46
CA ILE C 152 -22.60 60.33 10.33
C ILE C 152 -21.81 61.55 10.81
N ASP C 153 -21.66 61.64 12.12
CA ASP C 153 -20.96 62.74 12.75
C ASP C 153 -19.57 62.23 13.14
N LEU C 154 -18.64 62.34 12.20
CA LEU C 154 -17.28 61.87 12.40
C LEU C 154 -16.54 62.77 13.40
N LYS C 155 -16.05 62.17 14.48
CA LYS C 155 -15.36 62.91 15.53
C LYS C 155 -14.00 62.32 15.94
N THR C 156 -13.24 63.10 16.70
CA THR C 156 -12.00 62.60 17.31
C THR C 156 -12.05 63.00 18.79
N ASP C 157 -11.54 62.15 19.67
CA ASP C 157 -11.45 62.50 21.08
C ASP C 157 -10.28 63.47 21.27
N THR C 158 -9.32 63.39 20.35
CA THR C 158 -8.17 64.31 20.30
C THR C 158 -7.71 64.61 18.86
N ASP C 159 -6.80 65.56 18.73
CA ASP C 159 -6.24 65.98 17.45
C ASP C 159 -4.93 65.30 17.18
N GLN C 160 -4.32 64.87 18.27
CA GLN C 160 -2.99 64.30 18.29
C GLN C 160 -2.97 62.80 18.02
N VAL C 161 -2.12 62.38 17.08
CA VAL C 161 -2.01 60.95 16.77
C VAL C 161 -1.22 60.25 17.87
N ASP C 162 -1.79 59.16 18.38
CA ASP C 162 -1.15 58.40 19.42
C ASP C 162 0.13 57.80 18.87
N LEU C 163 1.25 58.22 19.43
CA LEU C 163 2.58 57.80 19.00
C LEU C 163 3.34 56.99 20.07
N SER C 164 2.64 56.63 21.15
CA SER C 164 3.25 55.91 22.28
C SER C 164 3.61 54.48 21.93
N SER C 165 3.27 54.10 20.70
CA SER C 165 3.45 52.73 20.23
C SER C 165 4.20 52.73 18.92
N TYR C 166 4.68 53.91 18.54
CA TYR C 166 5.46 54.08 17.32
C TYR C 166 6.80 53.37 17.51
N TYR C 167 7.30 52.76 16.43
CA TYR C 167 8.52 51.95 16.44
C TYR C 167 9.86 52.68 16.70
N ALA C 168 10.47 52.38 17.85
CA ALA C 168 11.74 52.99 18.27
C ALA C 168 12.85 53.03 17.21
N SER C 169 12.99 51.97 16.44
CA SER C 169 14.08 51.91 15.45
C SER C 169 13.66 52.11 14.00
N SER C 170 12.68 52.98 13.73
CA SER C 170 12.24 53.16 12.36
C SER C 170 13.05 54.25 11.68
N LYS C 171 13.27 54.10 10.38
CA LYS C 171 14.04 55.05 9.58
C LYS C 171 13.65 56.51 9.75
N TYR C 172 12.42 56.73 10.21
CA TYR C 172 11.82 58.07 10.27
C TYR C 172 11.42 58.55 11.65
N GLU C 173 11.50 59.86 11.86
CA GLU C 173 11.05 60.47 13.12
C GLU C 173 9.90 61.39 12.81
N ILE C 174 8.79 61.17 13.51
CA ILE C 174 7.59 61.97 13.32
C ILE C 174 7.83 63.35 13.94
N LEU C 175 7.97 64.36 13.07
CA LEU C 175 8.12 65.73 13.52
C LEU C 175 6.76 66.13 14.09
N SER C 176 5.71 65.49 13.55
CA SER C 176 4.34 65.62 14.10
C SER C 176 3.29 64.88 13.29
N ALA C 177 2.34 64.30 14.02
CA ALA C 177 1.28 63.51 13.45
C ALA C 177 0.00 63.98 14.09
N THR C 178 -0.89 64.51 13.27
CA THR C 178 -2.16 64.98 13.78
C THR C 178 -3.33 64.38 13.02
N GLN C 179 -4.40 64.14 13.76
CA GLN C 179 -5.65 63.61 13.24
C GLN C 179 -6.70 64.65 13.60
N THR C 180 -6.86 65.62 12.72
CA THR C 180 -7.73 66.76 12.96
C THR C 180 -9.01 66.77 12.14
N ARG C 181 -10.15 66.81 12.84
CA ARG C 181 -11.51 66.86 12.26
C ARG C 181 -11.82 68.19 11.56
N GLN C 182 -12.64 68.12 10.51
CA GLN C 182 -12.99 69.31 9.70
C GLN C 182 -14.42 69.27 9.15
N VAL C 183 -15.23 70.28 9.48
CA VAL C 183 -16.60 70.38 8.94
C VAL C 183 -16.63 71.34 7.76
N GLN C 184 -16.99 70.82 6.60
CA GLN C 184 -17.06 71.61 5.39
C GLN C 184 -18.50 71.96 5.02
N HIS C 185 -18.71 73.25 4.77
CA HIS C 185 -20.00 73.83 4.37
C HIS C 185 -19.86 74.43 2.98
N TYR C 186 -20.37 73.73 1.97
CA TYR C 186 -20.28 74.19 0.59
C TYR C 186 -21.39 75.15 0.21
N SER C 187 -21.07 76.05 -0.72
CA SER C 187 -22.01 77.10 -1.16
C SER C 187 -23.27 76.58 -1.86
N CYS C 188 -23.17 75.40 -2.45
CA CYS C 188 -24.24 74.75 -3.21
C CYS C 188 -25.22 73.99 -2.35
N CYS C 189 -24.65 73.44 -1.29
CA CYS C 189 -25.31 72.38 -0.56
C CYS C 189 -25.56 72.64 0.92
N PRO C 190 -26.82 72.42 1.36
CA PRO C 190 -27.16 72.60 2.77
C PRO C 190 -26.60 71.51 3.70
N GLU C 191 -26.46 70.28 3.21
CA GLU C 191 -25.91 69.21 4.05
C GLU C 191 -24.40 69.41 4.17
N PRO C 192 -23.85 69.30 5.40
CA PRO C 192 -22.41 69.47 5.57
C PRO C 192 -21.60 68.19 5.32
N TYR C 193 -20.28 68.33 5.23
CA TYR C 193 -19.38 67.18 5.02
C TYR C 193 -18.23 67.19 6.02
N ILE C 194 -17.86 65.99 6.50
CA ILE C 194 -16.88 65.86 7.54
C ILE C 194 -15.83 64.83 7.21
N ASP C 195 -14.59 65.20 7.50
CA ASP C 195 -13.45 64.34 7.29
C ASP C 195 -12.50 64.49 8.46
N VAL C 196 -11.71 63.46 8.73
CA VAL C 196 -10.60 63.61 9.67
C VAL C 196 -9.41 63.61 8.73
N ASN C 197 -8.52 64.58 8.92
CA ASN C 197 -7.38 64.73 8.07
C ASN C 197 -6.18 64.22 8.81
N LEU C 198 -5.74 63.01 8.50
CA LEU C 198 -4.55 62.46 9.12
C LEU C 198 -3.37 63.17 8.46
N VAL C 199 -2.66 64.01 9.23
CA VAL C 199 -1.50 64.76 8.70
C VAL C 199 -0.27 64.32 9.47
N VAL C 200 0.77 63.89 8.74
CA VAL C 200 2.02 63.41 9.33
C VAL C 200 3.24 64.11 8.73
N LYS C 201 4.10 64.67 9.58
CA LYS C 201 5.33 65.35 9.13
C LYS C 201 6.53 64.56 9.63
N PHE C 202 7.42 64.16 8.71
CA PHE C 202 8.54 63.27 9.09
C PHE C 202 9.83 63.44 8.28
N ARG C 203 10.85 62.66 8.64
CA ARG C 203 12.16 62.72 7.95
C ARG C 203 13.10 61.58 8.36
N GLU C 204 13.97 61.16 7.43
CA GLU C 204 14.97 60.13 7.71
C GLU C 204 15.69 60.53 9.00
N ARG C 205 15.73 59.62 9.98
CA ARG C 205 16.34 59.91 11.29
C ARG C 205 17.72 60.56 11.13
N GLN D 1 -35.33 53.84 12.98
CA GLN D 1 -34.56 52.79 12.23
C GLN D 1 -35.46 51.84 11.43
N ALA D 2 -36.72 51.72 11.86
CA ALA D 2 -37.70 50.85 11.21
C ALA D 2 -38.42 51.61 10.09
N ASN D 3 -38.82 50.89 9.04
CA ASN D 3 -39.53 51.49 7.90
C ASN D 3 -38.64 51.64 6.67
N LEU D 4 -37.34 51.60 6.92
CA LEU D 4 -36.32 51.60 5.88
C LEU D 4 -36.01 50.11 5.72
N MET D 5 -36.12 49.38 6.83
CA MET D 5 -35.91 47.95 6.85
C MET D 5 -37.05 47.24 6.12
N ARG D 6 -38.28 47.73 6.29
CA ARG D 6 -39.43 47.14 5.58
C ARG D 6 -39.26 47.38 4.09
N LEU D 7 -38.89 48.61 3.74
CA LEU D 7 -38.66 49.00 2.35
C LEU D 7 -37.61 48.12 1.70
N LYS D 8 -36.44 48.04 2.35
CA LYS D 8 -35.34 47.23 1.83
C LYS D 8 -35.70 45.75 1.82
N SER D 9 -36.59 45.35 2.73
CA SER D 9 -37.11 43.99 2.82
C SER D 9 -38.04 43.71 1.63
N ASP D 10 -38.95 44.67 1.37
CA ASP D 10 -39.91 44.59 0.26
C ASP D 10 -39.23 44.73 -1.11
N LEU D 11 -38.00 45.22 -1.12
CA LEU D 11 -37.24 45.40 -2.36
C LEU D 11 -36.25 44.27 -2.67
N PHE D 12 -35.64 43.69 -1.63
CA PHE D 12 -34.58 42.71 -1.89
C PHE D 12 -34.82 41.25 -1.46
N ASN D 13 -35.95 40.99 -0.80
CA ASN D 13 -36.30 39.62 -0.38
C ASN D 13 -37.62 39.21 -1.01
N ARG D 14 -38.37 40.18 -1.54
CA ARG D 14 -39.59 39.84 -2.23
C ARG D 14 -39.25 39.18 -3.56
N SER D 15 -38.89 40.02 -4.54
CA SER D 15 -38.71 39.57 -5.91
C SER D 15 -37.30 39.09 -6.28
N PRO D 16 -37.20 38.33 -7.39
CA PRO D 16 -35.94 37.84 -7.92
C PRO D 16 -35.23 39.07 -8.46
N MET D 17 -34.01 38.92 -8.95
CA MET D 17 -33.31 40.11 -9.36
C MET D 17 -33.46 40.41 -10.85
N TYR D 18 -33.32 41.69 -11.16
CA TYR D 18 -33.36 42.19 -12.51
C TYR D 18 -32.41 41.31 -13.33
N PRO D 19 -32.91 40.69 -14.42
CA PRO D 19 -32.04 39.83 -15.21
C PRO D 19 -31.10 40.60 -16.14
N GLY D 20 -31.15 41.93 -16.09
CA GLY D 20 -30.31 42.75 -16.96
C GLY D 20 -31.14 43.24 -18.13
N PRO D 21 -30.58 44.19 -18.91
CA PRO D 21 -31.29 44.75 -20.05
C PRO D 21 -31.48 43.77 -21.21
N THR D 22 -32.47 44.07 -22.05
CA THR D 22 -32.75 43.32 -23.27
C THR D 22 -32.92 44.37 -24.34
N LYS D 23 -33.06 43.97 -25.60
CA LYS D 23 -33.30 44.93 -26.65
C LYS D 23 -34.70 45.54 -26.48
N ASP D 24 -35.58 44.81 -25.81
CA ASP D 24 -36.96 45.27 -25.57
C ASP D 24 -37.12 46.19 -24.35
N ASP D 25 -36.28 45.98 -23.34
CA ASP D 25 -36.23 46.85 -22.18
C ASP D 25 -34.78 47.31 -21.98
N PRO D 26 -34.29 48.21 -22.87
CA PRO D 26 -32.92 48.70 -22.77
C PRO D 26 -32.67 49.62 -21.58
N LEU D 27 -31.39 49.90 -21.31
CA LEU D 27 -31.00 50.70 -20.17
C LEU D 27 -29.90 51.69 -20.48
N THR D 28 -30.14 52.96 -20.16
CA THR D 28 -29.09 53.96 -20.33
C THR D 28 -28.27 53.95 -19.04
N VAL D 29 -26.95 53.85 -19.19
CA VAL D 29 -26.02 53.89 -18.07
C VAL D 29 -25.11 55.08 -18.32
N THR D 30 -24.91 55.91 -17.29
CA THR D 30 -24.10 57.12 -17.42
C THR D 30 -22.75 56.96 -16.72
N LEU D 31 -21.68 57.14 -17.49
CA LEU D 31 -20.32 56.92 -16.99
C LEU D 31 -19.53 58.21 -16.83
N GLY D 32 -18.86 58.36 -15.70
CA GLY D 32 -18.02 59.55 -15.46
C GLY D 32 -16.77 59.12 -14.71
N PHE D 33 -15.74 59.97 -14.72
CA PHE D 33 -14.46 59.68 -14.08
C PHE D 33 -13.84 60.84 -13.31
N THR D 34 -13.27 60.56 -12.13
CA THR D 34 -12.53 61.58 -11.39
C THR D 34 -11.07 61.13 -11.27
N LEU D 35 -10.26 61.50 -12.26
CA LEU D 35 -8.85 61.16 -12.25
C LEU D 35 -8.15 61.76 -11.04
N GLN D 36 -7.56 60.90 -10.23
CA GLN D 36 -6.85 61.29 -9.00
C GLN D 36 -5.33 61.37 -9.16
N ASP D 37 -4.73 60.34 -9.74
CA ASP D 37 -3.29 60.38 -10.04
C ASP D 37 -2.92 59.29 -11.05
N ILE D 38 -1.78 59.49 -11.71
CA ILE D 38 -1.17 58.49 -12.58
C ILE D 38 -0.07 57.98 -11.65
N VAL D 39 -0.29 56.77 -11.13
CA VAL D 39 0.59 56.25 -10.08
C VAL D 39 1.72 55.33 -10.54
N LYS D 40 1.67 54.89 -11.80
CA LYS D 40 2.70 54.00 -12.31
C LYS D 40 2.83 54.06 -13.83
N VAL D 41 4.06 54.33 -14.27
CA VAL D 41 4.43 54.38 -15.69
C VAL D 41 5.62 53.45 -15.89
N ASP D 42 5.39 52.37 -16.63
CA ASP D 42 6.41 51.36 -16.89
C ASP D 42 6.70 51.26 -18.39
N SER D 43 7.92 51.66 -18.74
CA SER D 43 8.37 51.74 -20.12
C SER D 43 8.81 50.38 -20.61
N SER D 44 9.40 49.62 -19.70
CA SER D 44 9.96 48.31 -20.00
C SER D 44 8.90 47.23 -20.21
N THR D 45 7.66 47.49 -19.80
CA THR D 45 6.57 46.54 -20.05
C THR D 45 5.43 47.18 -20.83
N ASN D 46 5.42 48.52 -20.88
CA ASN D 46 4.37 49.28 -21.57
C ASN D 46 3.02 49.23 -20.88
N GLU D 47 3.07 49.50 -19.59
CA GLU D 47 1.92 49.49 -18.72
C GLU D 47 1.88 50.83 -18.00
N VAL D 48 0.67 51.37 -17.87
CA VAL D 48 0.40 52.61 -17.11
C VAL D 48 -0.74 52.31 -16.15
N ASP D 49 -0.63 52.84 -14.92
CA ASP D 49 -1.63 52.65 -13.87
C ASP D 49 -2.33 53.95 -13.52
N LEU D 50 -3.66 53.91 -13.44
CA LEU D 50 -4.39 55.10 -13.02
C LEU D 50 -5.13 54.85 -11.70
N VAL D 51 -5.32 55.90 -10.90
CA VAL D 51 -6.17 55.82 -9.72
C VAL D 51 -7.25 56.87 -9.92
N TYR D 52 -8.50 56.47 -9.70
CA TYR D 52 -9.61 57.37 -9.96
C TYR D 52 -10.93 56.91 -9.35
N TYR D 53 -11.90 57.83 -9.31
CA TYR D 53 -13.26 57.51 -8.91
C TYR D 53 -13.99 57.25 -10.21
N GLU D 54 -14.88 56.26 -10.22
CA GLU D 54 -15.64 55.90 -11.41
C GLU D 54 -17.12 55.97 -11.09
N GLN D 55 -17.81 56.93 -11.66
CA GLN D 55 -19.22 57.08 -11.35
C GLN D 55 -20.13 56.40 -12.37
N GLN D 56 -21.01 55.55 -11.85
CA GLN D 56 -21.97 54.87 -12.67
C GLN D 56 -23.39 55.19 -12.20
N ARG D 57 -24.23 55.61 -13.14
CA ARG D 57 -25.63 55.92 -12.88
C ARG D 57 -26.57 55.19 -13.82
N TRP D 58 -27.75 54.82 -13.32
CA TRP D 58 -28.77 54.13 -14.11
C TRP D 58 -30.14 54.08 -13.40
N LYS D 59 -31.19 53.57 -14.03
CA LYS D 59 -32.53 53.50 -13.40
C LYS D 59 -33.31 52.24 -13.76
N LEU D 60 -33.81 51.53 -12.76
CA LEU D 60 -34.66 50.37 -12.99
C LEU D 60 -36.02 50.81 -12.47
N ASN D 61 -37.07 50.04 -12.72
CA ASN D 61 -38.35 50.40 -12.10
C ASN D 61 -38.55 49.44 -10.96
N SER D 62 -38.02 48.23 -11.12
CA SER D 62 -38.05 47.22 -10.08
C SER D 62 -37.60 47.82 -8.74
N LEU D 63 -37.02 49.02 -8.81
CA LEU D 63 -36.52 49.71 -7.61
C LEU D 63 -37.32 50.95 -7.23
N MET D 64 -38.46 51.16 -7.89
CA MET D 64 -39.32 52.31 -7.59
C MET D 64 -40.15 52.09 -6.34
N TRP D 65 -40.56 53.18 -5.71
CA TRP D 65 -41.46 53.14 -4.55
C TRP D 65 -42.10 54.50 -4.29
N ASP D 66 -43.10 54.48 -3.42
CA ASP D 66 -43.81 55.66 -2.98
C ASP D 66 -43.34 56.00 -1.56
N PRO D 67 -42.67 57.16 -1.39
CA PRO D 67 -42.19 57.60 -0.07
C PRO D 67 -43.27 57.50 1.00
N ASN D 68 -44.49 57.93 0.67
CA ASN D 68 -45.64 57.84 1.58
C ASN D 68 -45.78 56.46 2.18
N GLU D 69 -46.15 55.51 1.31
CA GLU D 69 -46.32 54.13 1.73
C GLU D 69 -45.11 53.69 2.58
N TYR D 70 -44.04 54.50 2.57
CA TYR D 70 -42.82 54.18 3.33
C TYR D 70 -42.37 55.15 4.42
N GLY D 71 -43.04 56.30 4.53
CA GLY D 71 -42.71 57.24 5.60
C GLY D 71 -41.92 58.42 5.08
N ASN D 72 -42.05 58.68 3.79
CA ASN D 72 -41.37 59.79 3.13
C ASN D 72 -39.87 59.59 2.97
N ILE D 73 -39.36 58.37 3.17
CA ILE D 73 -37.94 58.16 2.90
C ILE D 73 -37.91 58.26 1.38
N THR D 74 -36.94 58.97 0.82
CA THR D 74 -36.92 59.17 -0.63
C THR D 74 -35.78 58.49 -1.37
N ASP D 75 -34.87 57.94 -0.59
CA ASP D 75 -33.70 57.31 -1.12
C ASP D 75 -33.03 56.63 0.04
N PHE D 76 -32.12 55.71 -0.28
CA PHE D 76 -31.36 55.04 0.76
C PHE D 76 -30.03 54.56 0.19
N ARG D 77 -29.10 54.32 1.11
CA ARG D 77 -27.79 53.78 0.79
C ARG D 77 -27.84 52.30 1.03
N THR D 78 -27.15 51.52 0.19
CA THR D 78 -27.08 50.07 0.36
C THR D 78 -25.83 49.50 -0.33
N SER D 79 -25.40 48.31 0.09
CA SER D 79 -24.26 47.65 -0.55
C SER D 79 -24.58 47.33 -2.00
N ALA D 80 -23.59 47.45 -2.87
CA ALA D 80 -23.79 47.20 -4.30
C ALA D 80 -24.15 45.75 -4.63
N ALA D 81 -23.88 44.82 -3.72
CA ALA D 81 -24.20 43.41 -3.92
C ALA D 81 -25.70 43.18 -3.78
N ASP D 82 -26.37 44.15 -3.17
CA ASP D 82 -27.81 44.08 -2.95
C ASP D 82 -28.56 44.29 -4.26
N ILE D 83 -27.87 44.92 -5.21
CA ILE D 83 -28.43 45.28 -6.49
C ILE D 83 -27.59 44.85 -7.67
N TRP D 84 -28.25 44.73 -8.82
CA TRP D 84 -27.63 44.49 -10.10
C TRP D 84 -26.78 45.72 -10.42
N THR D 85 -25.67 45.52 -11.15
CA THR D 85 -24.83 46.64 -11.59
C THR D 85 -24.26 46.25 -12.96
N PRO D 86 -24.21 47.22 -13.89
CA PRO D 86 -23.73 47.02 -15.27
C PRO D 86 -22.35 46.37 -15.36
N ASP D 87 -22.02 45.87 -16.54
CA ASP D 87 -20.77 45.15 -16.70
C ASP D 87 -19.75 45.99 -17.47
N ILE D 88 -19.78 47.30 -17.24
CA ILE D 88 -18.92 48.27 -17.94
C ILE D 88 -17.43 48.05 -17.63
N THR D 89 -16.69 47.55 -18.61
CA THR D 89 -15.29 47.18 -18.44
C THR D 89 -14.30 47.89 -19.32
N ALA D 90 -13.11 48.11 -18.78
CA ALA D 90 -11.97 48.60 -19.53
C ALA D 90 -11.66 47.45 -20.48
N TYR D 91 -11.58 47.76 -21.76
CA TYR D 91 -11.33 46.71 -22.73
C TYR D 91 -9.86 46.32 -22.90
N SER D 92 -8.93 47.15 -22.43
CA SER D 92 -7.50 46.89 -22.62
C SER D 92 -6.62 46.93 -21.36
N SER D 93 -7.12 46.39 -20.25
CA SER D 93 -6.35 46.33 -19.03
C SER D 93 -5.33 45.20 -19.11
N THR D 94 -4.30 45.29 -18.27
CA THR D 94 -3.29 44.25 -18.21
C THR D 94 -3.42 43.50 -16.88
N ARG D 95 -4.23 44.07 -15.97
CA ARG D 95 -4.46 43.47 -14.65
C ARG D 95 -5.89 43.57 -14.16
N PRO D 96 -6.25 42.74 -13.15
CA PRO D 96 -7.55 42.84 -12.50
C PRO D 96 -7.65 44.19 -11.77
N VAL D 97 -8.76 44.88 -11.97
CA VAL D 97 -8.99 46.19 -11.37
C VAL D 97 -9.08 45.98 -9.85
N GLN D 98 -8.60 46.96 -9.09
CA GLN D 98 -8.61 46.88 -7.63
C GLN D 98 -9.57 47.89 -7.07
N VAL D 99 -10.55 47.36 -6.32
CA VAL D 99 -11.55 48.18 -5.69
C VAL D 99 -10.90 48.76 -4.45
N LEU D 100 -10.68 50.07 -4.47
CA LEU D 100 -10.01 50.79 -3.39
C LEU D 100 -10.96 51.36 -2.36
N SER D 101 -12.24 51.11 -2.51
CA SER D 101 -13.19 51.71 -1.60
C SER D 101 -14.39 50.82 -1.35
N PRO D 102 -15.24 51.18 -0.36
CA PRO D 102 -16.48 50.45 -0.22
C PRO D 102 -17.29 50.60 -1.49
N GLN D 103 -18.08 49.59 -1.80
CA GLN D 103 -18.96 49.65 -2.95
C GLN D 103 -20.35 49.70 -2.36
N ILE D 104 -20.84 50.92 -2.20
CA ILE D 104 -22.13 51.18 -1.60
C ILE D 104 -22.86 52.12 -2.53
N ALA D 105 -24.12 51.82 -2.85
CA ALA D 105 -24.88 52.67 -3.77
C ALA D 105 -25.99 53.47 -3.10
N VAL D 106 -26.56 54.40 -3.86
CA VAL D 106 -27.72 55.17 -3.42
C VAL D 106 -28.85 54.83 -4.39
N VAL D 107 -30.00 54.44 -3.82
CA VAL D 107 -31.17 54.11 -4.63
C VAL D 107 -32.25 55.13 -4.31
N THR D 108 -32.74 55.81 -5.34
CA THR D 108 -33.80 56.82 -5.20
C THR D 108 -35.15 56.19 -5.54
N HIS D 109 -36.20 56.66 -4.87
CA HIS D 109 -37.55 56.11 -5.04
C HIS D 109 -38.07 55.98 -6.48
N ASP D 110 -37.57 56.82 -7.39
CA ASP D 110 -37.98 56.81 -8.80
C ASP D 110 -37.29 55.73 -9.64
N GLY D 111 -36.35 55.00 -9.02
CA GLY D 111 -35.61 53.93 -9.69
C GLY D 111 -34.13 54.20 -9.91
N SER D 112 -33.71 55.43 -9.60
CA SER D 112 -32.32 55.87 -9.78
C SER D 112 -31.30 55.18 -8.89
N VAL D 113 -30.23 54.71 -9.51
CA VAL D 113 -29.12 54.16 -8.77
C VAL D 113 -27.89 54.94 -9.18
N MET D 114 -26.93 55.04 -8.27
CA MET D 114 -25.56 55.38 -8.63
C MET D 114 -24.59 55.11 -7.47
N PHE D 115 -23.34 54.83 -7.80
CA PHE D 115 -22.33 54.54 -6.78
C PHE D 115 -20.98 54.87 -7.41
N ILE D 116 -20.01 55.20 -6.56
CA ILE D 116 -18.77 55.83 -7.03
C ILE D 116 -17.60 55.19 -6.29
N PRO D 117 -17.18 54.01 -6.75
CA PRO D 117 -16.13 53.26 -6.10
C PRO D 117 -14.77 53.74 -6.60
N ALA D 118 -13.75 53.71 -5.77
CA ALA D 118 -12.40 54.09 -6.21
C ALA D 118 -11.73 52.86 -6.84
N GLN D 119 -10.96 53.08 -7.91
CA GLN D 119 -10.30 51.99 -8.65
C GLN D 119 -8.83 52.26 -8.93
N ARG D 120 -8.01 51.20 -8.99
CA ARG D 120 -6.62 51.30 -9.44
C ARG D 120 -6.54 50.39 -10.66
N LEU D 121 -6.30 50.97 -11.85
CA LEU D 121 -6.23 50.21 -13.11
C LEU D 121 -4.84 50.20 -13.74
N SER D 122 -4.44 49.05 -14.28
CA SER D 122 -3.23 48.92 -15.08
C SER D 122 -3.72 48.58 -16.49
N PHE D 123 -3.40 49.42 -17.47
CA PHE D 123 -3.81 49.17 -18.86
C PHE D 123 -2.60 49.28 -19.79
N MET D 124 -2.80 48.98 -21.07
CA MET D 124 -1.73 49.02 -22.07
C MET D 124 -1.46 50.42 -22.61
N CYS D 125 -0.20 50.84 -22.50
CA CYS D 125 0.28 52.13 -23.01
C CYS D 125 1.81 52.26 -23.04
N ASP D 126 2.33 52.63 -24.21
CA ASP D 126 3.75 52.92 -24.46
C ASP D 126 3.98 54.35 -23.95
N PRO D 127 4.74 54.52 -22.87
CA PRO D 127 4.95 55.87 -22.34
C PRO D 127 6.10 56.71 -22.92
N THR D 128 6.71 56.30 -24.04
CA THR D 128 7.80 57.12 -24.60
C THR D 128 7.23 58.42 -25.17
N GLY D 129 7.76 59.53 -24.66
CA GLY D 129 7.31 60.86 -25.03
C GLY D 129 6.94 61.59 -23.75
N VAL D 130 6.89 60.85 -22.64
CA VAL D 130 6.53 61.42 -21.34
C VAL D 130 7.64 62.31 -20.75
N ASP D 131 8.90 61.87 -20.84
CA ASP D 131 10.04 62.65 -20.34
C ASP D 131 10.35 63.78 -21.32
N SER D 132 9.31 64.18 -22.05
CA SER D 132 9.41 65.18 -23.10
C SER D 132 8.48 66.36 -22.86
N GLU D 133 8.52 67.33 -23.78
CA GLU D 133 7.70 68.52 -23.66
C GLU D 133 6.29 68.33 -24.25
N GLU D 134 6.19 67.54 -25.33
CA GLU D 134 4.90 67.27 -25.97
C GLU D 134 4.05 66.35 -25.11
N GLY D 135 4.72 65.44 -24.41
CA GLY D 135 4.06 64.47 -23.54
C GLY D 135 3.80 63.18 -24.27
N VAL D 136 2.93 62.35 -23.70
CA VAL D 136 2.56 61.07 -24.28
C VAL D 136 1.04 60.92 -24.15
N THR D 137 0.44 60.08 -24.98
CA THR D 137 -1.01 59.92 -24.99
C THR D 137 -1.47 58.47 -24.85
N CYS D 138 -2.22 58.19 -23.79
CA CYS D 138 -2.75 56.87 -23.53
C CYS D 138 -4.25 56.84 -23.76
N ALA D 139 -4.76 55.68 -24.10
CA ALA D 139 -6.18 55.51 -24.31
C ALA D 139 -6.60 54.12 -23.87
N VAL D 140 -7.79 54.05 -23.27
CA VAL D 140 -8.41 52.80 -22.85
C VAL D 140 -9.89 53.03 -23.04
N LYS D 141 -10.54 52.07 -23.69
CA LYS D 141 -11.96 52.13 -23.97
C LYS D 141 -12.71 51.37 -22.90
N PHE D 142 -13.86 51.92 -22.51
CA PHE D 142 -14.74 51.29 -21.55
C PHE D 142 -16.03 51.03 -22.25
N GLY D 143 -16.61 49.89 -21.95
CA GLY D 143 -17.89 49.58 -22.53
C GLY D 143 -18.33 48.33 -21.84
N SER D 144 -19.61 48.02 -22.05
CA SER D 144 -20.19 46.80 -21.54
C SER D 144 -19.46 45.61 -22.12
N TRP D 145 -19.37 44.52 -21.36
CA TRP D 145 -18.65 43.35 -21.83
C TRP D 145 -19.49 42.47 -22.76
N VAL D 146 -20.79 42.41 -22.50
CA VAL D 146 -21.67 41.53 -23.26
C VAL D 146 -22.82 42.24 -24.00
N TYR D 147 -23.13 43.45 -23.56
CA TYR D 147 -24.28 44.20 -24.06
C TYR D 147 -23.99 45.19 -25.19
N SER D 148 -24.72 45.06 -26.30
CA SER D 148 -24.53 45.96 -27.44
C SER D 148 -25.18 47.31 -27.13
N GLY D 149 -25.11 48.23 -28.10
CA GLY D 149 -25.71 49.54 -27.96
C GLY D 149 -27.23 49.49 -27.86
N PHE D 150 -27.83 48.39 -28.34
CA PHE D 150 -29.29 48.18 -28.27
C PHE D 150 -29.80 47.76 -26.90
N GLU D 151 -28.89 47.35 -26.03
CA GLU D 151 -29.28 46.86 -24.70
C GLU D 151 -28.81 47.81 -23.62
N ILE D 152 -27.64 48.42 -23.85
CA ILE D 152 -27.09 49.41 -22.96
C ILE D 152 -26.63 50.59 -23.79
N ASP D 153 -27.28 51.72 -23.60
CA ASP D 153 -26.89 52.95 -24.23
C ASP D 153 -25.90 53.55 -23.24
N LEU D 154 -24.62 53.56 -23.59
CA LEU D 154 -23.60 54.07 -22.68
C LEU D 154 -23.28 55.55 -22.90
N LYS D 155 -23.60 56.38 -21.90
CA LYS D 155 -23.40 57.82 -21.99
C LYS D 155 -22.43 58.40 -20.95
N THR D 156 -22.03 59.65 -21.19
CA THR D 156 -21.23 60.42 -20.24
C THR D 156 -21.75 61.84 -20.29
N ASP D 157 -22.03 62.41 -19.11
CA ASP D 157 -22.49 63.79 -18.95
C ASP D 157 -21.65 64.87 -19.61
N THR D 158 -20.34 64.65 -19.68
CA THR D 158 -19.43 65.63 -20.24
C THR D 158 -18.23 64.88 -20.79
N ASP D 159 -17.60 65.42 -21.84
CA ASP D 159 -16.45 64.73 -22.43
C ASP D 159 -15.19 65.04 -21.68
N GLN D 160 -15.33 65.82 -20.62
CA GLN D 160 -14.22 66.28 -19.80
C GLN D 160 -14.03 65.43 -18.55
N VAL D 161 -12.84 64.87 -18.36
CA VAL D 161 -12.60 64.08 -17.14
C VAL D 161 -12.45 65.06 -15.98
N ASP D 162 -13.12 64.77 -14.85
CA ASP D 162 -13.02 65.63 -13.68
C ASP D 162 -11.58 65.62 -13.18
N LEU D 163 -10.95 66.80 -13.11
CA LEU D 163 -9.55 66.90 -12.67
C LEU D 163 -9.37 67.74 -11.41
N SER D 164 -10.49 68.13 -10.81
CA SER D 164 -10.49 69.02 -9.64
C SER D 164 -9.88 68.38 -8.41
N SER D 165 -9.68 67.06 -8.43
CA SER D 165 -9.01 66.48 -7.28
C SER D 165 -7.71 65.82 -7.75
N TYR D 166 -7.15 66.21 -8.90
CA TYR D 166 -5.90 65.59 -9.35
C TYR D 166 -4.79 65.81 -8.31
N TYR D 167 -4.02 64.79 -7.96
CA TYR D 167 -2.97 64.99 -6.95
C TYR D 167 -2.14 66.22 -7.33
N ALA D 168 -2.00 67.17 -6.40
CA ALA D 168 -1.27 68.44 -6.62
C ALA D 168 0.25 68.30 -6.68
N SER D 169 0.78 67.26 -6.05
CA SER D 169 2.21 67.00 -6.15
C SER D 169 2.40 65.76 -7.01
N SER D 170 1.40 65.49 -7.86
CA SER D 170 1.47 64.38 -8.81
C SER D 170 2.78 64.56 -9.54
N LYS D 171 3.30 63.49 -10.12
CA LYS D 171 4.58 63.56 -10.82
C LYS D 171 4.39 64.00 -12.26
N TYR D 172 3.17 63.84 -12.76
CA TYR D 172 2.86 64.18 -14.13
C TYR D 172 1.93 65.37 -14.17
N GLU D 173 1.98 66.09 -15.28
CA GLU D 173 1.05 67.17 -15.52
C GLU D 173 0.22 66.75 -16.72
N ILE D 174 -1.10 66.79 -16.51
CA ILE D 174 -2.10 66.39 -17.49
C ILE D 174 -2.27 67.53 -18.51
N LEU D 175 -2.16 67.21 -19.80
CA LEU D 175 -2.32 68.23 -20.84
C LEU D 175 -3.77 68.20 -21.30
N SER D 176 -4.33 67.00 -21.28
CA SER D 176 -5.73 66.74 -21.57
C SER D 176 -6.08 65.37 -21.01
N ALA D 177 -7.30 65.28 -20.51
CA ALA D 177 -7.85 64.04 -20.00
C ALA D 177 -9.32 64.17 -20.34
N THR D 178 -9.76 63.41 -21.35
CA THR D 178 -11.16 63.43 -21.79
C THR D 178 -11.79 62.04 -21.78
N GLN D 179 -13.11 62.01 -21.93
CA GLN D 179 -13.90 60.78 -21.92
C GLN D 179 -15.03 60.86 -22.96
N THR D 180 -14.76 60.45 -24.19
CA THR D 180 -15.75 60.62 -25.26
C THR D 180 -16.57 59.39 -25.62
N ARG D 181 -17.89 59.56 -25.60
CA ARG D 181 -18.79 58.52 -26.03
C ARG D 181 -18.66 58.38 -27.56
N GLN D 182 -18.45 57.15 -28.03
CA GLN D 182 -18.23 56.87 -29.44
C GLN D 182 -19.09 55.68 -29.91
N VAL D 183 -20.02 55.92 -30.83
CA VAL D 183 -20.94 54.88 -31.34
C VAL D 183 -20.49 54.20 -32.65
N GLN D 184 -20.21 52.89 -32.59
CA GLN D 184 -19.78 52.12 -33.76
C GLN D 184 -20.92 51.50 -34.56
N HIS D 185 -20.77 51.57 -35.87
CA HIS D 185 -21.70 50.98 -36.83
C HIS D 185 -20.87 50.26 -37.88
N TYR D 186 -20.55 49.01 -37.58
CA TYR D 186 -19.78 48.19 -38.47
C TYR D 186 -20.70 47.70 -39.57
N SER D 187 -20.18 47.68 -40.79
CA SER D 187 -20.96 47.28 -41.96
C SER D 187 -21.45 45.84 -41.98
N CYS D 188 -20.84 44.99 -41.14
CA CYS D 188 -21.24 43.60 -41.00
C CYS D 188 -22.57 43.51 -40.28
N CYS D 189 -22.77 44.46 -39.38
CA CYS D 189 -23.81 44.30 -38.41
C CYS D 189 -24.78 45.45 -38.21
N PRO D 190 -26.08 45.13 -38.12
CA PRO D 190 -27.12 46.12 -37.84
C PRO D 190 -27.03 46.73 -36.43
N GLU D 191 -26.63 45.95 -35.43
CA GLU D 191 -26.56 46.47 -34.07
C GLU D 191 -25.37 47.42 -33.88
N PRO D 192 -25.61 48.58 -33.23
CA PRO D 192 -24.55 49.54 -32.99
C PRO D 192 -23.82 49.17 -31.72
N TYR D 193 -22.55 49.53 -31.64
CA TYR D 193 -21.78 49.30 -30.44
C TYR D 193 -21.34 50.62 -29.86
N ILE D 194 -21.45 50.73 -28.54
CA ILE D 194 -21.12 51.98 -27.85
C ILE D 194 -19.92 51.83 -26.90
N ASP D 195 -19.04 52.83 -26.89
CA ASP D 195 -17.91 52.84 -25.94
C ASP D 195 -17.55 54.26 -25.44
N VAL D 196 -16.97 54.34 -24.25
CA VAL D 196 -16.46 55.62 -23.75
C VAL D 196 -14.95 55.43 -23.75
N ASN D 197 -14.25 56.30 -24.46
CA ASN D 197 -12.81 56.20 -24.62
C ASN D 197 -12.08 57.23 -23.74
N LEU D 198 -11.53 56.78 -22.61
CA LEU D 198 -10.74 57.63 -21.73
C LEU D 198 -9.40 57.80 -22.42
N VAL D 199 -9.04 59.03 -22.75
CA VAL D 199 -7.76 59.33 -23.39
C VAL D 199 -7.07 60.34 -22.50
N VAL D 200 -5.77 60.15 -22.26
CA VAL D 200 -5.02 61.02 -21.36
C VAL D 200 -3.62 61.39 -21.89
N LYS D 201 -3.42 62.67 -22.19
CA LYS D 201 -2.13 63.17 -22.64
C LYS D 201 -1.47 63.77 -21.40
N PHE D 202 -0.19 63.42 -21.15
CA PHE D 202 0.53 63.90 -19.96
C PHE D 202 2.05 63.86 -20.11
N ARG D 203 2.76 64.44 -19.14
CA ARG D 203 4.22 64.48 -19.16
C ARG D 203 4.80 64.73 -17.78
N GLU D 204 6.04 64.30 -17.57
CA GLU D 204 6.70 64.53 -16.28
C GLU D 204 6.80 66.02 -16.01
N ARG D 205 6.82 66.37 -14.73
CA ARG D 205 6.89 67.77 -14.29
C ARG D 205 8.32 68.28 -14.29
N GLN E 1 -39.21 41.19 -19.03
CA GLN E 1 -38.32 40.36 -18.15
C GLN E 1 -39.10 39.44 -17.24
N ALA E 2 -40.38 39.76 -17.00
CA ALA E 2 -41.22 38.87 -16.24
C ALA E 2 -41.01 37.51 -16.90
N ASN E 3 -40.83 37.52 -18.23
CA ASN E 3 -40.57 36.32 -19.03
C ASN E 3 -39.14 35.79 -18.91
N LEU E 4 -38.16 36.69 -18.96
CA LEU E 4 -36.74 36.32 -18.85
C LEU E 4 -36.42 35.75 -17.47
N MET E 5 -36.88 36.45 -16.43
CA MET E 5 -36.71 35.98 -15.05
C MET E 5 -37.37 34.62 -14.84
N ARG E 6 -38.38 34.35 -15.66
CA ARG E 6 -39.15 33.12 -15.59
C ARG E 6 -38.45 32.01 -16.38
N LEU E 7 -37.93 32.37 -17.55
CA LEU E 7 -37.15 31.45 -18.38
C LEU E 7 -35.86 31.10 -17.65
N LYS E 8 -35.15 32.13 -17.17
CA LYS E 8 -33.93 31.93 -16.40
C LYS E 8 -34.21 31.11 -15.14
N SER E 9 -35.41 31.28 -14.57
CA SER E 9 -35.77 30.51 -13.36
C SER E 9 -36.11 29.06 -13.67
N ASP E 10 -36.72 28.81 -14.83
CA ASP E 10 -37.05 27.43 -15.20
C ASP E 10 -35.78 26.66 -15.60
N LEU E 11 -34.71 27.39 -15.94
CA LEU E 11 -33.44 26.76 -16.33
C LEU E 11 -32.46 26.48 -15.18
N PHE E 12 -32.50 27.28 -14.12
CA PHE E 12 -31.52 27.13 -13.02
C PHE E 12 -32.04 26.73 -11.62
N ASN E 13 -33.35 26.71 -11.41
CA ASN E 13 -33.91 26.32 -10.10
C ASN E 13 -34.58 24.96 -10.15
N ARG E 14 -35.03 24.59 -11.35
CA ARG E 14 -35.68 23.30 -11.61
C ARG E 14 -34.67 22.21 -12.02
N SER E 15 -33.99 22.40 -13.15
CA SER E 15 -33.02 21.42 -13.62
C SER E 15 -31.86 21.31 -12.63
N PRO E 16 -31.42 20.07 -12.34
CA PRO E 16 -30.29 19.83 -11.43
C PRO E 16 -29.02 20.21 -12.15
N MET E 17 -27.90 20.32 -11.44
CA MET E 17 -26.70 20.76 -12.11
C MET E 17 -26.25 19.72 -13.14
N TYR E 18 -25.90 20.22 -14.33
CA TYR E 18 -25.37 19.40 -15.42
C TYR E 18 -24.07 18.77 -14.91
N PRO E 19 -23.95 17.44 -14.98
CA PRO E 19 -22.79 16.75 -14.41
C PRO E 19 -21.55 16.75 -15.31
N GLY E 20 -21.60 17.45 -16.42
CA GLY E 20 -20.48 17.46 -17.35
C GLY E 20 -20.69 16.36 -18.37
N PRO E 21 -19.79 16.27 -19.37
CA PRO E 21 -19.89 15.28 -20.43
C PRO E 21 -19.47 13.89 -19.96
N THR E 22 -19.92 12.87 -20.69
CA THR E 22 -19.58 11.47 -20.43
C THR E 22 -19.27 10.90 -21.80
N LYS E 23 -18.62 9.73 -21.88
CA LYS E 23 -18.29 9.15 -23.19
C LYS E 23 -19.53 8.77 -24.03
N ASP E 24 -20.66 8.56 -23.37
CA ASP E 24 -21.93 8.30 -24.06
C ASP E 24 -22.42 9.60 -24.69
N ASP E 25 -22.34 10.67 -23.91
CA ASP E 25 -22.79 12.00 -24.33
C ASP E 25 -21.60 12.96 -24.37
N PRO E 26 -20.72 12.84 -25.40
CA PRO E 26 -19.55 13.71 -25.46
C PRO E 26 -19.90 15.17 -25.74
N LEU E 27 -18.87 16.02 -25.81
CA LEU E 27 -19.11 17.43 -26.02
C LEU E 27 -18.06 18.05 -26.92
N THR E 28 -18.53 18.90 -27.83
CA THR E 28 -17.63 19.63 -28.71
C THR E 28 -17.51 21.06 -28.16
N VAL E 29 -16.26 21.51 -28.02
CA VAL E 29 -15.91 22.83 -27.47
C VAL E 29 -15.03 23.62 -28.44
N THR E 30 -15.34 24.90 -28.68
CA THR E 30 -14.58 25.69 -29.67
C THR E 30 -13.63 26.78 -29.12
N LEU E 31 -12.36 26.41 -28.92
CA LEU E 31 -11.36 27.36 -28.42
C LEU E 31 -10.86 28.34 -29.49
N GLY E 32 -10.76 29.63 -29.12
CA GLY E 32 -10.25 30.69 -30.01
C GLY E 32 -9.68 31.89 -29.26
N PHE E 33 -8.45 32.29 -29.58
CA PHE E 33 -7.80 33.43 -28.90
C PHE E 33 -7.70 34.72 -29.75
N THR E 34 -7.88 35.86 -29.08
CA THR E 34 -7.69 37.21 -29.65
C THR E 34 -6.51 37.81 -28.83
N LEU E 35 -5.29 37.78 -29.36
CA LEU E 35 -4.11 38.30 -28.63
C LEU E 35 -4.01 39.83 -28.62
N GLN E 36 -4.02 40.41 -27.42
CA GLN E 36 -3.94 41.85 -27.25
C GLN E 36 -2.48 42.29 -27.04
N ASP E 37 -1.72 41.55 -26.23
CA ASP E 37 -0.34 41.92 -26.02
C ASP E 37 0.56 40.87 -25.39
N ILE E 38 1.86 41.02 -25.62
CA ILE E 38 2.86 40.22 -24.95
C ILE E 38 3.32 41.24 -23.92
N VAL E 39 2.74 41.12 -22.72
CA VAL E 39 2.94 42.11 -21.65
C VAL E 39 4.16 41.91 -20.75
N LYS E 40 4.88 40.80 -20.94
CA LYS E 40 6.06 40.54 -20.13
C LYS E 40 6.91 39.41 -20.67
N VAL E 41 8.21 39.66 -20.70
CA VAL E 41 9.19 38.70 -21.17
C VAL E 41 10.31 38.72 -20.14
N ASP E 42 10.59 37.55 -19.60
CA ASP E 42 11.51 37.40 -18.50
C ASP E 42 12.50 36.29 -18.84
N SER E 43 13.72 36.70 -19.20
CA SER E 43 14.75 35.74 -19.62
C SER E 43 15.42 35.00 -18.47
N SER E 44 15.45 35.63 -17.29
CA SER E 44 16.09 35.04 -16.11
C SER E 44 15.26 33.91 -15.48
N THR E 45 13.94 34.05 -15.50
CA THR E 45 13.09 33.01 -14.95
C THR E 45 12.69 32.07 -16.08
N ASN E 46 12.72 32.61 -17.30
CA ASN E 46 12.24 31.93 -18.51
C ASN E 46 10.71 31.85 -18.51
N GLU E 47 10.07 32.99 -18.17
CA GLU E 47 8.59 33.16 -18.17
C GLU E 47 8.12 34.23 -19.15
N VAL E 48 6.92 34.03 -19.71
CA VAL E 48 6.29 35.00 -20.63
C VAL E 48 4.78 35.15 -20.34
N ASP E 49 4.31 36.39 -20.34
CA ASP E 49 2.91 36.69 -20.03
C ASP E 49 2.19 37.23 -21.24
N LEU E 50 0.92 36.86 -21.35
CA LEU E 50 0.11 37.28 -22.47
C LEU E 50 -1.23 37.78 -21.99
N VAL E 51 -1.75 38.78 -22.68
CA VAL E 51 -3.11 39.23 -22.41
C VAL E 51 -3.89 38.98 -23.68
N TYR E 52 -4.97 38.22 -23.54
CA TYR E 52 -5.80 37.85 -24.66
C TYR E 52 -7.23 37.68 -24.22
N TYR E 53 -8.12 37.55 -25.19
CA TYR E 53 -9.50 37.19 -24.92
C TYR E 53 -9.57 35.71 -25.28
N GLU E 54 -10.32 34.92 -24.53
CA GLU E 54 -10.41 33.50 -24.80
C GLU E 54 -11.86 33.13 -25.04
N GLN E 55 -12.19 32.62 -26.23
CA GLN E 55 -13.56 32.23 -26.50
C GLN E 55 -13.71 30.76 -26.29
N GLN E 56 -14.88 30.36 -25.80
CA GLN E 56 -15.16 28.94 -25.68
C GLN E 56 -16.62 28.81 -25.99
N ARG E 57 -16.99 27.93 -26.90
CA ARG E 57 -18.39 27.62 -27.05
C ARG E 57 -18.75 26.19 -27.13
N TRP E 58 -19.99 25.89 -26.83
CA TRP E 58 -20.40 24.52 -26.73
C TRP E 58 -21.92 24.53 -26.59
N LYS E 59 -22.54 23.37 -26.74
CA LYS E 59 -23.99 23.31 -26.76
C LYS E 59 -24.53 22.22 -25.83
N LEU E 60 -25.50 22.58 -24.99
CA LEU E 60 -26.11 21.59 -24.10
C LEU E 60 -27.59 21.51 -24.40
N ASN E 61 -28.10 20.31 -24.69
CA ASN E 61 -29.52 20.11 -24.95
C ASN E 61 -30.35 20.50 -23.73
N SER E 62 -29.71 20.49 -22.56
CA SER E 62 -30.37 20.81 -21.29
C SER E 62 -30.60 22.30 -21.10
N LEU E 63 -30.00 23.12 -21.97
CA LEU E 63 -30.23 24.55 -21.96
C LEU E 63 -31.19 24.92 -23.07
N MET E 64 -31.81 23.90 -23.67
CA MET E 64 -32.75 24.14 -24.75
C MET E 64 -34.09 24.61 -24.24
N TRP E 65 -34.74 25.44 -25.05
CA TRP E 65 -36.05 25.98 -24.71
C TRP E 65 -36.78 26.45 -25.97
N ASP E 66 -38.10 26.55 -25.85
CA ASP E 66 -38.94 27.04 -26.94
C ASP E 66 -39.24 28.51 -26.71
N PRO E 67 -38.66 29.39 -27.55
CA PRO E 67 -38.93 30.82 -27.43
C PRO E 67 -40.42 31.10 -27.29
N ASN E 68 -41.24 30.33 -28.01
CA ASN E 68 -42.68 30.52 -28.01
C ASN E 68 -43.33 30.33 -26.63
N GLU E 69 -42.63 29.62 -25.74
CA GLU E 69 -43.12 29.39 -24.38
C GLU E 69 -42.61 30.49 -23.43
N TYR E 70 -41.75 31.38 -23.95
CA TYR E 70 -41.18 32.46 -23.14
C TYR E 70 -41.01 33.76 -23.93
N GLY E 71 -42.14 34.32 -24.39
CA GLY E 71 -42.16 35.59 -25.11
C GLY E 71 -41.35 35.72 -26.39
N ASN E 72 -40.92 34.59 -26.96
CA ASN E 72 -40.10 34.60 -28.17
C ASN E 72 -38.66 35.00 -27.87
N ILE E 73 -38.30 34.91 -26.59
CA ILE E 73 -36.93 35.16 -26.15
C ILE E 73 -36.06 34.10 -26.82
N THR E 74 -35.14 34.56 -27.66
CA THR E 74 -34.27 33.67 -28.42
C THR E 74 -32.99 33.31 -27.67
N ASP E 75 -32.48 34.23 -26.87
CA ASP E 75 -31.22 34.06 -26.14
C ASP E 75 -31.12 35.03 -24.97
N PHE E 76 -30.07 34.90 -24.15
CA PHE E 76 -29.89 35.81 -23.01
C PHE E 76 -28.50 35.73 -22.39
N ARG E 77 -28.14 36.76 -21.64
CA ARG E 77 -26.87 36.72 -20.93
C ARG E 77 -27.08 36.34 -19.47
N THR E 78 -26.12 35.60 -18.94
CA THR E 78 -26.16 35.17 -17.57
C THR E 78 -24.75 34.96 -17.08
N SER E 79 -24.54 35.20 -15.79
CA SER E 79 -23.24 35.00 -15.17
C SER E 79 -22.77 33.59 -15.50
N ALA E 80 -21.47 33.43 -15.77
CA ALA E 80 -20.92 32.12 -16.09
C ALA E 80 -21.09 31.16 -14.90
N ALA E 81 -21.22 31.72 -13.70
CA ALA E 81 -21.37 30.92 -12.48
C ALA E 81 -22.73 30.20 -12.37
N ASP E 82 -23.68 30.58 -13.21
CA ASP E 82 -25.03 30.00 -13.26
C ASP E 82 -25.07 28.71 -14.06
N ILE E 83 -24.00 28.46 -14.80
CA ILE E 83 -23.94 27.34 -15.72
C ILE E 83 -22.63 26.56 -15.62
N TRP E 84 -22.64 25.37 -16.23
CA TRP E 84 -21.45 24.54 -16.32
C TRP E 84 -20.64 25.16 -17.44
N THR E 85 -19.31 25.13 -17.29
CA THR E 85 -18.39 25.62 -18.31
C THR E 85 -17.29 24.56 -18.43
N PRO E 86 -16.64 24.44 -19.60
CA PRO E 86 -15.59 23.43 -19.80
C PRO E 86 -14.36 23.72 -18.95
N ASP E 87 -13.50 22.72 -18.78
CA ASP E 87 -12.31 22.90 -17.97
C ASP E 87 -11.12 23.01 -18.89
N ILE E 88 -11.20 23.89 -19.87
CA ILE E 88 -10.11 24.00 -20.83
C ILE E 88 -9.00 24.86 -20.21
N THR E 89 -7.90 24.25 -19.80
CA THR E 89 -6.79 25.05 -19.27
C THR E 89 -5.46 24.82 -19.98
N ALA E 90 -4.55 25.78 -19.79
CA ALA E 90 -3.18 25.70 -20.28
C ALA E 90 -2.48 24.63 -19.44
N TYR E 91 -1.65 23.82 -20.10
CA TYR E 91 -0.96 22.72 -19.41
C TYR E 91 0.43 23.17 -19.00
N SER E 92 0.74 24.42 -19.33
CA SER E 92 2.09 24.91 -19.19
C SER E 92 2.29 26.20 -18.40
N SER E 93 1.20 26.75 -17.84
CA SER E 93 1.28 27.98 -17.05
C SER E 93 2.27 27.90 -15.89
N THR E 94 2.61 29.06 -15.33
CA THR E 94 3.54 29.09 -14.21
C THR E 94 3.00 29.86 -13.00
N ARG E 95 1.79 30.40 -13.17
CA ARG E 95 1.08 31.10 -12.11
C ARG E 95 -0.41 30.94 -12.43
N PRO E 96 -1.30 31.20 -11.45
CA PRO E 96 -2.73 31.08 -11.76
C PRO E 96 -3.14 32.13 -12.79
N VAL E 97 -4.00 31.78 -13.74
CA VAL E 97 -4.43 32.79 -14.69
C VAL E 97 -5.09 33.90 -13.86
N GLN E 98 -5.19 35.08 -14.45
CA GLN E 98 -5.87 36.19 -13.83
C GLN E 98 -6.98 36.56 -14.80
N VAL E 99 -8.20 36.61 -14.28
CA VAL E 99 -9.36 37.02 -15.06
C VAL E 99 -9.45 38.55 -15.04
N LEU E 100 -9.48 39.17 -16.22
CA LEU E 100 -9.51 40.64 -16.32
C LEU E 100 -10.84 41.19 -16.80
N SER E 101 -11.89 40.37 -16.78
CA SER E 101 -13.18 40.81 -17.29
C SER E 101 -14.33 40.12 -16.60
N PRO E 102 -15.52 40.75 -16.61
CA PRO E 102 -16.64 39.97 -16.11
C PRO E 102 -16.69 38.66 -16.87
N GLN E 103 -17.11 37.59 -16.20
CA GLN E 103 -17.31 36.31 -16.85
C GLN E 103 -18.82 36.16 -17.04
N ILE E 104 -19.28 36.45 -18.26
CA ILE E 104 -20.72 36.42 -18.57
C ILE E 104 -20.93 35.73 -19.91
N ALA E 105 -21.78 34.70 -19.92
CA ALA E 105 -22.03 33.95 -21.13
C ALA E 105 -23.35 34.31 -21.79
N VAL E 106 -23.48 34.05 -23.09
CA VAL E 106 -24.77 34.19 -23.78
C VAL E 106 -25.28 32.78 -24.05
N VAL E 107 -26.45 32.48 -23.50
CA VAL E 107 -27.08 31.19 -23.72
C VAL E 107 -28.16 31.39 -24.79
N THR E 108 -28.16 30.54 -25.81
CA THR E 108 -29.14 30.59 -26.90
C THR E 108 -30.23 29.53 -26.64
N HIS E 109 -31.36 29.62 -27.33
CA HIS E 109 -32.48 28.68 -27.11
C HIS E 109 -32.22 27.26 -27.62
N ASP E 110 -31.25 27.14 -28.51
CA ASP E 110 -30.87 25.85 -29.06
C ASP E 110 -29.84 25.20 -28.13
N GLY E 111 -29.70 25.74 -26.91
CA GLY E 111 -28.74 25.22 -25.93
C GLY E 111 -27.31 25.69 -26.14
N SER E 112 -27.11 26.57 -27.13
CA SER E 112 -25.78 27.13 -27.43
C SER E 112 -25.29 28.10 -26.39
N VAL E 113 -24.03 27.93 -26.00
CA VAL E 113 -23.44 28.85 -25.05
C VAL E 113 -22.14 29.39 -25.61
N MET E 114 -21.94 30.71 -25.51
CA MET E 114 -20.63 31.29 -25.80
C MET E 114 -20.18 32.13 -24.61
N PHE E 115 -18.86 32.34 -24.52
CA PHE E 115 -18.23 32.91 -23.34
C PHE E 115 -16.82 33.44 -23.68
N ILE E 116 -16.56 34.74 -23.44
CA ILE E 116 -15.27 35.35 -23.86
C ILE E 116 -14.52 36.20 -22.79
N PRO E 117 -13.97 35.54 -21.75
CA PRO E 117 -13.26 36.30 -20.72
C PRO E 117 -11.92 36.85 -21.21
N ALA E 118 -11.46 37.95 -20.62
CA ALA E 118 -10.14 38.50 -20.93
C ALA E 118 -9.19 37.90 -19.90
N GLN E 119 -7.92 37.68 -20.26
CA GLN E 119 -6.99 36.97 -19.36
C GLN E 119 -5.49 37.27 -19.41
N ARG E 120 -4.84 37.14 -18.25
CA ARG E 120 -3.40 37.29 -18.16
C ARG E 120 -2.79 35.94 -17.80
N LEU E 121 -2.07 35.38 -18.76
CA LEU E 121 -1.43 34.08 -18.64
C LEU E 121 0.09 34.20 -18.51
N SER E 122 0.65 33.46 -17.56
CA SER E 122 2.10 33.34 -17.34
C SER E 122 2.42 31.89 -17.63
N PHE E 123 3.11 31.61 -18.73
CA PHE E 123 3.44 30.23 -19.07
C PHE E 123 4.94 30.11 -19.39
N MET E 124 5.42 28.87 -19.46
CA MET E 124 6.84 28.56 -19.71
C MET E 124 7.33 28.83 -21.14
N CYS E 125 8.46 29.54 -21.26
CA CYS E 125 9.08 29.87 -22.55
C CYS E 125 10.41 30.60 -22.40
N ASP E 126 11.46 30.08 -23.02
CA ASP E 126 12.77 30.70 -23.04
C ASP E 126 12.76 31.71 -24.19
N PRO E 127 12.83 33.02 -23.87
CA PRO E 127 12.70 34.08 -24.87
C PRO E 127 13.99 34.45 -25.59
N THR E 128 14.99 33.57 -25.50
CA THR E 128 16.30 33.80 -26.12
C THR E 128 16.25 33.96 -27.63
N GLY E 129 16.81 35.07 -28.11
CA GLY E 129 16.81 35.39 -29.53
C GLY E 129 15.68 36.32 -29.91
N VAL E 130 14.92 36.76 -28.91
CA VAL E 130 13.81 37.69 -29.12
C VAL E 130 14.34 39.05 -29.55
N ASP E 131 15.59 39.32 -29.19
CA ASP E 131 16.21 40.60 -29.54
C ASP E 131 16.92 40.59 -30.88
N SER E 132 16.77 39.50 -31.62
CA SER E 132 17.34 39.35 -32.96
C SER E 132 16.26 39.59 -34.01
N GLU E 133 16.61 39.47 -35.29
CA GLU E 133 15.66 39.69 -36.37
C GLU E 133 14.84 38.43 -36.65
N GLU E 134 15.40 37.28 -36.28
CA GLU E 134 14.74 35.99 -36.44
C GLU E 134 13.67 35.88 -35.35
N GLY E 135 13.98 36.42 -34.18
CA GLY E 135 13.08 36.39 -33.06
C GLY E 135 13.07 35.05 -32.34
N VAL E 136 11.99 34.82 -31.61
CA VAL E 136 11.84 33.60 -30.82
C VAL E 136 10.43 33.05 -30.94
N THR E 137 10.30 31.75 -30.62
CA THR E 137 9.02 31.07 -30.64
C THR E 137 8.71 30.46 -29.27
N CYS E 138 7.57 30.84 -28.70
CA CYS E 138 7.08 30.28 -27.45
C CYS E 138 5.87 29.46 -27.84
N ALA E 139 5.45 28.52 -26.99
CA ALA E 139 4.26 27.71 -27.28
C ALA E 139 3.65 27.13 -26.02
N VAL E 140 2.33 27.02 -26.01
CA VAL E 140 1.59 26.47 -24.88
C VAL E 140 0.30 25.77 -25.35
N LYS E 141 0.11 24.56 -24.86
CA LYS E 141 -1.07 23.76 -25.18
C LYS E 141 -2.23 23.88 -24.19
N PHE E 142 -3.43 23.88 -24.75
CA PHE E 142 -4.66 24.00 -24.01
C PHE E 142 -5.49 22.76 -24.23
N GLY E 143 -6.16 22.30 -23.18
CA GLY E 143 -7.04 21.15 -23.33
C GLY E 143 -7.80 20.95 -22.04
N SER E 144 -8.80 20.08 -22.07
CA SER E 144 -9.50 19.76 -20.85
C SER E 144 -8.48 19.17 -19.88
N TRP E 145 -8.71 19.41 -18.59
CA TRP E 145 -7.79 18.93 -17.56
C TRP E 145 -7.97 17.44 -17.23
N VAL E 146 -9.23 17.02 -17.20
CA VAL E 146 -9.61 15.67 -16.80
C VAL E 146 -10.42 14.90 -17.86
N TYR E 147 -10.60 15.48 -19.04
CA TYR E 147 -11.40 14.83 -20.07
C TYR E 147 -10.63 14.50 -21.35
N SER E 148 -10.83 13.27 -21.84
CA SER E 148 -10.18 12.84 -23.06
C SER E 148 -11.03 13.17 -24.28
N GLY E 149 -10.46 12.93 -25.46
CA GLY E 149 -11.13 13.15 -26.75
C GLY E 149 -12.42 12.36 -26.89
N PHE E 150 -12.64 11.38 -26.01
CA PHE E 150 -13.86 10.59 -25.98
C PHE E 150 -15.00 11.33 -25.29
N GLU E 151 -14.63 12.30 -24.44
CA GLU E 151 -15.61 13.07 -23.69
C GLU E 151 -15.65 14.50 -24.22
N ILE E 152 -14.47 15.06 -24.49
CA ILE E 152 -14.41 16.41 -25.03
C ILE E 152 -13.65 16.51 -26.35
N ASP E 153 -14.40 16.86 -27.40
CA ASP E 153 -13.85 17.10 -28.72
C ASP E 153 -13.59 18.60 -28.69
N LEU E 154 -12.32 18.96 -28.75
CA LEU E 154 -11.89 20.34 -28.66
C LEU E 154 -11.45 20.78 -30.05
N LYS E 155 -12.12 21.80 -30.59
CA LYS E 155 -11.88 22.32 -31.92
C LYS E 155 -11.49 23.81 -31.95
N THR E 156 -11.25 24.30 -33.17
CA THR E 156 -11.04 25.72 -33.47
C THR E 156 -11.83 25.93 -34.77
N ASP E 157 -11.95 27.18 -35.18
CA ASP E 157 -12.58 27.52 -36.47
C ASP E 157 -11.51 27.88 -37.51
N THR E 158 -10.35 28.33 -37.02
CA THR E 158 -9.17 28.68 -37.84
C THR E 158 -7.87 28.44 -37.06
N ASP E 159 -6.80 28.09 -37.77
CA ASP E 159 -5.51 27.84 -37.11
C ASP E 159 -4.72 29.12 -36.91
N GLN E 160 -5.40 30.25 -37.10
CA GLN E 160 -4.81 31.58 -37.02
C GLN E 160 -5.39 32.37 -35.84
N VAL E 161 -4.52 32.83 -34.95
CA VAL E 161 -4.96 33.64 -33.81
C VAL E 161 -5.38 35.02 -34.32
N ASP E 162 -6.41 35.61 -33.72
CA ASP E 162 -6.87 36.94 -34.14
C ASP E 162 -5.86 38.01 -33.65
N LEU E 163 -5.30 38.79 -34.57
CA LEU E 163 -4.29 39.80 -34.22
C LEU E 163 -4.72 41.22 -34.56
N SER E 164 -5.99 41.34 -34.95
CA SER E 164 -6.56 42.62 -35.31
C SER E 164 -6.69 43.52 -34.09
N SER E 165 -6.54 42.96 -32.89
CA SER E 165 -6.63 43.80 -31.69
C SER E 165 -5.29 43.87 -30.98
N TYR E 166 -4.22 43.42 -31.64
CA TYR E 166 -2.88 43.45 -31.02
C TYR E 166 -2.41 44.88 -30.87
N TYR E 167 -2.20 45.27 -29.61
CA TYR E 167 -1.74 46.61 -29.25
C TYR E 167 -0.78 47.16 -30.31
N ALA E 168 -1.24 48.22 -30.96
CA ALA E 168 -0.54 48.88 -32.08
C ALA E 168 0.89 49.32 -31.81
N SER E 169 1.19 49.60 -30.53
CA SER E 169 2.52 50.04 -30.15
C SER E 169 3.17 49.11 -29.12
N SER E 170 2.97 47.81 -29.29
CA SER E 170 3.57 46.82 -28.39
C SER E 170 5.10 46.85 -28.53
N LYS E 171 5.81 46.41 -27.51
CA LYS E 171 7.27 46.34 -27.58
C LYS E 171 7.70 45.27 -28.56
N TYR E 172 6.81 44.31 -28.74
CA TYR E 172 7.07 43.14 -29.56
C TYR E 172 6.27 43.11 -30.84
N GLU E 173 6.86 42.49 -31.85
CA GLU E 173 6.25 42.33 -33.16
C GLU E 173 5.96 40.84 -33.38
N ILE E 174 4.74 40.52 -33.78
CA ILE E 174 4.32 39.14 -34.00
C ILE E 174 4.63 38.68 -35.43
N LEU E 175 5.52 37.71 -35.55
CA LEU E 175 5.89 37.19 -36.86
C LEU E 175 4.88 36.17 -37.36
N SER E 176 4.26 35.47 -36.41
CA SER E 176 3.19 34.51 -36.69
C SER E 176 2.60 34.12 -35.34
N ALA E 177 1.29 33.87 -35.36
CA ALA E 177 0.54 33.48 -34.19
C ALA E 177 -0.59 32.55 -34.63
N THR E 178 -0.42 31.26 -34.34
CA THR E 178 -1.38 30.22 -34.71
C THR E 178 -1.86 29.39 -33.53
N GLN E 179 -3.08 28.87 -33.66
CA GLN E 179 -3.74 28.01 -32.67
C GLN E 179 -4.15 26.71 -33.37
N THR E 180 -3.29 25.70 -33.29
CA THR E 180 -3.54 24.46 -34.03
C THR E 180 -4.07 23.31 -33.18
N ARG E 181 -5.17 22.72 -33.63
CA ARG E 181 -5.74 21.54 -32.97
C ARG E 181 -4.88 20.30 -33.28
N GLN E 182 -4.75 19.40 -32.30
CA GLN E 182 -3.93 18.21 -32.44
C GLN E 182 -4.61 17.01 -31.81
N VAL E 183 -4.50 15.86 -32.46
CA VAL E 183 -5.08 14.63 -31.93
C VAL E 183 -3.92 13.67 -31.69
N GLN E 184 -3.77 13.26 -30.45
CA GLN E 184 -2.73 12.30 -30.08
C GLN E 184 -3.27 10.91 -29.82
N HIS E 185 -2.67 9.93 -30.48
CA HIS E 185 -3.03 8.53 -30.27
C HIS E 185 -1.84 7.83 -29.67
N TYR E 186 -2.08 7.28 -28.49
CA TYR E 186 -1.02 6.65 -27.73
C TYR E 186 -1.01 5.14 -27.82
N SER E 187 0.21 4.59 -27.89
CA SER E 187 0.41 3.15 -27.88
C SER E 187 -0.38 2.59 -26.70
N CYS E 188 -0.18 3.20 -25.53
CA CYS E 188 -0.85 2.77 -24.31
C CYS E 188 -2.36 2.73 -24.43
N CYS E 189 -2.93 3.73 -25.10
CA CYS E 189 -4.37 3.93 -24.96
C CYS E 189 -5.31 4.08 -26.16
N PRO E 190 -6.54 3.56 -26.01
CA PRO E 190 -7.61 3.58 -27.01
C PRO E 190 -8.34 4.92 -27.12
N GLU E 191 -8.42 5.65 -26.00
CA GLU E 191 -9.05 6.97 -25.99
C GLU E 191 -8.06 7.99 -26.55
N PRO E 192 -8.51 8.84 -27.49
CA PRO E 192 -7.55 9.81 -27.99
C PRO E 192 -7.46 11.04 -27.08
N TYR E 193 -6.38 11.79 -27.20
CA TYR E 193 -6.25 13.04 -26.47
C TYR E 193 -6.10 14.19 -27.45
N ILE E 194 -6.78 15.30 -27.13
CA ILE E 194 -6.81 16.43 -28.03
C ILE E 194 -6.47 17.69 -27.28
N ASP E 195 -5.73 18.56 -27.94
CA ASP E 195 -5.35 19.82 -27.35
C ASP E 195 -5.34 20.86 -28.45
N VAL E 196 -5.24 22.12 -28.06
CA VAL E 196 -5.04 23.21 -29.03
C VAL E 196 -3.69 23.82 -28.66
N ASN E 197 -2.76 23.82 -29.62
CA ASN E 197 -1.41 24.32 -29.40
C ASN E 197 -1.23 25.78 -29.83
N LEU E 198 -1.26 26.69 -28.86
CA LEU E 198 -1.05 28.09 -29.17
C LEU E 198 0.45 28.32 -29.37
N VAL E 199 0.86 28.65 -30.60
CA VAL E 199 2.27 28.89 -30.92
C VAL E 199 2.44 30.35 -31.38
N VAL E 200 3.39 31.07 -30.77
CA VAL E 200 3.61 32.49 -31.10
C VAL E 200 5.09 32.87 -31.30
N LYS E 201 5.42 33.39 -32.48
CA LYS E 201 6.78 33.84 -32.78
C LYS E 201 6.80 35.36 -32.91
N PHE E 202 7.73 35.97 -32.19
CA PHE E 202 7.84 37.41 -32.10
C PHE E 202 9.29 37.84 -31.86
N ARG E 203 9.52 39.15 -31.90
CA ARG E 203 10.82 39.75 -31.64
C ARG E 203 10.59 41.20 -31.21
N GLU E 204 11.64 41.85 -30.68
CA GLU E 204 11.53 43.25 -30.29
C GLU E 204 11.42 44.11 -31.54
N ARG E 205 10.40 44.98 -31.53
CA ARG E 205 10.00 45.84 -32.65
C ARG E 205 11.07 46.76 -33.28
N GLN F 1 33.24 -25.30 23.73
CA GLN F 1 32.85 -25.36 22.28
C GLN F 1 34.14 -25.42 21.52
N ALA F 2 35.11 -24.61 21.98
CA ALA F 2 36.42 -24.53 21.35
C ALA F 2 37.00 -25.93 21.05
N ASN F 3 37.02 -26.79 22.05
CA ASN F 3 37.57 -28.14 21.92
C ASN F 3 36.68 -29.13 21.21
N LEU F 4 35.43 -29.16 21.63
CA LEU F 4 34.43 -30.03 21.05
C LEU F 4 34.26 -29.71 19.57
N MET F 5 34.18 -28.42 19.25
CA MET F 5 34.11 -27.98 17.85
C MET F 5 35.30 -28.49 17.06
N ARG F 6 36.44 -28.63 17.73
CA ARG F 6 37.64 -29.12 17.05
C ARG F 6 37.59 -30.64 16.90
N LEU F 7 37.08 -31.31 17.92
CA LEU F 7 36.94 -32.78 17.92
C LEU F 7 36.01 -33.21 16.80
N LYS F 8 34.79 -32.69 16.82
CA LYS F 8 33.82 -32.98 15.77
C LYS F 8 34.41 -32.70 14.39
N SER F 9 35.15 -31.59 14.28
CA SER F 9 35.78 -31.20 13.02
C SER F 9 36.84 -32.23 12.64
N ASP F 10 37.73 -32.56 13.58
CA ASP F 10 38.75 -33.59 13.33
C ASP F 10 38.10 -34.91 12.96
N LEU F 11 37.16 -35.38 13.77
CA LEU F 11 36.53 -36.68 13.54
C LEU F 11 35.57 -36.81 12.35
N PHE F 12 34.87 -35.73 12.00
CA PHE F 12 33.92 -35.80 10.88
C PHE F 12 34.41 -35.14 9.59
N ASN F 13 35.35 -34.19 9.72
CA ASN F 13 35.96 -33.57 8.56
C ASN F 13 37.13 -34.41 8.05
N ARG F 14 37.83 -35.05 9.00
CA ARG F 14 39.16 -35.65 8.69
C ARG F 14 39.54 -36.88 7.89
N SER F 15 38.58 -37.89 7.82
CA SER F 15 39.00 -39.09 7.10
C SER F 15 37.71 -39.73 6.69
N PRO F 16 37.76 -40.50 5.59
CA PRO F 16 36.53 -40.92 4.93
C PRO F 16 35.54 -41.65 5.81
N MET F 17 34.29 -41.68 5.37
CA MET F 17 33.23 -42.40 6.07
C MET F 17 33.62 -43.87 6.19
N TYR F 18 33.26 -44.45 7.33
CA TYR F 18 33.46 -45.85 7.62
C TYR F 18 32.73 -46.68 6.55
N PRO F 19 33.47 -47.56 5.86
CA PRO F 19 32.82 -48.35 4.79
C PRO F 19 31.82 -49.41 5.29
N GLY F 20 31.75 -49.62 6.60
CA GLY F 20 30.89 -50.64 7.19
C GLY F 20 31.77 -51.81 7.62
N PRO F 21 31.19 -52.78 8.35
CA PRO F 21 32.00 -53.91 8.81
C PRO F 21 32.28 -54.90 7.69
N THR F 22 33.28 -55.75 7.90
CA THR F 22 33.62 -56.81 6.96
C THR F 22 34.01 -58.02 7.77
N LYS F 23 34.35 -59.10 7.05
CA LYS F 23 34.77 -60.34 7.68
C LYS F 23 36.05 -60.17 8.50
N ASP F 24 37.03 -59.46 7.96
CA ASP F 24 38.28 -59.20 8.69
C ASP F 24 38.09 -58.15 9.78
N ASP F 25 36.97 -57.43 9.70
CA ASP F 25 36.65 -56.38 10.65
C ASP F 25 35.18 -56.50 11.03
N PRO F 26 34.83 -57.55 11.79
CA PRO F 26 33.42 -57.66 12.16
C PRO F 26 33.04 -56.55 13.14
N LEU F 27 31.73 -56.43 13.38
CA LEU F 27 31.21 -55.41 14.27
C LEU F 27 30.12 -56.01 15.15
N THR F 28 30.22 -55.77 16.46
CA THR F 28 29.19 -56.23 17.40
C THR F 28 28.21 -55.10 17.67
N VAL F 29 26.93 -55.37 17.47
CA VAL F 29 25.87 -54.38 17.68
C VAL F 29 24.88 -54.93 18.69
N THR F 30 24.52 -54.13 19.69
CA THR F 30 23.60 -54.56 20.74
C THR F 30 22.20 -53.91 20.58
N LEU F 31 21.16 -54.73 20.60
CA LEU F 31 19.79 -54.27 20.34
C LEU F 31 18.91 -54.40 21.57
N GLY F 32 18.17 -53.35 21.89
CA GLY F 32 17.26 -53.38 23.02
C GLY F 32 15.99 -52.59 22.76
N PHE F 33 14.88 -53.04 23.35
CA PHE F 33 13.62 -52.33 23.19
C PHE F 33 12.96 -51.95 24.50
N THR F 34 12.41 -50.73 24.54
CA THR F 34 11.60 -50.24 25.66
C THR F 34 10.18 -50.10 25.08
N LEU F 35 9.29 -51.05 25.39
CA LEU F 35 7.92 -50.99 24.83
C LEU F 35 6.96 -50.03 25.57
N GLN F 36 6.44 -49.06 24.83
CA GLN F 36 5.53 -48.03 25.36
C GLN F 36 4.05 -48.37 25.17
N ASP F 37 3.70 -48.82 23.97
CA ASP F 37 2.34 -49.19 23.73
C ASP F 37 2.20 -50.03 22.46
N ILE F 38 1.07 -50.72 22.42
CA ILE F 38 0.62 -51.48 21.27
C ILE F 38 -0.50 -50.53 20.89
N VAL F 39 -0.21 -49.68 19.92
CA VAL F 39 -1.10 -48.57 19.54
C VAL F 39 -2.13 -48.84 18.45
N LYS F 40 -2.12 -50.03 17.88
CA LYS F 40 -3.13 -50.42 16.90
C LYS F 40 -3.09 -51.90 16.61
N VAL F 41 -4.28 -52.49 16.62
CA VAL F 41 -4.46 -53.89 16.32
C VAL F 41 -5.54 -53.97 15.23
N ASP F 42 -5.13 -54.32 14.01
CA ASP F 42 -6.07 -54.39 12.89
C ASP F 42 -6.29 -55.84 12.45
N SER F 43 -7.42 -56.42 12.86
CA SER F 43 -7.70 -57.82 12.53
C SER F 43 -8.36 -58.03 11.18
N SER F 44 -8.70 -56.95 10.48
CA SER F 44 -9.27 -57.08 9.15
C SER F 44 -8.16 -57.26 8.13
N THR F 45 -6.97 -56.72 8.44
CA THR F 45 -5.83 -56.82 7.53
C THR F 45 -4.66 -57.59 8.15
N ASN F 46 -4.79 -57.97 9.41
CA ASN F 46 -3.72 -58.67 10.15
C ASN F 46 -2.44 -57.85 10.31
N GLU F 47 -2.59 -56.68 10.92
CA GLU F 47 -1.47 -55.79 11.14
C GLU F 47 -1.53 -55.17 12.52
N VAL F 48 -0.44 -55.33 13.27
CA VAL F 48 -0.31 -54.73 14.59
C VAL F 48 0.73 -53.61 14.54
N ASP F 49 0.44 -52.53 15.24
CA ASP F 49 1.33 -51.38 15.38
C ASP F 49 1.90 -51.30 16.77
N LEU F 50 3.19 -50.98 16.86
CA LEU F 50 3.88 -50.81 18.12
C LEU F 50 4.60 -49.47 18.18
N VAL F 51 4.70 -48.90 19.37
CA VAL F 51 5.51 -47.69 19.61
C VAL F 51 6.43 -48.12 20.73
N TYR F 52 7.70 -47.78 20.59
CA TYR F 52 8.71 -48.22 21.52
C TYR F 52 9.99 -47.44 21.25
N TYR F 53 10.96 -47.51 22.17
CA TYR F 53 12.28 -46.92 21.94
C TYR F 53 13.21 -48.04 21.52
N GLU F 54 14.07 -47.75 20.54
CA GLU F 54 15.00 -48.75 20.06
C GLU F 54 16.42 -48.35 20.38
N GLN F 55 17.10 -49.14 21.21
CA GLN F 55 18.45 -48.81 21.55
C GLN F 55 19.41 -49.61 20.69
N GLN F 56 20.47 -48.94 20.27
CA GLN F 56 21.52 -49.57 19.47
C GLN F 56 22.87 -49.06 19.94
N ARG F 57 23.80 -49.98 20.21
CA ARG F 57 25.17 -49.60 20.61
C ARG F 57 26.21 -50.35 19.77
N TRP F 58 27.31 -49.68 19.42
CA TRP F 58 28.42 -50.31 18.70
C TRP F 58 29.71 -49.55 19.03
N LYS F 59 30.84 -50.00 18.49
CA LYS F 59 32.10 -49.34 18.81
C LYS F 59 33.04 -49.37 17.62
N LEU F 60 33.41 -48.19 17.15
CA LEU F 60 34.34 -48.08 16.03
C LEU F 60 35.67 -47.50 16.50
N ASN F 61 36.76 -48.15 16.12
CA ASN F 61 38.08 -47.64 16.47
C ASN F 61 38.33 -46.29 15.76
N SER F 62 37.61 -46.06 14.66
CA SER F 62 37.70 -44.83 13.88
C SER F 62 37.10 -43.62 14.60
N LEU F 63 36.30 -43.87 15.64
CA LEU F 63 35.67 -42.82 16.43
C LEU F 63 36.36 -42.57 17.76
N MET F 64 37.64 -42.89 17.81
CA MET F 64 38.43 -42.75 19.03
C MET F 64 39.31 -41.51 19.05
N TRP F 65 39.59 -41.04 20.26
CA TRP F 65 40.45 -39.89 20.48
C TRP F 65 41.01 -39.92 21.89
N ASP F 66 42.09 -39.18 22.10
CA ASP F 66 42.67 -39.05 23.43
C ASP F 66 42.19 -37.73 24.05
N PRO F 67 41.24 -37.83 25.01
CA PRO F 67 40.64 -36.73 25.77
C PRO F 67 41.62 -35.61 26.11
N ASN F 68 42.87 -35.99 26.40
CA ASN F 68 43.94 -35.05 26.73
C ASN F 68 44.31 -34.07 25.62
N GLU F 69 44.21 -34.50 24.37
CA GLU F 69 44.53 -33.63 23.24
C GLU F 69 43.30 -32.81 22.83
N TYR F 70 42.21 -32.97 23.59
CA TYR F 70 40.95 -32.26 23.33
C TYR F 70 40.34 -31.72 24.63
N GLY F 71 41.22 -31.23 25.52
CA GLY F 71 40.84 -30.62 26.80
C GLY F 71 40.02 -31.47 27.76
N ASN F 72 40.51 -32.69 28.05
CA ASN F 72 39.82 -33.60 28.97
C ASN F 72 38.36 -33.95 28.60
N ILE F 73 38.01 -33.89 27.32
CA ILE F 73 36.65 -34.25 26.86
C ILE F 73 36.55 -35.75 26.68
N THR F 74 35.60 -36.37 27.38
CA THR F 74 35.44 -37.83 27.30
C THR F 74 34.34 -38.35 26.37
N ASP F 75 33.45 -37.48 25.92
CA ASP F 75 32.35 -37.88 25.04
C ASP F 75 31.55 -36.69 24.52
N PHE F 76 30.60 -36.95 23.63
CA PHE F 76 29.71 -35.91 23.11
C PHE F 76 28.45 -36.43 22.45
N ARG F 77 27.51 -35.52 22.24
CA ARG F 77 26.28 -35.78 21.54
C ARG F 77 26.41 -35.21 20.15
N THR F 78 26.03 -36.02 19.16
CA THR F 78 26.05 -35.55 17.80
C THR F 78 24.89 -36.17 17.05
N SER F 79 24.50 -35.50 15.96
CA SER F 79 23.46 -35.98 15.08
C SER F 79 23.86 -37.34 14.52
N ALA F 80 22.90 -38.28 14.46
CA ALA F 80 23.17 -39.63 13.95
C ALA F 80 23.62 -39.60 12.49
N ALA F 81 23.19 -38.56 11.77
CA ALA F 81 23.52 -38.36 10.35
C ALA F 81 24.99 -38.02 10.09
N ASP F 82 25.74 -37.74 11.15
CA ASP F 82 27.17 -37.44 11.05
C ASP F 82 27.94 -38.74 11.06
N ILE F 83 27.25 -39.81 11.41
CA ILE F 83 27.89 -41.11 11.54
C ILE F 83 27.21 -42.21 10.78
N TRP F 84 27.90 -43.34 10.74
CA TRP F 84 27.43 -44.54 10.14
C TRP F 84 26.64 -45.19 11.25
N THR F 85 25.57 -45.85 10.88
CA THR F 85 24.73 -46.53 11.83
C THR F 85 24.54 -47.89 11.21
N PRO F 86 24.32 -48.93 12.03
CA PRO F 86 24.08 -50.25 11.47
C PRO F 86 22.74 -50.26 10.73
N ASP F 87 22.49 -51.28 9.91
CA ASP F 87 21.25 -51.35 9.12
C ASP F 87 20.22 -52.37 9.64
N ILE F 88 20.09 -52.45 10.96
CA ILE F 88 19.18 -53.41 11.62
C ILE F 88 17.70 -53.06 11.29
N THR F 89 16.91 -54.07 10.92
CA THR F 89 15.55 -53.84 10.38
C THR F 89 14.48 -54.91 10.69
N ALA F 90 13.25 -54.48 10.93
CA ALA F 90 12.16 -55.44 11.04
C ALA F 90 12.05 -56.12 9.66
N TYR F 91 12.18 -57.44 9.61
CA TYR F 91 12.14 -58.16 8.33
C TYR F 91 10.71 -58.37 7.81
N SER F 92 9.75 -57.94 8.60
CA SER F 92 8.39 -58.36 8.36
C SER F 92 7.35 -57.25 8.57
N SER F 93 7.73 -56.02 8.21
CA SER F 93 6.87 -54.85 8.35
C SER F 93 5.94 -54.64 7.17
N THR F 94 4.90 -53.86 7.42
CA THR F 94 3.88 -53.58 6.43
C THR F 94 3.90 -52.11 5.97
N ARG F 95 4.51 -51.24 6.76
CA ARG F 95 4.62 -49.84 6.37
C ARG F 95 6.02 -49.33 6.69
N PRO F 96 6.40 -48.18 6.11
CA PRO F 96 7.70 -47.62 6.45
C PRO F 96 7.73 -47.15 7.91
N VAL F 97 8.80 -47.54 8.59
CA VAL F 97 9.04 -47.25 9.99
C VAL F 97 8.94 -45.74 10.13
N GLN F 98 8.32 -45.29 11.21
CA GLN F 98 8.13 -43.86 11.44
C GLN F 98 8.96 -43.42 12.62
N VAL F 99 9.59 -42.27 12.47
CA VAL F 99 10.47 -41.77 13.52
C VAL F 99 9.81 -40.70 14.37
N LEU F 100 9.64 -41.03 15.65
CA LEU F 100 8.94 -40.15 16.58
C LEU F 100 9.84 -39.26 17.44
N SER F 101 11.14 -39.25 17.18
CA SER F 101 12.07 -38.47 18.02
C SER F 101 13.33 -37.98 17.30
N PRO F 102 14.06 -37.01 17.92
CA PRO F 102 15.31 -36.68 17.28
C PRO F 102 16.22 -37.92 17.23
N GLN F 103 17.03 -38.02 16.18
CA GLN F 103 17.97 -39.12 16.05
C GLN F 103 19.37 -38.56 16.35
N ILE F 104 19.78 -38.61 17.63
CA ILE F 104 21.08 -38.07 18.10
C ILE F 104 21.77 -39.12 18.95
N ALA F 105 23.04 -39.37 18.67
CA ALA F 105 23.77 -40.38 19.42
C ALA F 105 24.75 -39.78 20.42
N VAL F 106 25.31 -40.65 21.24
CA VAL F 106 26.40 -40.28 22.13
C VAL F 106 27.61 -41.08 21.64
N VAL F 107 28.72 -40.38 21.44
CA VAL F 107 29.97 -41.00 21.01
C VAL F 107 30.95 -40.85 22.17
N THR F 108 31.71 -41.91 22.46
CA THR F 108 32.67 -41.93 23.56
C THR F 108 34.08 -42.02 22.99
N HIS F 109 35.06 -41.45 23.71
CA HIS F 109 36.47 -41.43 23.26
C HIS F 109 36.99 -42.80 22.86
N ASP F 110 36.59 -43.82 23.62
CA ASP F 110 36.99 -45.20 23.32
C ASP F 110 36.30 -45.73 22.05
N GLY F 111 35.55 -44.87 21.37
CA GLY F 111 34.90 -45.23 20.10
C GLY F 111 33.48 -45.77 20.18
N SER F 112 32.93 -45.83 21.38
CA SER F 112 31.59 -46.36 21.59
C SER F 112 30.50 -45.42 21.10
N VAL F 113 29.47 -46.00 20.50
CA VAL F 113 28.34 -45.22 20.06
C VAL F 113 27.09 -45.84 20.62
N MET F 114 26.09 -45.00 20.91
CA MET F 114 24.72 -45.47 21.09
C MET F 114 23.72 -44.35 20.84
N PHE F 115 22.53 -44.72 20.38
CA PHE F 115 21.47 -43.76 20.14
C PHE F 115 20.18 -44.57 20.24
N ILE F 116 19.15 -43.98 20.83
CA ILE F 116 17.98 -44.73 21.27
C ILE F 116 16.75 -43.98 20.78
N PRO F 117 16.58 -43.92 19.47
CA PRO F 117 15.48 -43.18 18.87
C PRO F 117 14.13 -43.86 19.15
N ALA F 118 13.03 -43.12 19.03
CA ALA F 118 11.69 -43.69 19.19
C ALA F 118 11.10 -43.97 17.80
N GLN F 119 10.43 -45.12 17.64
CA GLN F 119 9.87 -45.55 16.35
C GLN F 119 8.41 -45.99 16.48
N ARG F 120 7.67 -46.03 15.37
CA ARG F 120 6.29 -46.56 15.31
C ARG F 120 6.29 -47.60 14.21
N LEU F 121 6.05 -48.86 14.56
CA LEU F 121 6.11 -49.95 13.56
C LEU F 121 4.80 -50.68 13.29
N SER F 122 4.54 -50.96 12.01
CA SER F 122 3.43 -51.82 11.63
C SER F 122 4.07 -53.08 11.06
N PHE F 123 3.77 -54.22 11.67
CA PHE F 123 4.30 -55.49 11.19
C PHE F 123 3.18 -56.50 11.06
N MET F 124 3.49 -57.61 10.40
CA MET F 124 2.52 -58.66 10.15
C MET F 124 2.12 -59.45 11.38
N CYS F 125 0.84 -59.38 11.73
CA CYS F 125 0.31 -60.17 12.86
C CYS F 125 -1.20 -60.39 12.79
N ASP F 126 -1.61 -61.64 13.00
CA ASP F 126 -3.02 -62.00 13.12
C ASP F 126 -3.32 -61.91 14.61
N PRO F 127 -4.18 -60.95 15.00
CA PRO F 127 -4.48 -60.65 16.40
C PRO F 127 -5.54 -61.54 17.07
N THR F 128 -6.16 -62.43 16.29
CA THR F 128 -7.21 -63.32 16.77
C THR F 128 -6.87 -64.00 18.10
N GLY F 129 -7.70 -63.73 19.10
CA GLY F 129 -7.49 -64.26 20.44
C GLY F 129 -7.01 -63.19 21.41
N VAL F 130 -6.90 -61.95 20.92
CA VAL F 130 -6.48 -60.83 21.75
C VAL F 130 -7.58 -60.54 22.77
N ASP F 131 -8.81 -60.87 22.40
CA ASP F 131 -9.99 -60.66 23.24
C ASP F 131 -10.26 -61.76 24.27
N SER F 132 -9.49 -62.85 24.20
CA SER F 132 -9.64 -63.96 25.15
C SER F 132 -8.69 -63.79 26.36
N GLU F 133 -8.66 -64.80 27.23
CA GLU F 133 -7.82 -64.79 28.41
C GLU F 133 -6.39 -65.23 28.08
N GLU F 134 -6.28 -66.13 27.10
CA GLU F 134 -5.00 -66.69 26.65
C GLU F 134 -4.15 -65.67 25.90
N GLY F 135 -4.82 -64.67 25.32
CA GLY F 135 -4.18 -63.60 24.55
C GLY F 135 -3.77 -64.03 23.15
N VAL F 136 -2.91 -63.22 22.53
CA VAL F 136 -2.36 -63.54 21.21
C VAL F 136 -0.87 -63.26 21.22
N THR F 137 -0.14 -63.95 20.36
CA THR F 137 1.30 -63.75 20.24
C THR F 137 1.63 -63.19 18.86
N CYS F 138 2.31 -62.04 18.87
CA CYS F 138 2.79 -61.39 17.66
C CYS F 138 4.31 -61.48 17.73
N ALA F 139 4.95 -61.61 16.56
CA ALA F 139 6.39 -61.70 16.49
C ALA F 139 6.88 -61.00 15.24
N VAL F 140 8.09 -60.46 15.33
CA VAL F 140 8.76 -59.76 14.22
C VAL F 140 10.25 -59.93 14.44
N LYS F 141 10.96 -60.23 13.36
CA LYS F 141 12.36 -60.55 13.41
C LYS F 141 13.20 -59.34 13.02
N PHE F 142 14.15 -59.01 13.89
CA PHE F 142 15.04 -57.89 13.67
C PHE F 142 16.42 -58.36 13.33
N GLY F 143 16.92 -57.89 12.20
CA GLY F 143 18.24 -58.26 11.80
C GLY F 143 18.71 -57.28 10.77
N SER F 144 20.01 -57.33 10.55
CA SER F 144 20.72 -56.56 9.56
C SER F 144 20.23 -56.93 8.18
N TRP F 145 20.04 -55.93 7.31
CA TRP F 145 19.47 -56.17 5.97
C TRP F 145 20.40 -56.82 4.92
N VAL F 146 21.72 -56.68 5.12
CA VAL F 146 22.73 -57.16 4.16
C VAL F 146 23.98 -57.83 4.76
N TYR F 147 24.16 -57.73 6.08
CA TYR F 147 25.33 -58.38 6.73
C TYR F 147 25.02 -59.71 7.38
N SER F 148 25.95 -60.65 7.26
CA SER F 148 25.83 -61.95 7.92
C SER F 148 26.47 -61.87 9.29
N GLY F 149 26.29 -62.94 10.07
CA GLY F 149 26.89 -63.07 11.40
C GLY F 149 28.39 -62.86 11.37
N PHE F 150 29.02 -63.05 10.19
CA PHE F 150 30.48 -62.83 10.04
C PHE F 150 30.92 -61.37 9.99
N GLU F 151 30.01 -60.49 9.59
CA GLU F 151 30.29 -59.06 9.46
C GLU F 151 29.68 -58.29 10.62
N ILE F 152 28.43 -58.61 10.94
CA ILE F 152 27.75 -58.02 12.09
C ILE F 152 27.23 -59.08 13.04
N ASP F 153 27.78 -59.08 14.24
CA ASP F 153 27.31 -59.94 15.31
C ASP F 153 26.26 -59.11 16.04
N LEU F 154 25.02 -59.61 16.06
CA LEU F 154 23.89 -58.91 16.68
C LEU F 154 23.50 -59.54 18.02
N LYS F 155 23.27 -58.69 19.03
CA LYS F 155 22.98 -59.16 20.39
C LYS F 155 21.92 -58.36 21.12
N THR F 156 21.51 -58.86 22.28
CA THR F 156 20.64 -58.12 23.19
C THR F 156 21.31 -58.32 24.55
N ASP F 157 21.30 -57.31 25.42
CA ASP F 157 21.87 -57.47 26.78
C ASP F 157 21.01 -58.34 27.69
N THR F 158 19.71 -58.22 27.55
CA THR F 158 18.78 -59.06 28.27
C THR F 158 17.85 -59.62 27.21
N ASP F 159 17.11 -60.69 27.54
CA ASP F 159 16.19 -61.25 26.58
C ASP F 159 14.79 -60.78 26.92
N GLN F 160 14.74 -59.87 27.89
CA GLN F 160 13.50 -59.31 28.39
C GLN F 160 13.30 -57.91 27.82
N VAL F 161 12.18 -57.70 27.13
CA VAL F 161 11.86 -56.36 26.62
C VAL F 161 11.66 -55.47 27.85
N ASP F 162 12.02 -54.20 27.73
CA ASP F 162 11.84 -53.27 28.84
C ASP F 162 10.37 -52.86 28.88
N LEU F 163 9.76 -52.95 30.05
CA LEU F 163 8.34 -52.62 30.20
C LEU F 163 8.05 -51.60 31.29
N SER F 164 9.10 -51.16 31.99
CA SER F 164 8.96 -50.20 33.08
C SER F 164 8.27 -48.89 32.66
N SER F 165 8.16 -48.66 31.35
CA SER F 165 7.49 -47.44 30.92
C SER F 165 6.32 -47.74 30.01
N TYR F 166 5.79 -48.95 30.11
CA TYR F 166 4.66 -49.34 29.29
C TYR F 166 3.45 -48.53 29.78
N TYR F 167 2.72 -47.93 28.83
CA TYR F 167 1.54 -47.10 29.15
C TYR F 167 0.71 -47.76 30.25
N ALA F 168 0.48 -47.03 31.35
CA ALA F 168 -0.30 -47.55 32.48
C ALA F 168 -1.77 -47.80 32.11
N SER F 169 -2.32 -47.00 31.20
CA SER F 169 -3.70 -47.18 30.74
C SER F 169 -3.82 -47.83 29.36
N SER F 170 -2.77 -48.51 28.91
CA SER F 170 -2.82 -49.17 27.61
C SER F 170 -4.11 -50.00 27.46
N LYS F 171 -4.59 -50.20 26.23
CA LYS F 171 -5.77 -51.04 25.99
C LYS F 171 -5.40 -52.49 26.28
N TYR F 172 -4.10 -52.76 26.34
CA TYR F 172 -3.64 -54.12 26.46
C TYR F 172 -2.91 -54.47 27.75
N GLU F 173 -2.58 -55.75 27.88
CA GLU F 173 -1.87 -56.24 29.05
C GLU F 173 -0.80 -57.15 28.49
N ILE F 174 0.46 -56.83 28.77
CA ILE F 174 1.56 -57.62 28.26
C ILE F 174 1.73 -58.87 29.13
N LEU F 175 1.43 -60.03 28.55
CA LEU F 175 1.55 -61.30 29.24
C LEU F 175 3.01 -61.71 29.28
N SER F 176 3.74 -61.31 28.23
CA SER F 176 5.18 -61.47 28.16
C SER F 176 5.62 -60.72 26.91
N ALA F 177 6.88 -60.33 26.90
CA ALA F 177 7.49 -59.60 25.80
C ALA F 177 8.99 -59.85 25.88
N THR F 178 9.53 -60.56 24.88
CA THR F 178 10.95 -60.92 24.85
C THR F 178 11.73 -60.48 23.60
N GLN F 179 13.05 -60.39 23.76
CA GLN F 179 14.00 -60.01 22.68
C GLN F 179 15.20 -60.97 22.76
N THR F 180 15.07 -62.05 22.01
CA THR F 180 16.04 -63.13 22.01
C THR F 180 16.90 -63.13 20.76
N ARG F 181 18.22 -63.21 20.94
CA ARG F 181 19.18 -63.35 19.85
C ARG F 181 19.18 -64.82 19.40
N GLN F 182 19.21 -65.04 18.08
CA GLN F 182 19.14 -66.40 17.50
C GLN F 182 20.11 -66.57 16.33
N VAL F 183 21.05 -67.51 16.46
CA VAL F 183 22.06 -67.76 15.41
C VAL F 183 21.69 -68.96 14.54
N GLN F 184 21.69 -68.72 13.22
CA GLN F 184 21.32 -69.74 12.26
C GLN F 184 22.45 -70.17 11.36
N HIS F 185 22.60 -71.48 11.27
CA HIS F 185 23.56 -72.10 10.38
C HIS F 185 22.73 -72.98 9.46
N TYR F 186 22.64 -72.60 8.20
CA TYR F 186 21.92 -73.40 7.23
C TYR F 186 22.92 -74.35 6.60
N SER F 187 22.45 -75.51 6.16
CA SER F 187 23.29 -76.55 5.57
C SER F 187 23.97 -76.07 4.30
N CYS F 188 23.25 -75.24 3.55
CA CYS F 188 23.72 -74.66 2.29
C CYS F 188 24.99 -73.85 2.43
N CYS F 189 25.03 -73.09 3.51
CA CYS F 189 26.01 -72.03 3.62
C CYS F 189 26.88 -72.03 4.87
N PRO F 190 28.20 -71.79 4.69
CA PRO F 190 29.14 -71.74 5.83
C PRO F 190 28.86 -70.58 6.80
N GLU F 191 28.37 -69.46 6.28
CA GLU F 191 28.14 -68.26 7.10
C GLU F 191 26.89 -68.30 8.00
N PRO F 192 27.05 -67.85 9.27
CA PRO F 192 25.92 -67.82 10.18
C PRO F 192 25.11 -66.56 9.99
N TYR F 193 23.83 -66.68 10.33
CA TYR F 193 22.88 -65.59 10.22
C TYR F 193 22.24 -65.33 11.58
N ILE F 194 22.00 -64.05 11.88
CA ILE F 194 21.51 -63.68 13.20
C ILE F 194 20.42 -62.64 13.22
N ASP F 195 19.38 -62.95 14.00
CA ASP F 195 18.33 -62.02 14.22
C ASP F 195 18.03 -61.93 15.72
N VAL F 196 17.53 -60.78 16.15
CA VAL F 196 17.00 -60.64 17.49
C VAL F 196 15.49 -60.75 17.21
N ASN F 197 14.78 -61.63 17.92
CA ASN F 197 13.36 -61.82 17.66
C ASN F 197 12.47 -61.21 18.74
N LEU F 198 11.65 -60.23 18.35
CA LEU F 198 10.73 -59.56 19.27
C LEU F 198 9.39 -60.30 19.32
N VAL F 199 9.16 -61.02 20.41
CA VAL F 199 7.90 -61.75 20.58
C VAL F 199 7.09 -61.10 21.69
N VAL F 200 5.82 -60.81 21.40
CA VAL F 200 4.93 -60.14 22.34
C VAL F 200 3.55 -60.82 22.48
N LYS F 201 3.30 -61.39 23.66
CA LYS F 201 2.02 -62.02 23.97
C LYS F 201 1.21 -61.00 24.76
N PHE F 202 -0.02 -60.73 24.34
CA PHE F 202 -0.86 -59.71 24.97
C PHE F 202 -2.36 -59.99 24.80
N ARG F 203 -3.16 -59.36 25.65
CA ARG F 203 -4.61 -59.50 25.59
C ARG F 203 -5.29 -58.17 25.93
N GLU F 204 -6.56 -58.05 25.56
CA GLU F 204 -7.35 -56.88 25.90
C GLU F 204 -7.49 -56.77 27.42
N ARG F 205 -7.47 -55.54 27.92
CA ARG F 205 -7.67 -55.24 29.33
C ARG F 205 -9.18 -55.30 29.60
N GLN G 1 39.28 -52.51 4.59
CA GLN G 1 39.25 -51.38 5.52
C GLN G 1 39.45 -49.96 5.01
N ALA G 2 40.73 -49.98 5.10
CA ALA G 2 41.77 -49.18 4.47
C ALA G 2 41.55 -49.66 3.04
N ASN G 3 42.06 -50.90 2.69
CA ASN G 3 41.88 -51.51 1.35
C ASN G 3 40.48 -51.30 0.75
N LEU G 4 39.45 -51.25 1.61
CA LEU G 4 38.07 -51.07 1.15
C LEU G 4 37.73 -49.61 0.84
N MET G 5 38.09 -48.70 1.75
CA MET G 5 37.84 -47.29 1.54
C MET G 5 38.41 -46.87 0.18
N ARG G 6 39.57 -47.44 -0.14
CA ARG G 6 40.25 -47.18 -1.41
C ARG G 6 39.59 -47.90 -2.59
N LEU G 7 39.01 -49.08 -2.36
CA LEU G 7 38.33 -49.75 -3.46
C LEU G 7 37.17 -48.89 -3.98
N LYS G 8 36.35 -48.43 -3.03
CA LYS G 8 35.19 -47.58 -3.33
C LYS G 8 35.64 -46.22 -3.84
N SER G 9 36.76 -45.74 -3.28
CA SER G 9 37.34 -44.46 -3.66
C SER G 9 37.73 -44.45 -5.15
N ASP G 10 38.07 -45.62 -5.68
CA ASP G 10 38.50 -45.75 -7.08
C ASP G 10 37.42 -46.11 -8.09
N LEU G 11 36.37 -46.80 -7.64
CA LEU G 11 35.29 -47.20 -8.54
C LEU G 11 34.26 -46.09 -8.68
N PHE G 12 34.06 -45.35 -7.59
CA PHE G 12 33.06 -44.30 -7.60
C PHE G 12 33.59 -42.92 -7.90
N ASN G 13 34.89 -42.82 -8.15
CA ASN G 13 35.50 -41.57 -8.60
C ASN G 13 36.67 -41.80 -9.54
N ARG G 14 36.44 -41.64 -10.83
CA ARG G 14 37.18 -42.37 -11.85
C ARG G 14 36.41 -42.52 -13.16
N SER G 15 35.13 -42.21 -13.11
CA SER G 15 34.39 -41.79 -14.30
C SER G 15 33.02 -41.36 -13.79
N PRO G 16 32.41 -40.41 -14.49
CA PRO G 16 30.97 -40.20 -14.40
C PRO G 16 30.24 -41.38 -13.76
N MET G 17 28.91 -41.37 -13.84
CA MET G 17 28.11 -42.53 -13.48
C MET G 17 27.73 -43.15 -14.81
N TYR G 18 27.57 -44.46 -14.77
CA TYR G 18 27.10 -45.22 -15.91
C TYR G 18 25.81 -44.54 -16.36
N PRO G 19 25.78 -44.10 -17.63
CA PRO G 19 24.65 -43.35 -18.21
C PRO G 19 23.47 -44.22 -18.63
N GLY G 20 23.50 -45.49 -18.27
CA GLY G 20 22.44 -46.39 -18.68
C GLY G 20 22.85 -47.12 -19.95
N PRO G 21 22.01 -48.06 -20.41
CA PRO G 21 22.30 -48.87 -21.58
C PRO G 21 21.80 -48.32 -22.92
N THR G 22 22.33 -48.91 -23.98
CA THR G 22 22.06 -48.51 -25.35
C THR G 22 21.91 -49.80 -26.16
N LYS G 23 21.53 -49.70 -27.44
CA LYS G 23 21.52 -50.92 -28.26
C LYS G 23 22.95 -51.39 -28.54
N ASP G 24 23.92 -50.48 -28.37
CA ASP G 24 25.31 -50.88 -28.46
C ASP G 24 25.69 -51.69 -27.22
N ASP G 25 25.09 -51.34 -26.08
CA ASP G 25 25.36 -52.05 -24.82
C ASP G 25 24.13 -52.39 -24.00
N PRO G 26 23.32 -53.36 -24.49
CA PRO G 26 22.16 -53.79 -23.72
C PRO G 26 22.56 -54.41 -22.37
N LEU G 27 21.56 -54.53 -21.49
CA LEU G 27 21.73 -55.09 -20.16
C LEU G 27 20.68 -56.13 -19.85
N THR G 28 21.10 -57.11 -19.08
CA THR G 28 20.20 -58.14 -18.61
C THR G 28 19.92 -57.86 -17.15
N VAL G 29 18.64 -57.84 -16.80
CA VAL G 29 18.24 -57.65 -15.42
C VAL G 29 17.44 -58.87 -15.03
N THR G 30 17.81 -59.45 -13.88
CA THR G 30 17.09 -60.60 -13.37
C THR G 30 16.18 -60.02 -12.30
N LEU G 31 14.88 -60.31 -12.41
CA LEU G 31 13.89 -59.81 -11.47
C LEU G 31 13.24 -60.96 -10.73
N GLY G 32 13.23 -60.87 -9.40
CA GLY G 32 12.65 -61.92 -8.57
C GLY G 32 11.82 -61.41 -7.40
N PHE G 33 10.68 -62.06 -7.17
CA PHE G 33 9.79 -61.70 -6.06
C PHE G 33 9.72 -62.80 -4.99
N THR G 34 9.50 -62.35 -3.77
CA THR G 34 9.46 -63.19 -2.59
C THR G 34 8.25 -62.64 -1.85
N LEU G 35 7.07 -63.13 -2.21
CA LEU G 35 5.82 -62.66 -1.61
C LEU G 35 5.74 -62.92 -0.12
N GLN G 36 5.65 -61.83 0.65
CA GLN G 36 5.58 -61.87 2.12
C GLN G 36 4.13 -61.90 2.60
N ASP G 37 3.28 -61.04 2.05
CA ASP G 37 1.84 -61.07 2.37
C ASP G 37 1.04 -60.20 1.40
N ILE G 38 -0.25 -60.51 1.30
CA ILE G 38 -1.25 -59.75 0.56
C ILE G 38 -1.91 -59.01 1.71
N VAL G 39 -1.49 -57.76 1.92
CA VAL G 39 -1.92 -57.01 3.10
C VAL G 39 -3.22 -56.24 3.02
N LYS G 40 -3.88 -56.24 1.87
CA LYS G 40 -5.10 -55.44 1.75
C LYS G 40 -5.83 -55.61 0.43
N VAL G 41 -7.16 -55.78 0.54
CA VAL G 41 -8.06 -55.99 -0.58
C VAL G 41 -9.22 -55.02 -0.49
N ASP G 42 -9.37 -54.15 -1.48
CA ASP G 42 -10.47 -53.19 -1.45
C ASP G 42 -11.41 -53.44 -2.62
N SER G 43 -12.54 -54.08 -2.31
CA SER G 43 -13.52 -54.45 -3.33
C SER G 43 -14.16 -53.21 -3.93
N SER G 44 -14.37 -52.20 -3.07
CA SER G 44 -14.98 -50.92 -3.45
C SER G 44 -14.15 -50.08 -4.42
N THR G 45 -12.84 -50.28 -4.45
CA THR G 45 -12.00 -49.47 -5.34
C THR G 45 -11.20 -50.27 -6.37
N ASN G 46 -11.12 -51.58 -6.16
CA ASN G 46 -10.38 -52.51 -7.03
C ASN G 46 -8.88 -52.28 -6.89
N GLU G 47 -8.43 -52.35 -5.64
CA GLU G 47 -7.05 -52.11 -5.30
C GLU G 47 -6.58 -53.22 -4.38
N VAL G 48 -5.38 -53.72 -4.62
CA VAL G 48 -4.81 -54.75 -3.78
C VAL G 48 -3.40 -54.36 -3.39
N ASP G 49 -3.08 -54.58 -2.11
CA ASP G 49 -1.78 -54.22 -1.56
C ASP G 49 -0.91 -55.43 -1.30
N LEU G 50 0.38 -55.28 -1.63
CA LEU G 50 1.35 -56.35 -1.48
C LEU G 50 2.64 -55.91 -0.80
N VAL G 51 3.22 -56.84 -0.07
CA VAL G 51 4.47 -56.66 0.63
C VAL G 51 5.28 -57.88 0.21
N TYR G 52 6.49 -57.61 -0.27
CA TYR G 52 7.37 -58.62 -0.82
C TYR G 52 8.79 -58.04 -0.96
N TYR G 53 9.78 -58.87 -1.26
CA TYR G 53 11.11 -58.34 -1.57
C TYR G 53 11.30 -58.45 -3.06
N GLU G 54 11.61 -57.33 -3.69
CA GLU G 54 11.87 -57.32 -5.10
C GLU G 54 13.37 -57.40 -5.28
N GLN G 55 13.81 -58.48 -5.91
CA GLN G 55 15.22 -58.77 -6.09
C GLN G 55 15.66 -58.45 -7.51
N GLN G 56 16.80 -57.76 -7.65
CA GLN G 56 17.33 -57.34 -8.95
C GLN G 56 18.85 -57.54 -9.11
N ARG G 57 19.23 -58.16 -10.23
CA ARG G 57 20.62 -58.44 -10.56
C ARG G 57 21.01 -57.90 -11.92
N TRP G 58 22.26 -57.41 -12.03
CA TRP G 58 22.85 -56.88 -13.27
C TRP G 58 24.39 -56.80 -13.13
N LYS G 59 25.09 -56.62 -14.24
CA LYS G 59 26.56 -56.55 -14.25
C LYS G 59 27.04 -55.36 -15.06
N LEU G 60 28.04 -54.66 -14.55
CA LEU G 60 28.61 -53.50 -15.25
C LEU G 60 30.13 -53.52 -15.24
N ASN G 61 30.71 -53.55 -16.44
CA ASN G 61 32.17 -53.54 -16.62
C ASN G 61 32.86 -52.43 -15.85
N SER G 62 32.19 -51.30 -15.69
CA SER G 62 32.75 -50.16 -14.96
C SER G 62 32.95 -50.45 -13.46
N LEU G 63 32.19 -51.40 -12.92
CA LEU G 63 32.33 -51.81 -11.52
C LEU G 63 33.10 -53.12 -11.43
N MET G 64 34.18 -53.19 -12.22
CA MET G 64 35.03 -54.37 -12.35
C MET G 64 36.36 -54.06 -11.68
N TRP G 65 36.94 -55.02 -10.96
CA TRP G 65 38.25 -54.83 -10.35
C TRP G 65 38.99 -56.14 -10.06
N ASP G 66 40.25 -55.99 -9.71
CA ASP G 66 41.15 -57.09 -9.38
C ASP G 66 41.49 -56.95 -7.90
N PRO G 67 41.05 -57.91 -7.08
CA PRO G 67 41.23 -57.97 -5.63
C PRO G 67 42.67 -57.79 -5.14
N ASN G 68 43.63 -58.16 -6.00
CA ASN G 68 45.06 -58.03 -5.69
C ASN G 68 45.52 -56.63 -5.36
N GLU G 69 44.78 -55.67 -5.89
CA GLU G 69 45.07 -54.27 -5.72
C GLU G 69 44.26 -53.78 -4.52
N TYR G 70 43.47 -54.68 -3.95
CA TYR G 70 42.55 -54.34 -2.87
C TYR G 70 42.42 -55.38 -1.77
N GLY G 71 43.56 -55.84 -1.25
CA GLY G 71 43.60 -56.81 -0.14
C GLY G 71 42.84 -58.11 -0.30
N ASN G 72 42.54 -58.48 -1.56
CA ASN G 72 41.79 -59.70 -1.86
C ASN G 72 40.29 -59.56 -1.51
N ILE G 73 39.75 -58.39 -1.85
CA ILE G 73 38.34 -58.04 -1.64
C ILE G 73 37.56 -58.40 -2.91
N THR G 74 36.61 -59.33 -2.79
CA THR G 74 35.83 -59.80 -3.92
C THR G 74 34.48 -59.10 -4.08
N ASP G 75 34.03 -58.46 -3.00
CA ASP G 75 32.77 -57.76 -3.01
C ASP G 75 32.64 -56.77 -1.86
N PHE G 76 31.57 -55.97 -1.91
CA PHE G 76 31.28 -55.02 -0.85
C PHE G 76 29.83 -54.57 -0.91
N ARG G 77 29.37 -54.06 0.21
CA ARG G 77 28.04 -53.50 0.31
C ARG G 77 28.16 -51.99 0.24
N THR G 78 27.17 -51.38 -0.38
CA THR G 78 27.14 -49.94 -0.50
C THR G 78 25.72 -49.49 -0.77
N SER G 79 25.41 -48.29 -0.31
CA SER G 79 24.12 -47.66 -0.55
C SER G 79 23.81 -47.67 -2.03
N ALA G 80 22.57 -48.02 -2.39
CA ALA G 80 22.17 -48.04 -3.80
C ALA G 80 22.19 -46.66 -4.48
N ALA G 81 22.22 -45.60 -3.66
CA ALA G 81 22.30 -44.24 -4.19
C ALA G 81 23.73 -43.90 -4.68
N ASP G 82 24.67 -44.82 -4.46
CA ASP G 82 26.04 -44.63 -4.92
C ASP G 82 26.18 -45.13 -6.35
N ILE G 83 25.28 -46.02 -6.74
CA ILE G 83 25.32 -46.67 -8.04
C ILE G 83 24.11 -46.37 -8.92
N TRP G 84 24.18 -46.89 -10.14
CA TRP G 84 23.11 -46.79 -11.11
C TRP G 84 22.22 -47.97 -10.82
N THR G 85 20.92 -47.83 -11.08
CA THR G 85 19.99 -48.92 -10.83
C THR G 85 18.96 -48.94 -11.95
N PRO G 86 18.57 -50.14 -12.42
CA PRO G 86 17.54 -50.30 -13.45
C PRO G 86 16.27 -49.51 -13.12
N ASP G 87 15.47 -49.22 -14.13
CA ASP G 87 14.22 -48.49 -13.90
C ASP G 87 13.02 -49.42 -13.90
N ILE G 88 13.23 -50.64 -13.43
CA ILE G 88 12.20 -51.68 -13.43
C ILE G 88 11.03 -51.28 -12.51
N THR G 89 9.86 -51.02 -13.13
CA THR G 89 8.66 -50.53 -12.45
C THR G 89 7.37 -51.27 -12.80
N ALA G 90 6.46 -51.29 -11.83
CA ALA G 90 5.12 -51.84 -12.01
C ALA G 90 4.32 -50.86 -12.86
N TYR G 91 3.80 -51.35 -14.00
CA TYR G 91 3.03 -50.55 -14.98
C TYR G 91 1.57 -50.22 -14.57
N SER G 92 1.07 -50.93 -13.56
CA SER G 92 -0.31 -50.82 -13.04
C SER G 92 -0.48 -50.37 -11.59
N SER G 93 0.58 -49.87 -10.96
CA SER G 93 0.50 -49.43 -9.57
C SER G 93 -0.51 -48.31 -9.40
N THR G 94 -1.11 -48.18 -8.22
CA THR G 94 -2.09 -47.09 -8.03
C THR G 94 -1.64 -46.04 -7.01
N ARG G 95 -0.64 -46.39 -6.22
CA ARG G 95 -0.06 -45.41 -5.31
C ARG G 95 1.45 -45.59 -5.48
N PRO G 96 2.27 -44.64 -4.98
CA PRO G 96 3.71 -44.83 -5.15
C PRO G 96 4.17 -46.00 -4.30
N VAL G 97 5.16 -46.76 -4.74
CA VAL G 97 5.66 -47.85 -3.92
C VAL G 97 6.18 -47.22 -2.65
N GLN G 98 6.16 -48.00 -1.58
CA GLN G 98 6.73 -47.57 -0.32
C GLN G 98 7.83 -48.57 -0.03
N VAL G 99 9.03 -48.03 0.14
CA VAL G 99 10.20 -48.82 0.48
C VAL G 99 10.13 -49.03 2.00
N LEU G 100 10.12 -50.29 2.42
CA LEU G 100 10.03 -50.61 3.82
C LEU G 100 11.36 -51.16 4.31
N SER G 101 12.47 -50.74 3.71
CA SER G 101 13.79 -51.26 4.13
C SER G 101 14.99 -50.45 3.67
N PRO G 102 16.17 -50.74 4.24
CA PRO G 102 17.29 -50.03 3.68
C PRO G 102 17.42 -50.46 2.22
N GLN G 103 18.03 -49.61 1.42
CA GLN G 103 18.27 -49.85 0.01
C GLN G 103 19.77 -49.87 -0.14
N ILE G 104 20.32 -51.07 -0.08
CA ILE G 104 21.77 -51.27 -0.04
C ILE G 104 22.12 -52.46 -0.92
N ALA G 105 23.15 -52.29 -1.74
CA ALA G 105 23.54 -53.33 -2.69
C ALA G 105 24.90 -54.00 -2.43
N VAL G 106 25.08 -55.17 -3.03
CA VAL G 106 26.38 -55.85 -3.01
C VAL G 106 26.97 -55.73 -4.41
N VAL G 107 28.28 -55.47 -4.47
CA VAL G 107 29.01 -55.33 -5.73
C VAL G 107 30.20 -56.29 -5.72
N THR G 108 30.31 -57.12 -6.77
CA THR G 108 31.35 -58.14 -6.90
C THR G 108 32.44 -57.67 -7.85
N HIS G 109 33.70 -58.07 -7.58
CA HIS G 109 34.84 -57.66 -8.41
C HIS G 109 34.67 -57.88 -9.91
N ASP G 110 33.66 -58.68 -10.28
CA ASP G 110 33.39 -58.96 -11.68
C ASP G 110 32.30 -58.03 -12.23
N GLY G 111 31.77 -57.16 -11.37
CA GLY G 111 30.74 -56.20 -11.78
C GLY G 111 29.29 -56.53 -11.49
N SER G 112 29.01 -57.70 -10.92
CA SER G 112 27.62 -58.03 -10.61
C SER G 112 27.12 -57.09 -9.52
N VAL G 113 25.79 -57.01 -9.43
CA VAL G 113 25.11 -56.17 -8.46
C VAL G 113 23.76 -56.81 -8.18
N MET G 114 23.34 -56.75 -6.92
CA MET G 114 21.98 -57.13 -6.54
C MET G 114 21.58 -56.37 -5.29
N PHE G 115 20.34 -55.91 -5.25
CA PHE G 115 19.77 -55.38 -4.01
C PHE G 115 18.31 -55.83 -4.01
N ILE G 116 17.86 -56.38 -2.88
CA ILE G 116 16.46 -56.74 -2.70
C ILE G 116 15.83 -55.93 -1.58
N PRO G 117 15.26 -54.78 -1.93
CA PRO G 117 14.58 -53.93 -0.96
C PRO G 117 13.20 -54.51 -0.66
N ALA G 118 12.69 -54.27 0.54
CA ALA G 118 11.32 -54.68 0.90
C ALA G 118 10.38 -53.63 0.36
N GLN G 119 9.14 -54.02 0.03
CA GLN G 119 8.23 -53.09 -0.62
C GLN G 119 6.72 -53.27 -0.47
N ARG G 120 6.01 -52.16 -0.32
CA ARG G 120 4.57 -52.18 -0.29
C ARG G 120 4.04 -51.61 -1.60
N LEU G 121 3.37 -52.44 -2.39
CA LEU G 121 2.81 -52.05 -3.67
C LEU G 121 1.29 -52.14 -3.61
N SER G 122 0.63 -51.08 -4.09
CA SER G 122 -0.82 -51.00 -4.20
C SER G 122 -1.08 -51.02 -5.71
N PHE G 123 -1.82 -52.00 -6.20
CA PHE G 123 -2.03 -52.10 -7.66
C PHE G 123 -3.47 -52.37 -8.08
N MET G 124 -3.71 -52.31 -9.39
CA MET G 124 -5.04 -52.52 -9.96
C MET G 124 -5.54 -53.98 -9.94
N CYS G 125 -6.60 -54.24 -9.16
CA CYS G 125 -7.21 -55.56 -9.12
C CYS G 125 -8.65 -55.63 -8.61
N ASP G 126 -9.54 -56.15 -9.46
CA ASP G 126 -10.92 -56.43 -9.07
C ASP G 126 -10.87 -57.78 -8.36
N PRO G 127 -11.05 -57.76 -7.03
CA PRO G 127 -10.95 -58.94 -6.19
C PRO G 127 -12.25 -59.71 -5.90
N THR G 128 -13.35 -59.36 -6.57
CA THR G 128 -14.60 -60.07 -6.33
C THR G 128 -14.40 -61.54 -6.68
N GLY G 129 -14.76 -62.41 -5.73
CA GLY G 129 -14.60 -63.85 -5.91
C GLY G 129 -13.58 -64.42 -4.93
N VAL G 130 -12.87 -63.53 -4.24
CA VAL G 130 -11.82 -63.91 -3.29
C VAL G 130 -12.37 -64.68 -2.09
N ASP G 131 -13.64 -64.42 -1.77
CA ASP G 131 -14.31 -65.06 -0.63
C ASP G 131 -14.80 -66.48 -0.90
N SER G 132 -14.52 -67.03 -2.08
CA SER G 132 -14.96 -68.37 -2.42
C SER G 132 -13.81 -69.27 -2.89
N GLU G 133 -14.06 -70.58 -2.89
CA GLU G 133 -13.07 -71.59 -3.33
C GLU G 133 -12.34 -71.25 -4.62
N GLU G 134 -13.09 -70.84 -5.65
CA GLU G 134 -12.52 -70.50 -6.95
C GLU G 134 -11.38 -69.50 -6.82
N GLY G 135 -11.49 -68.61 -5.83
CA GLY G 135 -10.51 -67.57 -5.56
C GLY G 135 -10.61 -66.41 -6.54
N VAL G 136 -9.56 -65.58 -6.57
CA VAL G 136 -9.46 -64.49 -7.54
C VAL G 136 -8.01 -64.39 -7.99
N THR G 137 -7.81 -63.99 -9.24
CA THR G 137 -6.49 -63.84 -9.81
C THR G 137 -6.21 -62.35 -10.09
N CYS G 138 -5.05 -61.89 -9.64
CA CYS G 138 -4.61 -60.51 -9.87
C CYS G 138 -3.30 -60.56 -10.65
N ALA G 139 -3.02 -59.50 -11.41
CA ALA G 139 -1.83 -59.43 -12.24
C ALA G 139 -1.31 -58.00 -12.38
N VAL G 140 0.01 -57.88 -12.50
CA VAL G 140 0.67 -56.59 -12.71
C VAL G 140 2.00 -56.82 -13.45
N LYS G 141 2.19 -56.11 -14.55
CA LYS G 141 3.42 -56.26 -15.33
C LYS G 141 4.50 -55.33 -14.79
N PHE G 142 5.72 -55.83 -14.80
CA PHE G 142 6.89 -55.07 -14.38
C PHE G 142 7.82 -55.01 -15.58
N GLY G 143 8.34 -53.82 -15.88
CA GLY G 143 9.32 -53.67 -16.95
C GLY G 143 10.16 -52.41 -16.75
N SER G 144 11.08 -52.14 -17.67
CA SER G 144 11.82 -50.88 -17.64
C SER G 144 10.81 -49.77 -17.91
N TRP G 145 11.10 -48.53 -17.52
CA TRP G 145 10.14 -47.47 -17.84
C TRP G 145 10.41 -46.88 -19.22
N VAL G 146 11.70 -46.79 -19.58
CA VAL G 146 12.10 -46.16 -20.84
C VAL G 146 12.78 -47.07 -21.86
N TYR G 147 13.35 -48.17 -21.39
CA TYR G 147 14.08 -49.09 -22.26
C TYR G 147 13.27 -50.25 -22.83
N SER G 148 13.52 -50.52 -24.11
CA SER G 148 12.89 -51.61 -24.82
C SER G 148 13.81 -52.83 -24.79
N GLY G 149 13.33 -53.93 -25.38
CA GLY G 149 14.10 -55.16 -25.46
C GLY G 149 15.53 -54.96 -25.91
N PHE G 150 15.77 -53.98 -26.79
CA PHE G 150 17.12 -53.68 -27.28
C PHE G 150 18.12 -53.07 -26.29
N GLU G 151 17.65 -52.34 -25.27
CA GLU G 151 18.61 -51.82 -24.28
C GLU G 151 18.59 -52.65 -23.01
N ILE G 152 17.39 -53.11 -22.60
CA ILE G 152 17.28 -53.94 -21.41
C ILE G 152 16.52 -55.25 -21.66
N ASP G 153 17.29 -56.33 -21.62
CA ASP G 153 16.77 -57.69 -21.72
C ASP G 153 16.43 -57.98 -20.27
N LEU G 154 15.16 -58.30 -20.03
CA LEU G 154 14.68 -58.50 -18.67
C LEU G 154 14.31 -59.96 -18.44
N LYS G 155 14.98 -60.58 -17.47
CA LYS G 155 14.78 -61.99 -17.14
C LYS G 155 14.32 -62.22 -15.71
N THR G 156 13.93 -63.48 -15.46
CA THR G 156 13.61 -64.01 -14.15
C THR G 156 14.30 -65.37 -14.17
N ASP G 157 14.92 -65.76 -13.07
CA ASP G 157 15.56 -67.09 -12.99
C ASP G 157 14.56 -68.26 -12.80
N THR G 158 13.28 -67.95 -12.64
CA THR G 158 12.22 -68.97 -12.44
C THR G 158 10.81 -68.38 -12.53
N ASP G 159 9.86 -69.16 -13.03
CA ASP G 159 8.48 -68.65 -13.16
C ASP G 159 7.63 -68.76 -11.90
N GLN G 160 8.27 -69.15 -10.80
CA GLN G 160 7.59 -69.30 -9.52
C GLN G 160 8.04 -68.25 -8.51
N VAL G 161 7.08 -67.49 -7.98
CA VAL G 161 7.37 -66.50 -6.95
C VAL G 161 7.74 -67.27 -5.70
N ASP G 162 8.85 -66.88 -5.08
CA ASP G 162 9.28 -67.50 -3.84
C ASP G 162 8.20 -67.27 -2.78
N LEU G 163 7.69 -68.36 -2.21
CA LEU G 163 6.63 -68.26 -1.20
C LEU G 163 7.05 -68.85 0.13
N SER G 164 8.34 -69.16 0.26
CA SER G 164 8.87 -69.76 1.48
C SER G 164 8.72 -68.84 2.69
N SER G 165 8.60 -67.54 2.47
CA SER G 165 8.38 -66.68 3.62
C SER G 165 6.99 -66.01 3.56
N TYR G 166 6.05 -66.65 2.87
CA TYR G 166 4.70 -66.13 2.86
C TYR G 166 4.21 -66.29 4.30
N TYR G 167 3.81 -65.18 4.91
CA TYR G 167 3.33 -65.17 6.29
C TYR G 167 2.23 -66.23 6.53
N ALA G 168 2.36 -66.98 7.62
CA ALA G 168 1.52 -68.16 7.93
C ALA G 168 0.06 -67.98 8.40
N SER G 169 -0.23 -66.86 9.06
CA SER G 169 -1.57 -66.61 9.57
C SER G 169 -2.25 -65.52 8.77
N SER G 170 -1.94 -65.50 7.48
CA SER G 170 -2.46 -64.51 6.55
C SER G 170 -3.96 -64.71 6.37
N LYS G 171 -4.68 -63.62 6.10
CA LYS G 171 -6.11 -63.75 5.79
C LYS G 171 -6.26 -64.57 4.52
N TYR G 172 -5.23 -64.48 3.68
CA TYR G 172 -5.23 -65.08 2.37
C TYR G 172 -4.34 -66.30 2.17
N GLU G 173 -4.79 -67.16 1.26
CA GLU G 173 -4.13 -68.38 0.89
C GLU G 173 -3.76 -68.27 -0.59
N ILE G 174 -2.53 -68.66 -0.93
CA ILE G 174 -2.04 -68.53 -2.31
C ILE G 174 -2.23 -69.80 -3.13
N LEU G 175 -3.08 -69.68 -4.15
CA LEU G 175 -3.37 -70.82 -5.02
C LEU G 175 -2.21 -71.02 -5.98
N SER G 176 -1.67 -69.91 -6.47
CA SER G 176 -0.47 -69.93 -7.29
C SER G 176 0.09 -68.52 -7.36
N ALA G 177 1.40 -68.43 -7.54
CA ALA G 177 2.09 -67.14 -7.66
C ALA G 177 3.26 -67.28 -8.64
N THR G 178 3.06 -66.77 -9.85
CA THR G 178 4.05 -66.91 -10.92
C THR G 178 4.60 -65.58 -11.42
N GLN G 179 5.87 -65.60 -11.84
CA GLN G 179 6.55 -64.43 -12.39
C GLN G 179 7.19 -64.80 -13.74
N THR G 180 6.43 -64.59 -14.82
CA THR G 180 6.84 -65.02 -16.15
C THR G 180 7.32 -63.90 -17.08
N ARG G 181 8.48 -64.09 -17.71
CA ARG G 181 9.03 -63.14 -18.68
C ARG G 181 8.27 -63.23 -20.00
N GLN G 182 7.97 -62.08 -20.58
CA GLN G 182 7.25 -62.02 -21.84
C GLN G 182 7.91 -61.05 -22.80
N VAL G 183 8.03 -61.47 -24.05
CA VAL G 183 8.64 -60.67 -25.09
C VAL G 183 7.52 -60.34 -26.07
N GLN G 184 7.50 -59.11 -26.55
CA GLN G 184 6.48 -58.66 -27.48
C GLN G 184 7.17 -58.09 -28.70
N HIS G 185 6.63 -58.40 -29.86
CA HIS G 185 7.05 -57.73 -31.09
C HIS G 185 5.75 -57.12 -31.59
N TYR G 186 5.79 -55.84 -31.91
CA TYR G 186 4.57 -55.17 -32.35
C TYR G 186 4.53 -54.97 -33.86
N SER G 187 3.30 -54.89 -34.37
CA SER G 187 3.07 -54.69 -35.79
C SER G 187 3.87 -53.47 -36.27
N CYS G 188 3.88 -52.44 -35.44
CA CYS G 188 4.52 -51.16 -35.72
C CYS G 188 6.03 -51.09 -35.63
N CYS G 189 6.59 -51.88 -34.72
CA CYS G 189 7.94 -51.59 -34.28
C CYS G 189 9.01 -52.69 -34.32
N PRO G 190 10.22 -52.34 -34.83
CA PRO G 190 11.36 -53.24 -34.89
C PRO G 190 11.71 -53.86 -33.53
N GLU G 191 12.17 -53.00 -32.60
CA GLU G 191 12.53 -53.41 -31.23
C GLU G 191 11.45 -54.21 -30.51
N PRO G 192 11.86 -55.20 -29.69
CA PRO G 192 10.92 -55.97 -28.90
C PRO G 192 10.74 -55.34 -27.51
N TYR G 193 9.59 -55.58 -26.89
CA TYR G 193 9.33 -55.08 -25.55
C TYR G 193 9.06 -56.19 -24.57
N ILE G 194 9.91 -56.25 -23.54
CA ILE G 194 9.85 -57.30 -22.53
C ILE G 194 9.11 -56.85 -21.27
N ASP G 195 8.97 -57.77 -20.32
CA ASP G 195 8.30 -57.51 -19.04
C ASP G 195 8.07 -58.81 -18.31
N VAL G 196 8.01 -58.72 -16.99
CA VAL G 196 7.77 -59.87 -16.14
C VAL G 196 6.41 -59.63 -15.54
N ASN G 197 5.50 -60.54 -15.85
CA ASN G 197 4.11 -60.45 -15.45
C ASN G 197 3.85 -61.24 -14.14
N LEU G 198 3.64 -60.51 -13.06
CA LEU G 198 3.40 -61.13 -11.75
C LEU G 198 1.93 -61.51 -11.59
N VAL G 199 1.65 -62.81 -11.64
CA VAL G 199 0.28 -63.29 -11.53
C VAL G 199 0.13 -64.08 -10.25
N VAL G 200 -0.88 -63.71 -9.46
CA VAL G 200 -1.13 -64.35 -8.17
C VAL G 200 -2.60 -64.69 -7.99
N LYS G 201 -2.91 -65.99 -7.94
CA LYS G 201 -4.27 -66.41 -7.65
C LYS G 201 -4.31 -66.67 -6.16
N PHE G 202 -5.39 -66.25 -5.50
CA PHE G 202 -5.50 -66.39 -4.06
C PHE G 202 -6.96 -66.30 -3.60
N ARG G 203 -7.21 -66.61 -2.32
CA ARG G 203 -8.55 -66.52 -1.74
C ARG G 203 -8.50 -66.43 -0.21
N GLU G 204 -9.62 -66.00 0.39
CA GLU G 204 -9.75 -65.92 1.84
C GLU G 204 -9.68 -67.32 2.42
N ARG G 205 -9.07 -67.44 3.60
CA ARG G 205 -8.91 -68.75 4.25
C ARG G 205 -10.22 -69.44 4.63
N GLN H 1 29.95 -46.11 -24.15
CA GLN H 1 29.45 -45.29 -23.00
C GLN H 1 30.08 -43.92 -23.08
N ALA H 2 31.36 -43.88 -23.43
CA ALA H 2 32.14 -42.65 -23.54
C ALA H 2 31.39 -41.56 -24.29
N ASN H 3 31.10 -41.81 -25.57
CA ASN H 3 30.36 -40.84 -26.40
C ASN H 3 29.09 -40.34 -25.73
N LEU H 4 28.38 -41.24 -25.05
CA LEU H 4 27.16 -40.87 -24.33
C LEU H 4 27.50 -40.04 -23.10
N MET H 5 28.51 -40.47 -22.34
CA MET H 5 28.98 -39.69 -21.21
C MET H 5 29.43 -38.31 -21.70
N ARG H 6 30.16 -38.27 -22.83
CA ARG H 6 30.63 -37.02 -23.42
C ARG H 6 29.51 -36.12 -23.96
N LEU H 7 28.43 -36.71 -24.48
CA LEU H 7 27.31 -35.92 -24.99
C LEU H 7 26.56 -35.21 -23.86
N LYS H 8 26.00 -35.99 -22.94
CA LYS H 8 25.28 -35.45 -21.78
C LYS H 8 26.14 -34.38 -21.11
N SER H 9 27.39 -34.74 -20.79
CA SER H 9 28.33 -33.82 -20.16
C SER H 9 28.39 -32.47 -20.87
N ASP H 10 28.40 -32.51 -22.20
CA ASP H 10 28.44 -31.27 -22.97
C ASP H 10 27.12 -30.52 -22.91
N LEU H 11 26.02 -31.24 -23.13
CA LEU H 11 24.67 -30.65 -23.11
C LEU H 11 24.29 -29.97 -21.82
N PHE H 12 24.77 -30.48 -20.69
CA PHE H 12 24.39 -29.94 -19.40
C PHE H 12 25.45 -29.12 -18.70
N ASN H 13 26.55 -29.77 -18.32
CA ASN H 13 27.63 -29.09 -17.60
C ASN H 13 28.24 -27.90 -18.35
N ARG H 14 28.01 -27.82 -19.65
CA ARG H 14 28.65 -26.76 -20.44
C ARG H 14 27.76 -25.65 -21.06
N SER H 15 26.60 -25.41 -20.44
CA SER H 15 25.69 -24.32 -20.81
C SER H 15 24.81 -24.02 -19.59
N PRO H 16 24.24 -22.80 -19.48
CA PRO H 16 23.39 -22.57 -18.31
C PRO H 16 21.98 -23.12 -18.55
N MET H 17 21.18 -23.23 -17.49
CA MET H 17 19.80 -23.76 -17.61
C MET H 17 18.86 -22.94 -18.50
N TYR H 18 18.23 -23.59 -19.47
CA TYR H 18 17.22 -22.95 -20.30
C TYR H 18 16.27 -22.33 -19.28
N PRO H 19 15.97 -21.03 -19.44
CA PRO H 19 15.16 -20.32 -18.46
C PRO H 19 13.68 -20.25 -18.84
N GLY H 20 13.22 -21.23 -19.61
CA GLY H 20 11.84 -21.25 -20.04
C GLY H 20 11.65 -20.34 -21.24
N PRO H 21 10.42 -20.34 -21.78
CA PRO H 21 10.06 -19.55 -22.95
C PRO H 21 9.70 -18.11 -22.62
N THR H 22 9.53 -17.31 -23.67
CA THR H 22 9.14 -15.90 -23.55
C THR H 22 8.27 -15.57 -24.76
N LYS H 23 7.75 -14.33 -24.83
CA LYS H 23 6.97 -13.89 -25.98
C LYS H 23 7.77 -13.96 -27.28
N ASP H 24 9.01 -13.47 -27.22
CA ASP H 24 9.90 -13.42 -28.38
C ASP H 24 10.37 -14.80 -28.78
N ASP H 25 10.21 -15.77 -27.86
CA ASP H 25 10.69 -17.13 -28.09
C ASP H 25 9.80 -18.18 -27.47
N PRO H 26 8.61 -18.38 -28.07
CA PRO H 26 7.65 -19.30 -27.47
C PRO H 26 8.05 -20.75 -27.64
N LEU H 27 7.20 -21.62 -27.11
CA LEU H 27 7.45 -23.04 -27.13
C LEU H 27 6.14 -23.79 -27.27
N THR H 28 6.15 -24.77 -28.16
CA THR H 28 5.01 -25.63 -28.33
C THR H 28 5.25 -26.80 -27.41
N VAL H 29 4.20 -27.16 -26.68
CA VAL H 29 4.21 -28.26 -25.78
C VAL H 29 3.04 -29.12 -26.20
N THR H 30 3.28 -30.41 -26.36
CA THR H 30 2.22 -31.31 -26.75
C THR H 30 1.83 -32.25 -25.59
N LEU H 31 0.54 -32.23 -25.23
CA LEU H 31 0.05 -33.03 -24.10
C LEU H 31 -0.93 -34.12 -24.52
N GLY H 32 -0.85 -35.27 -23.85
CA GLY H 32 -1.78 -36.40 -24.08
C GLY H 32 -1.89 -37.28 -22.87
N PHE H 33 -3.04 -37.95 -22.71
CA PHE H 33 -3.23 -38.86 -21.58
C PHE H 33 -3.58 -40.29 -22.01
N THR H 34 -3.25 -41.24 -21.14
CA THR H 34 -3.61 -42.64 -21.33
C THR H 34 -4.31 -43.03 -20.02
N LEU H 35 -5.63 -42.98 -20.01
CA LEU H 35 -6.38 -43.36 -18.81
C LEU H 35 -6.26 -44.87 -18.54
N GLN H 36 -6.06 -45.25 -17.29
CA GLN H 36 -5.92 -46.65 -16.89
C GLN H 36 -7.05 -47.02 -15.95
N ASP H 37 -7.43 -46.09 -15.09
CA ASP H 37 -8.56 -46.38 -14.22
C ASP H 37 -9.12 -45.18 -13.46
N ILE H 38 -10.39 -45.27 -13.12
CA ILE H 38 -11.03 -44.29 -12.25
C ILE H 38 -10.99 -45.05 -10.93
N VAL H 39 -9.98 -44.72 -10.12
CA VAL H 39 -9.68 -45.48 -8.90
C VAL H 39 -10.45 -45.10 -7.64
N LYS H 40 -11.11 -43.96 -7.66
CA LYS H 40 -11.91 -43.54 -6.52
C LYS H 40 -12.95 -42.49 -6.89
N VAL H 41 -14.15 -42.68 -6.37
CA VAL H 41 -15.26 -41.74 -6.56
C VAL H 41 -15.86 -41.51 -5.18
N ASP H 42 -15.86 -40.26 -4.73
CA ASP H 42 -16.35 -39.93 -3.39
C ASP H 42 -17.41 -38.83 -3.49
N SER H 43 -18.66 -39.19 -3.22
CA SER H 43 -19.76 -38.25 -3.32
C SER H 43 -19.99 -37.45 -2.05
N SER H 44 -19.51 -37.95 -0.92
CA SER H 44 -19.63 -37.16 0.30
C SER H 44 -18.74 -35.91 0.18
N THR H 45 -17.72 -35.97 -0.67
CA THR H 45 -16.82 -34.82 -0.87
C THR H 45 -16.82 -34.21 -2.28
N ASN H 46 -17.08 -35.03 -3.30
CA ASN H 46 -17.04 -34.57 -4.70
C ASN H 46 -15.61 -34.52 -5.24
N GLU H 47 -14.82 -35.55 -4.94
CA GLU H 47 -13.48 -35.63 -5.49
C GLU H 47 -13.42 -36.99 -6.16
N VAL H 48 -12.79 -37.04 -7.32
CA VAL H 48 -12.61 -38.26 -8.05
C VAL H 48 -11.11 -38.43 -8.28
N ASP H 49 -10.62 -39.66 -8.19
CA ASP H 49 -9.20 -39.94 -8.44
C ASP H 49 -9.00 -40.69 -9.75
N LEU H 50 -7.95 -40.33 -10.47
CA LEU H 50 -7.64 -41.00 -11.73
C LEU H 50 -6.19 -41.43 -11.77
N VAL H 51 -5.93 -42.58 -12.39
CA VAL H 51 -4.56 -43.01 -12.64
C VAL H 51 -4.40 -43.02 -14.16
N TYR H 52 -3.28 -42.46 -14.63
CA TYR H 52 -3.00 -42.31 -16.05
C TYR H 52 -1.53 -42.02 -16.33
N TYR H 53 -1.10 -42.20 -17.58
CA TYR H 53 0.25 -41.75 -17.96
C TYR H 53 0.07 -40.40 -18.65
N GLU H 54 0.95 -39.46 -18.34
CA GLU H 54 0.90 -38.13 -18.94
C GLU H 54 2.13 -37.82 -19.77
N GLN H 55 1.89 -37.69 -21.07
CA GLN H 55 2.91 -37.38 -22.05
C GLN H 55 3.00 -35.87 -22.36
N GLN H 56 4.25 -35.38 -22.43
CA GLN H 56 4.59 -33.98 -22.75
C GLN H 56 5.82 -33.94 -23.68
N ARG H 57 5.70 -33.27 -24.83
CA ARG H 57 6.81 -33.15 -25.78
C ARG H 57 7.13 -31.71 -26.09
N TRP H 58 8.41 -31.41 -26.27
CA TRP H 58 8.83 -30.08 -26.69
C TRP H 58 10.19 -30.23 -27.33
N LYS H 59 10.60 -29.20 -28.06
CA LYS H 59 11.86 -29.20 -28.77
C LYS H 59 12.61 -27.96 -28.29
N LEU H 60 13.91 -28.07 -28.05
CA LEU H 60 14.69 -26.92 -27.63
C LEU H 60 15.96 -26.86 -28.44
N ASN H 61 16.24 -25.70 -29.00
CA ASN H 61 17.45 -25.55 -29.78
C ASN H 61 18.69 -25.87 -28.94
N SER H 62 18.66 -25.51 -27.66
CA SER H 62 19.80 -25.75 -26.77
C SER H 62 20.05 -27.23 -26.48
N LEU H 63 19.30 -28.10 -27.15
CA LEU H 63 19.44 -29.53 -26.98
C LEU H 63 19.68 -30.24 -28.32
N MET H 64 20.09 -29.48 -29.32
CA MET H 64 20.42 -30.03 -30.61
C MET H 64 21.88 -30.44 -30.63
N TRP H 65 22.18 -31.57 -31.24
CA TRP H 65 23.57 -31.98 -31.45
C TRP H 65 23.72 -32.68 -32.79
N ASP H 66 24.97 -32.76 -33.23
CA ASP H 66 25.34 -33.42 -34.45
C ASP H 66 25.75 -34.85 -34.07
N PRO H 67 24.98 -35.87 -34.51
CA PRO H 67 25.31 -37.26 -34.18
C PRO H 67 26.77 -37.61 -34.48
N ASN H 68 27.24 -37.21 -35.66
CA ASN H 68 28.60 -37.45 -36.14
C ASN H 68 29.75 -37.06 -35.21
N GLU H 69 29.49 -36.15 -34.27
CA GLU H 69 30.54 -35.75 -33.33
C GLU H 69 30.50 -36.54 -32.04
N TYR H 70 29.45 -37.34 -31.89
CA TYR H 70 29.23 -38.14 -30.69
C TYR H 70 29.01 -39.60 -31.03
N GLY H 71 29.91 -40.15 -31.85
CA GLY H 71 29.84 -41.54 -32.26
C GLY H 71 28.48 -41.94 -32.79
N ASN H 72 27.87 -41.06 -33.59
CA ASN H 72 26.58 -41.29 -34.26
C ASN H 72 25.38 -41.49 -33.33
N ILE H 73 25.49 -41.00 -32.10
CA ILE H 73 24.36 -41.07 -31.15
C ILE H 73 23.22 -40.16 -31.61
N THR H 74 22.06 -40.78 -31.83
CA THR H 74 20.85 -40.12 -32.28
C THR H 74 20.06 -39.53 -31.12
N ASP H 75 19.81 -40.36 -30.12
CA ASP H 75 19.03 -39.95 -28.96
C ASP H 75 19.51 -40.66 -27.69
N PHE H 76 19.07 -40.15 -26.53
CA PHE H 76 19.42 -40.77 -25.25
C PHE H 76 18.39 -40.46 -24.16
N ARG H 77 18.33 -41.36 -23.17
CA ARG H 77 17.45 -41.17 -22.00
C ARG H 77 18.25 -40.51 -20.89
N THR H 78 17.53 -39.80 -20.04
CA THR H 78 18.14 -39.04 -18.96
C THR H 78 17.11 -38.76 -17.87
N SER H 79 17.58 -38.59 -16.63
CA SER H 79 16.73 -38.26 -15.52
C SER H 79 16.04 -36.94 -15.84
N ALA H 80 14.72 -36.88 -15.66
CA ALA H 80 14.00 -35.64 -15.99
C ALA H 80 14.43 -34.46 -15.12
N ALA H 81 15.22 -34.73 -14.09
CA ALA H 81 15.75 -33.67 -13.23
C ALA H 81 16.95 -32.98 -13.89
N ASP H 82 17.44 -33.57 -14.99
CA ASP H 82 18.58 -33.04 -15.76
C ASP H 82 18.20 -31.90 -16.71
N ILE H 83 16.91 -31.81 -17.01
CA ILE H 83 16.40 -30.85 -17.98
C ILE H 83 15.29 -29.95 -17.47
N TRP H 84 15.05 -28.87 -18.21
CA TRP H 84 13.92 -27.99 -17.95
C TRP H 84 12.74 -28.78 -18.43
N THR H 85 11.65 -28.74 -17.67
CA THR H 85 10.41 -29.39 -18.12
C THR H 85 9.32 -28.35 -17.94
N PRO H 86 8.25 -28.43 -18.74
CA PRO H 86 7.18 -27.45 -18.70
C PRO H 86 6.44 -27.45 -17.37
N ASP H 87 5.66 -26.42 -17.11
CA ASP H 87 4.93 -26.33 -15.84
C ASP H 87 3.45 -26.64 -15.99
N ILE H 88 3.09 -27.56 -16.89
CA ILE H 88 1.68 -27.89 -17.11
C ILE H 88 1.06 -28.66 -15.95
N THR H 89 0.21 -28.00 -15.17
CA THR H 89 -0.53 -28.66 -14.10
C THR H 89 -2.04 -28.61 -14.33
N ALA H 90 -2.77 -29.36 -13.49
CA ALA H 90 -4.23 -29.43 -13.52
C ALA H 90 -4.84 -28.33 -12.65
N TYR H 91 -5.54 -27.38 -13.27
CA TYR H 91 -6.11 -26.25 -12.55
C TYR H 91 -7.13 -26.50 -11.41
N SER H 92 -7.63 -27.73 -11.23
CA SER H 92 -8.60 -27.96 -10.14
C SER H 92 -8.41 -29.24 -9.30
N SER H 93 -7.16 -29.61 -9.02
CA SER H 93 -6.89 -30.79 -8.18
C SER H 93 -7.25 -30.45 -6.72
N THR H 94 -7.51 -31.47 -5.92
CA THR H 94 -7.89 -31.27 -4.52
C THR H 94 -6.79 -31.76 -3.59
N ARG H 95 -5.83 -32.48 -4.18
CA ARG H 95 -4.68 -32.96 -3.43
C ARG H 95 -3.48 -32.90 -4.36
N PRO H 96 -2.27 -32.94 -3.80
CA PRO H 96 -1.08 -32.97 -4.66
C PRO H 96 -1.05 -34.25 -5.53
N VAL H 97 -0.62 -34.11 -6.77
CA VAL H 97 -0.53 -35.26 -7.65
C VAL H 97 0.55 -36.19 -7.11
N GLN H 98 0.36 -37.49 -7.29
CA GLN H 98 1.37 -38.45 -6.87
C GLN H 98 2.03 -38.99 -8.12
N VAL H 99 3.32 -39.24 -8.03
CA VAL H 99 4.05 -39.78 -9.16
C VAL H 99 4.16 -41.29 -8.89
N LEU H 100 3.70 -42.08 -9.86
CA LEU H 100 3.65 -43.54 -9.70
C LEU H 100 4.70 -44.25 -10.55
N SER H 101 5.65 -43.50 -11.08
CA SER H 101 6.67 -44.08 -11.92
C SER H 101 7.93 -43.23 -11.86
N PRO H 102 9.05 -43.77 -12.37
CA PRO H 102 10.17 -42.86 -12.52
C PRO H 102 9.81 -41.74 -13.49
N GLN H 103 10.64 -40.70 -13.49
CA GLN H 103 10.47 -39.55 -14.37
C GLN H 103 11.74 -39.43 -15.17
N ILE H 104 11.80 -40.22 -16.24
CA ILE H 104 12.96 -40.26 -17.08
C ILE H 104 12.47 -39.81 -18.43
N ALA H 105 13.28 -39.01 -19.10
CA ALA H 105 12.90 -38.46 -20.39
C ALA H 105 13.82 -38.87 -21.52
N VAL H 106 13.26 -38.83 -22.73
CA VAL H 106 13.98 -39.13 -23.96
C VAL H 106 14.32 -37.84 -24.71
N VAL H 107 15.62 -37.63 -24.97
CA VAL H 107 16.13 -36.45 -25.70
C VAL H 107 16.68 -36.88 -27.08
N THR H 108 16.29 -36.21 -28.17
CA THR H 108 16.86 -36.57 -29.49
C THR H 108 17.67 -35.40 -30.07
N HIS H 109 18.56 -35.72 -31.00
CA HIS H 109 19.52 -34.71 -31.52
C HIS H 109 18.94 -33.48 -32.20
N ASP H 110 17.62 -33.47 -32.39
CA ASP H 110 16.94 -32.30 -32.95
C ASP H 110 16.39 -31.43 -31.81
N GLY H 111 16.73 -31.80 -30.57
CA GLY H 111 16.30 -31.05 -29.40
C GLY H 111 14.90 -31.47 -28.94
N SER H 112 14.32 -32.44 -29.62
CA SER H 112 13.02 -32.98 -29.22
C SER H 112 13.25 -33.60 -27.85
N VAL H 113 12.25 -33.43 -26.99
CA VAL H 113 12.28 -34.01 -25.66
C VAL H 113 10.88 -34.53 -25.43
N MET H 114 10.77 -35.63 -24.71
CA MET H 114 9.49 -36.21 -24.35
C MET H 114 9.61 -37.20 -23.21
N PHE H 115 8.67 -37.13 -22.26
CA PHE H 115 8.59 -38.10 -21.18
C PHE H 115 7.15 -38.20 -20.73
N ILE H 116 6.83 -39.25 -19.97
CA ILE H 116 5.47 -39.76 -19.90
C ILE H 116 5.25 -40.57 -18.63
N PRO H 117 5.35 -39.90 -17.48
CA PRO H 117 5.20 -40.57 -16.18
C PRO H 117 3.75 -40.96 -15.84
N ALA H 118 3.64 -41.89 -14.89
CA ALA H 118 2.36 -42.34 -14.37
C ALA H 118 2.06 -41.42 -13.19
N GLN H 119 0.79 -41.04 -13.06
CA GLN H 119 0.35 -40.05 -12.10
C GLN H 119 -0.99 -40.44 -11.48
N ARG H 120 -1.18 -40.12 -10.21
CA ARG H 120 -2.50 -40.28 -9.61
C ARG H 120 -3.01 -38.86 -9.35
N LEU H 121 -4.26 -38.60 -9.71
CA LEU H 121 -4.81 -37.27 -9.56
C LEU H 121 -6.15 -37.24 -8.83
N SER H 122 -6.22 -36.46 -7.76
CA SER H 122 -7.46 -36.23 -7.04
C SER H 122 -7.94 -34.86 -7.51
N PHE H 123 -9.18 -34.78 -8.00
CA PHE H 123 -9.71 -33.50 -8.48
C PHE H 123 -11.20 -33.29 -8.19
N MET H 124 -11.70 -32.09 -8.49
CA MET H 124 -13.09 -31.69 -8.23
C MET H 124 -14.12 -32.26 -9.20
N CYS H 125 -15.03 -33.06 -8.65
CA CYS H 125 -16.01 -33.78 -9.44
C CYS H 125 -17.14 -34.36 -8.61
N ASP H 126 -18.34 -33.82 -8.79
CA ASP H 126 -19.53 -34.33 -8.15
C ASP H 126 -20.04 -35.50 -9.01
N PRO H 127 -19.93 -36.73 -8.49
CA PRO H 127 -20.27 -37.91 -9.30
C PRO H 127 -21.76 -38.29 -9.37
N THR H 128 -22.61 -37.51 -8.70
CA THR H 128 -24.06 -37.72 -8.72
C THR H 128 -24.55 -38.27 -10.07
N GLY H 129 -25.10 -39.48 -10.03
CA GLY H 129 -25.63 -40.13 -11.24
C GLY H 129 -24.71 -41.14 -11.89
N VAL H 130 -23.59 -41.44 -11.24
CA VAL H 130 -22.61 -42.41 -11.73
C VAL H 130 -23.24 -43.81 -11.77
N ASP H 131 -24.18 -44.03 -10.86
CA ASP H 131 -25.00 -45.23 -10.85
C ASP H 131 -26.25 -44.91 -11.67
N SER H 132 -26.15 -45.10 -12.99
CA SER H 132 -27.27 -44.84 -13.90
C SER H 132 -26.86 -45.06 -15.34
N GLU H 133 -27.86 -45.29 -16.19
CA GLU H 133 -27.68 -45.50 -17.63
C GLU H 133 -26.97 -44.29 -18.25
N GLU H 134 -27.31 -43.09 -17.77
CA GLU H 134 -26.76 -41.84 -18.28
C GLU H 134 -25.33 -41.60 -17.85
N GLY H 135 -25.03 -41.90 -16.59
CA GLY H 135 -23.69 -41.71 -16.06
C GLY H 135 -23.44 -40.30 -15.54
N VAL H 136 -22.17 -39.91 -15.59
CA VAL H 136 -21.73 -38.62 -15.06
C VAL H 136 -20.53 -38.13 -15.86
N THR H 137 -20.46 -36.81 -16.03
CA THR H 137 -19.39 -36.20 -16.81
C THR H 137 -18.53 -35.34 -15.89
N CYS H 138 -17.26 -35.71 -15.75
CA CYS H 138 -16.36 -34.87 -14.96
C CYS H 138 -15.25 -34.28 -15.81
N ALA H 139 -14.79 -33.10 -15.43
CA ALA H 139 -13.76 -32.39 -16.20
C ALA H 139 -12.66 -31.73 -15.37
N VAL H 140 -11.48 -31.62 -15.97
CA VAL H 140 -10.33 -30.94 -15.38
C VAL H 140 -9.46 -30.33 -16.48
N LYS H 141 -9.21 -29.03 -16.37
CA LYS H 141 -8.37 -28.30 -17.31
C LYS H 141 -6.92 -28.42 -16.90
N PHE H 142 -6.03 -28.49 -17.90
CA PHE H 142 -4.58 -28.47 -17.68
C PHE H 142 -4.06 -27.29 -18.48
N GLY H 143 -3.06 -26.61 -17.95
CA GLY H 143 -2.45 -25.49 -18.65
C GLY H 143 -1.19 -25.10 -17.92
N SER H 144 -0.39 -24.24 -18.53
CA SER H 144 0.81 -23.74 -17.88
C SER H 144 0.37 -22.97 -16.64
N TRP H 145 1.19 -22.98 -15.59
CA TRP H 145 0.78 -22.30 -14.37
C TRP H 145 1.02 -20.81 -14.42
N VAL H 146 2.00 -20.42 -15.21
CA VAL H 146 2.38 -19.03 -15.27
C VAL H 146 2.42 -18.46 -16.69
N TYR H 147 2.51 -19.34 -17.68
CA TYR H 147 2.62 -18.89 -19.06
C TYR H 147 1.31 -18.84 -19.83
N SER H 148 1.17 -17.76 -20.61
CA SER H 148 0.00 -17.59 -21.44
C SER H 148 0.32 -18.12 -22.85
N GLY H 149 -0.71 -18.11 -23.69
CA GLY H 149 -0.60 -18.54 -25.09
C GLY H 149 0.54 -17.92 -25.87
N PHE H 150 0.98 -16.74 -25.43
CA PHE H 150 2.12 -16.06 -26.06
C PHE H 150 3.46 -16.68 -25.73
N GLU H 151 3.51 -17.53 -24.70
CA GLU H 151 4.76 -18.13 -24.22
C GLU H 151 4.81 -19.65 -24.37
N ILE H 152 3.70 -20.30 -24.02
CA ILE H 152 3.56 -21.73 -24.20
C ILE H 152 2.32 -22.02 -25.04
N ASP H 153 2.58 -22.45 -26.27
CA ASP H 153 1.57 -22.89 -27.19
C ASP H 153 1.39 -24.35 -26.79
N LEU H 154 0.27 -24.61 -26.10
CA LEU H 154 -0.01 -25.95 -25.60
C LEU H 154 -1.04 -26.57 -26.50
N LYS H 155 -0.81 -27.82 -26.87
CA LYS H 155 -1.74 -28.53 -27.72
C LYS H 155 -1.67 -30.04 -27.54
N THR H 156 -2.62 -30.72 -28.17
CA THR H 156 -2.71 -32.18 -28.18
C THR H 156 -2.45 -32.67 -29.61
N ASP H 157 -2.25 -33.98 -29.77
CA ASP H 157 -2.08 -34.57 -31.11
C ASP H 157 -3.40 -35.17 -31.61
N THR H 158 -4.33 -35.35 -30.68
CA THR H 158 -5.66 -35.94 -30.90
C THR H 158 -6.61 -35.53 -29.76
N ASP H 159 -7.91 -35.46 -30.04
CA ASP H 159 -8.88 -35.06 -29.00
C ASP H 159 -9.39 -36.25 -28.18
N GLN H 160 -8.83 -37.42 -28.49
CA GLN H 160 -9.19 -38.67 -27.84
C GLN H 160 -8.17 -39.13 -26.81
N VAL H 161 -8.65 -39.43 -25.61
CA VAL H 161 -7.76 -40.00 -24.59
C VAL H 161 -7.53 -41.45 -24.99
N ASP H 162 -6.30 -41.92 -24.83
CA ASP H 162 -6.02 -43.31 -25.15
C ASP H 162 -6.70 -44.20 -24.10
N LEU H 163 -7.70 -44.96 -24.55
CA LEU H 163 -8.39 -45.91 -23.66
C LEU H 163 -7.83 -47.32 -23.87
N SER H 164 -6.73 -47.43 -24.63
CA SER H 164 -6.16 -48.74 -24.96
C SER H 164 -5.51 -49.50 -23.80
N SER H 165 -5.46 -48.91 -22.61
CA SER H 165 -4.99 -49.69 -21.48
C SER H 165 -5.91 -49.47 -20.28
N TYR H 166 -7.15 -49.06 -20.54
CA TYR H 166 -8.08 -48.88 -19.44
C TYR H 166 -8.24 -50.25 -18.81
N TYR H 167 -8.20 -50.27 -17.47
CA TYR H 167 -8.31 -51.50 -16.72
C TYR H 167 -9.53 -52.32 -17.10
N ALA H 168 -9.29 -53.57 -17.52
CA ALA H 168 -10.33 -54.49 -17.96
C ALA H 168 -11.42 -54.75 -16.94
N SER H 169 -11.09 -54.71 -15.66
CA SER H 169 -12.09 -54.97 -14.62
C SER H 169 -12.30 -53.77 -13.72
N SER H 170 -12.37 -52.61 -14.37
CA SER H 170 -12.56 -51.34 -13.69
C SER H 170 -13.97 -51.30 -13.12
N LYS H 171 -14.12 -50.68 -11.96
CA LYS H 171 -15.44 -50.55 -11.39
C LYS H 171 -16.28 -49.70 -12.36
N TYR H 172 -15.64 -49.13 -13.39
CA TYR H 172 -16.34 -48.23 -14.31
C TYR H 172 -16.22 -48.49 -15.80
N GLU H 173 -17.21 -47.96 -16.51
CA GLU H 173 -17.28 -48.03 -17.96
C GLU H 173 -17.14 -46.61 -18.47
N ILE H 174 -16.29 -46.40 -19.48
CA ILE H 174 -16.06 -45.07 -20.05
C ILE H 174 -16.91 -44.82 -21.28
N LEU H 175 -17.73 -43.76 -21.22
CA LEU H 175 -18.61 -43.38 -22.31
C LEU H 175 -17.83 -42.51 -23.29
N SER H 176 -16.99 -41.64 -22.76
CA SER H 176 -16.10 -40.82 -23.59
C SER H 176 -14.93 -40.27 -22.78
N ALA H 177 -13.81 -40.08 -23.45
CA ALA H 177 -12.63 -39.50 -22.83
C ALA H 177 -11.96 -38.62 -23.88
N THR H 178 -12.18 -37.33 -23.75
CA THR H 178 -11.61 -36.35 -24.67
C THR H 178 -10.62 -35.45 -23.96
N GLN H 179 -9.63 -35.00 -24.71
CA GLN H 179 -8.61 -34.10 -24.20
C GLN H 179 -8.55 -32.99 -25.23
N THR H 180 -9.45 -32.05 -25.10
CA THR H 180 -9.61 -31.03 -26.13
C THR H 180 -9.13 -29.62 -25.80
N ARG H 181 -8.28 -29.05 -26.67
CA ARG H 181 -7.75 -27.69 -26.47
C ARG H 181 -8.71 -26.51 -26.73
N GLN H 182 -8.74 -25.56 -25.79
CA GLN H 182 -9.45 -24.29 -25.99
C GLN H 182 -8.45 -23.15 -25.95
N VAL H 183 -8.66 -22.16 -26.81
CA VAL H 183 -7.86 -20.95 -26.82
C VAL H 183 -8.82 -19.84 -26.37
N GLN H 184 -8.56 -19.27 -25.19
CA GLN H 184 -9.43 -18.23 -24.60
C GLN H 184 -8.98 -16.80 -24.87
N HIS H 185 -9.90 -16.01 -25.41
CA HIS H 185 -9.67 -14.60 -25.66
C HIS H 185 -10.60 -13.78 -24.75
N TYR H 186 -10.01 -13.09 -23.78
CA TYR H 186 -10.77 -12.31 -22.82
C TYR H 186 -10.85 -10.83 -23.17
N SER H 187 -12.00 -10.22 -22.87
CA SER H 187 -12.26 -8.81 -23.15
C SER H 187 -11.31 -7.89 -22.39
N CYS H 188 -10.98 -8.29 -21.17
CA CYS H 188 -10.07 -7.55 -20.31
C CYS H 188 -8.67 -7.46 -20.87
N CYS H 189 -8.22 -8.60 -21.37
CA CYS H 189 -6.82 -8.82 -21.64
C CYS H 189 -6.47 -9.15 -23.11
N PRO H 190 -5.34 -8.61 -23.60
CA PRO H 190 -4.86 -8.83 -24.98
C PRO H 190 -4.36 -10.25 -25.27
N GLU H 191 -3.62 -10.85 -24.33
CA GLU H 191 -3.07 -12.19 -24.50
C GLU H 191 -4.08 -13.33 -24.31
N PRO H 192 -4.00 -14.36 -25.19
CA PRO H 192 -4.89 -15.50 -25.13
C PRO H 192 -4.39 -16.56 -24.16
N TYR H 193 -5.30 -17.37 -23.62
CA TYR H 193 -4.94 -18.44 -22.69
C TYR H 193 -5.38 -19.80 -23.24
N ILE H 194 -4.52 -20.79 -23.02
CA ILE H 194 -4.75 -22.13 -23.55
C ILE H 194 -4.72 -23.16 -22.44
N ASP H 195 -5.74 -24.02 -22.45
CA ASP H 195 -5.84 -25.12 -21.52
C ASP H 195 -6.18 -26.34 -22.37
N VAL H 196 -6.22 -27.52 -21.74
CA VAL H 196 -6.63 -28.74 -22.42
C VAL H 196 -7.74 -29.27 -21.52
N ASN H 197 -8.97 -29.33 -22.00
CA ASN H 197 -10.04 -29.79 -21.13
C ASN H 197 -10.19 -31.31 -21.16
N LEU H 198 -10.00 -31.93 -20.00
CA LEU H 198 -10.12 -33.37 -19.84
C LEU H 198 -11.53 -33.69 -19.38
N VAL H 199 -12.31 -34.25 -20.30
CA VAL H 199 -13.71 -34.60 -20.07
C VAL H 199 -13.85 -36.12 -20.11
N VAL H 200 -14.40 -36.69 -19.04
CA VAL H 200 -14.57 -38.13 -18.95
C VAL H 200 -15.98 -38.44 -18.48
N LYS H 201 -16.77 -39.06 -19.36
CA LYS H 201 -18.12 -39.47 -19.03
C LYS H 201 -18.00 -40.96 -18.75
N PHE H 202 -18.51 -41.38 -17.59
CA PHE H 202 -18.36 -42.76 -17.12
C PHE H 202 -19.43 -43.16 -16.11
N ARG H 203 -19.59 -44.47 -15.90
CA ARG H 203 -20.58 -45.01 -14.97
C ARG H 203 -20.19 -46.42 -14.52
N GLU H 204 -20.81 -46.90 -13.44
CA GLU H 204 -20.56 -48.25 -12.95
C GLU H 204 -21.14 -49.27 -13.96
N ARG H 205 -20.46 -50.39 -14.17
CA ARG H 205 -20.94 -51.46 -15.06
C ARG H 205 -21.82 -52.49 -14.34
N GLN I 1 17.82 -16.21 -26.04
CA GLN I 1 17.59 -16.55 -24.59
C GLN I 1 18.77 -16.05 -23.78
N ALA I 2 19.83 -15.63 -24.49
CA ALA I 2 21.08 -15.20 -23.86
C ALA I 2 20.93 -14.10 -22.81
N ASN I 3 20.04 -13.14 -23.08
CA ASN I 3 19.81 -12.00 -22.18
C ASN I 3 19.12 -12.36 -20.89
N LEU I 4 18.00 -13.07 -21.00
CA LEU I 4 17.23 -13.51 -19.85
C LEU I 4 18.12 -14.36 -18.97
N MET I 5 18.90 -15.20 -19.62
CA MET I 5 19.84 -16.11 -19.01
C MET I 5 20.93 -15.35 -18.23
N ARG I 6 21.28 -14.17 -18.72
CA ARG I 6 22.27 -13.32 -18.06
C ARG I 6 21.60 -12.39 -17.01
N LEU I 7 20.44 -11.83 -17.35
CA LEU I 7 19.67 -11.03 -16.40
C LEU I 7 19.49 -11.83 -15.11
N LYS I 8 18.97 -13.05 -15.26
CA LYS I 8 18.77 -13.95 -14.14
C LYS I 8 20.05 -14.16 -13.33
N SER I 9 21.17 -14.40 -14.03
CA SER I 9 22.45 -14.57 -13.38
C SER I 9 22.79 -13.32 -12.56
N ASP I 10 22.79 -12.17 -13.25
CA ASP I 10 23.04 -10.87 -12.63
C ASP I 10 22.22 -10.58 -11.37
N LEU I 11 20.96 -11.01 -11.36
CA LEU I 11 20.13 -10.80 -10.18
C LEU I 11 20.46 -11.81 -9.09
N PHE I 12 20.32 -13.09 -9.42
CA PHE I 12 20.52 -14.14 -8.43
C PHE I 12 21.98 -14.36 -8.01
N ASN I 13 22.77 -14.91 -8.94
CA ASN I 13 24.17 -15.27 -8.73
C ASN I 13 25.13 -14.13 -8.33
N ARG I 14 24.66 -12.89 -8.43
CA ARG I 14 25.48 -11.71 -8.12
C ARG I 14 25.44 -11.16 -6.69
N SER I 15 24.25 -11.05 -6.11
CA SER I 15 24.09 -10.43 -4.81
C SER I 15 23.67 -11.41 -3.70
N PRO I 16 24.06 -11.13 -2.43
CA PRO I 16 23.57 -12.00 -1.35
C PRO I 16 22.05 -11.88 -1.38
N MET I 17 21.33 -12.87 -0.85
CA MET I 17 19.87 -12.80 -0.92
C MET I 17 19.28 -11.83 0.12
N TYR I 18 18.19 -11.19 -0.27
CA TYR I 18 17.48 -10.23 0.57
C TYR I 18 17.10 -10.88 1.92
N PRO I 19 17.54 -10.23 3.03
CA PRO I 19 17.42 -10.70 4.42
C PRO I 19 16.06 -10.52 5.09
N GLY I 20 15.05 -10.15 4.31
CA GLY I 20 13.71 -9.90 4.84
C GLY I 20 13.60 -8.45 5.26
N PRO I 21 12.39 -8.00 5.63
CA PRO I 21 12.13 -6.63 6.08
C PRO I 21 12.57 -6.32 7.52
N THR I 22 12.91 -5.05 7.75
CA THR I 22 13.29 -4.53 9.06
C THR I 22 12.43 -3.26 9.22
N LYS I 23 12.18 -2.79 10.44
CA LYS I 23 11.27 -1.64 10.61
C LYS I 23 11.71 -0.36 9.89
N ASP I 24 13.00 -0.32 9.54
CA ASP I 24 13.60 0.78 8.80
C ASP I 24 13.21 0.67 7.32
N ASP I 25 12.96 -0.57 6.88
CA ASP I 25 12.57 -0.87 5.50
C ASP I 25 11.34 -1.78 5.47
N PRO I 26 10.19 -1.29 5.95
CA PRO I 26 9.00 -2.15 5.96
C PRO I 26 8.62 -2.63 4.57
N LEU I 27 8.17 -3.88 4.46
CA LEU I 27 7.75 -4.39 3.16
C LEU I 27 6.22 -4.46 3.10
N THR I 28 5.63 -3.95 2.01
CA THR I 28 4.17 -4.07 1.83
C THR I 28 3.88 -5.35 1.06
N VAL I 29 3.04 -6.21 1.64
CA VAL I 29 2.61 -7.45 1.00
C VAL I 29 1.10 -7.44 0.84
N THR I 30 0.63 -7.58 -0.41
CA THR I 30 -0.81 -7.65 -0.72
C THR I 30 -1.22 -9.11 -0.91
N LEU I 31 -2.28 -9.50 -0.20
CA LEU I 31 -2.79 -10.86 -0.16
C LEU I 31 -4.21 -10.95 -0.70
N GLY I 32 -4.51 -12.05 -1.39
CA GLY I 32 -5.86 -12.30 -1.95
C GLY I 32 -6.17 -13.78 -2.10
N PHE I 33 -7.45 -14.14 -2.04
CA PHE I 33 -7.86 -15.55 -2.20
C PHE I 33 -8.89 -15.75 -3.30
N THR I 34 -8.71 -16.83 -4.07
CA THR I 34 -9.65 -17.27 -5.10
C THR I 34 -10.14 -18.62 -4.62
N LEU I 35 -11.28 -18.65 -3.94
CA LEU I 35 -11.80 -19.89 -3.40
C LEU I 35 -12.41 -20.81 -4.45
N GLN I 36 -11.86 -22.02 -4.54
CA GLN I 36 -12.31 -23.04 -5.49
C GLN I 36 -13.40 -23.95 -4.94
N ASP I 37 -13.28 -24.39 -3.69
CA ASP I 37 -14.27 -25.28 -3.11
C ASP I 37 -14.04 -25.56 -1.63
N ILE I 38 -15.13 -25.85 -0.92
CA ILE I 38 -15.06 -26.31 0.45
C ILE I 38 -15.13 -27.81 0.21
N VAL I 39 -13.99 -28.46 0.36
CA VAL I 39 -13.86 -29.88 0.03
C VAL I 39 -14.06 -30.87 1.17
N LYS I 40 -14.24 -30.37 2.39
CA LYS I 40 -14.35 -31.24 3.54
C LYS I 40 -14.93 -30.50 4.74
N VAL I 41 -15.79 -31.19 5.47
CA VAL I 41 -16.43 -30.66 6.67
C VAL I 41 -16.46 -31.83 7.64
N ASP I 42 -15.97 -31.60 8.85
CA ASP I 42 -15.95 -32.69 9.81
C ASP I 42 -16.47 -32.16 11.13
N SER I 43 -17.68 -32.60 11.46
CA SER I 43 -18.34 -32.16 12.67
C SER I 43 -17.92 -32.96 13.88
N SER I 44 -17.36 -34.15 13.67
CA SER I 44 -16.90 -34.92 14.83
C SER I 44 -15.55 -34.41 15.35
N THR I 45 -14.77 -33.75 14.49
CA THR I 45 -13.48 -33.19 14.87
C THR I 45 -13.46 -31.66 14.83
N ASN I 46 -14.46 -31.08 14.17
CA ASN I 46 -14.56 -29.63 13.97
C ASN I 46 -13.48 -29.01 13.10
N GLU I 47 -13.17 -29.65 11.98
CA GLU I 47 -12.21 -29.06 11.07
C GLU I 47 -12.82 -28.95 9.67
N VAL I 48 -12.42 -27.91 8.95
CA VAL I 48 -12.91 -27.69 7.59
C VAL I 48 -11.72 -27.52 6.65
N ASP I 49 -11.84 -28.06 5.43
CA ASP I 49 -10.79 -27.91 4.42
C ASP I 49 -11.22 -27.04 3.25
N LEU I 50 -10.28 -26.25 2.76
CA LEU I 50 -10.54 -25.37 1.62
C LEU I 50 -9.51 -25.62 0.55
N VAL I 51 -9.92 -25.45 -0.70
CA VAL I 51 -8.97 -25.48 -1.81
C VAL I 51 -9.08 -24.09 -2.45
N TYR I 52 -7.98 -23.35 -2.41
CA TYR I 52 -7.97 -21.99 -2.94
C TYR I 52 -6.65 -21.68 -3.65
N TYR I 53 -6.66 -20.61 -4.43
CA TYR I 53 -5.45 -20.08 -5.01
C TYR I 53 -5.08 -18.93 -4.08
N GLU I 54 -3.79 -18.74 -3.82
CA GLU I 54 -3.39 -17.67 -2.91
C GLU I 54 -2.34 -16.79 -3.56
N GLN I 55 -2.68 -15.53 -3.76
CA GLN I 55 -1.71 -14.61 -4.34
C GLN I 55 -1.03 -13.76 -3.29
N GLN I 56 0.23 -13.44 -3.57
CA GLN I 56 1.06 -12.64 -2.68
C GLN I 56 1.88 -11.74 -3.56
N ARG I 57 1.73 -10.43 -3.35
CA ARG I 57 2.47 -9.45 -4.12
C ARG I 57 3.36 -8.65 -3.21
N TRP I 58 4.59 -8.42 -3.64
CA TRP I 58 5.49 -7.57 -2.90
C TRP I 58 6.38 -6.92 -3.92
N LYS I 59 7.29 -6.07 -3.45
CA LYS I 59 8.15 -5.36 -4.38
C LYS I 59 9.50 -5.16 -3.75
N LEU I 60 10.53 -5.52 -4.51
CA LEU I 60 11.87 -5.40 -3.99
C LEU I 60 12.77 -4.51 -4.83
N ASN I 61 13.50 -3.64 -4.15
CA ASN I 61 14.45 -2.78 -4.81
C ASN I 61 15.54 -3.58 -5.49
N SER I 62 16.02 -4.59 -4.78
CA SER I 62 17.09 -5.49 -5.23
C SER I 62 16.76 -6.31 -6.48
N LEU I 63 15.49 -6.40 -6.83
CA LEU I 63 15.05 -7.14 -8.00
C LEU I 63 14.80 -6.21 -9.18
N MET I 64 15.39 -5.02 -9.11
CA MET I 64 15.21 -4.01 -10.16
C MET I 64 16.24 -4.09 -11.28
N TRP I 65 15.83 -3.64 -12.46
CA TRP I 65 16.74 -3.56 -13.60
C TRP I 65 16.19 -2.66 -14.70
N ASP I 66 17.10 -2.19 -15.56
CA ASP I 66 16.75 -1.40 -16.73
C ASP I 66 16.59 -2.36 -17.88
N PRO I 67 15.38 -2.43 -18.46
CA PRO I 67 15.14 -3.35 -19.57
C PRO I 67 16.01 -3.08 -20.80
N ASN I 68 16.44 -1.84 -21.00
CA ASN I 68 17.26 -1.50 -22.17
C ASN I 68 18.70 -2.02 -22.05
N GLU I 69 19.04 -2.52 -20.86
CA GLU I 69 20.36 -3.05 -20.59
C GLU I 69 20.33 -4.58 -20.66
N TYR I 70 19.20 -5.13 -21.13
CA TYR I 70 18.97 -6.58 -21.24
C TYR I 70 18.00 -7.00 -22.33
N GLY I 71 18.23 -6.54 -23.56
CA GLY I 71 17.37 -6.87 -24.70
C GLY I 71 15.91 -6.46 -24.55
N ASN I 72 15.67 -5.37 -23.81
CA ASN I 72 14.31 -4.85 -23.59
C ASN I 72 13.35 -5.79 -22.84
N ILE I 73 13.69 -6.44 -21.98
CA ILE I 73 12.82 -7.40 -21.28
C ILE I 73 12.26 -6.88 -19.96
N THR I 74 11.07 -6.84 -19.84
CA THR I 74 10.33 -6.22 -18.75
C THR I 74 10.12 -7.10 -17.51
N ASP I 75 10.21 -8.42 -17.69
CA ASP I 75 10.00 -9.37 -16.60
C ASP I 75 10.34 -10.78 -17.03
N PHE I 76 10.32 -11.69 -16.05
CA PHE I 76 10.51 -13.13 -16.28
C PHE I 76 9.79 -13.94 -15.21
N ARG I 77 9.50 -15.20 -15.50
CA ARG I 77 8.96 -16.10 -14.49
C ARG I 77 10.13 -16.91 -13.97
N THR I 78 10.16 -17.17 -12.67
CA THR I 78 11.24 -17.96 -12.11
C THR I 78 10.71 -18.73 -10.91
N SER I 79 11.29 -19.90 -10.69
CA SER I 79 10.98 -20.73 -9.56
C SER I 79 10.94 -19.90 -8.28
N ALA I 80 9.85 -20.01 -7.52
CA ALA I 80 9.73 -19.25 -6.26
C ALA I 80 10.89 -19.49 -5.29
N ALA I 81 11.69 -20.53 -5.50
CA ALA I 81 12.83 -20.81 -4.62
C ALA I 81 14.07 -20.00 -5.01
N ASP I 82 13.96 -19.26 -6.11
CA ASP I 82 15.03 -18.38 -6.59
C ASP I 82 14.99 -17.08 -5.80
N ILE I 83 13.82 -16.78 -5.22
CA ILE I 83 13.57 -15.53 -4.53
C ILE I 83 13.17 -15.63 -3.05
N TRP I 84 13.27 -14.51 -2.33
CA TRP I 84 12.79 -14.42 -0.96
C TRP I 84 11.29 -14.29 -1.12
N THR I 85 10.55 -14.98 -0.27
CA THR I 85 9.09 -14.95 -0.30
C THR I 85 8.60 -14.74 1.15
N PRO I 86 7.40 -14.16 1.33
CA PRO I 86 6.92 -13.87 2.68
C PRO I 86 6.44 -15.07 3.52
N ASP I 87 6.22 -14.86 4.82
CA ASP I 87 5.77 -15.93 5.72
C ASP I 87 4.29 -15.83 6.14
N ILE I 88 3.48 -15.21 5.30
CA ILE I 88 2.05 -15.08 5.58
C ILE I 88 1.50 -16.49 5.75
N THR I 89 1.10 -16.83 6.97
CA THR I 89 0.62 -18.18 7.28
C THR I 89 -0.78 -18.14 7.90
N ALA I 90 -1.53 -19.23 7.75
CA ALA I 90 -2.84 -19.33 8.40
C ALA I 90 -2.55 -19.54 9.88
N TYR I 91 -3.34 -18.89 10.73
CA TYR I 91 -3.13 -18.95 12.18
C TYR I 91 -3.82 -20.09 12.93
N SER I 92 -4.93 -20.60 12.38
CA SER I 92 -5.69 -21.68 13.04
C SER I 92 -5.82 -22.96 12.22
N SER I 93 -4.72 -23.38 11.57
CA SER I 93 -4.70 -24.62 10.80
C SER I 93 -4.54 -25.83 11.73
N THR I 94 -4.78 -27.01 11.18
CA THR I 94 -4.73 -28.25 11.95
C THR I 94 -3.77 -29.24 11.32
N ARG I 95 -3.42 -29.03 10.06
CA ARG I 95 -2.54 -29.93 9.33
C ARG I 95 -1.59 -29.09 8.47
N PRO I 96 -0.40 -29.62 8.12
CA PRO I 96 0.52 -28.85 7.26
C PRO I 96 -0.15 -28.55 5.92
N VAL I 97 -0.06 -27.30 5.46
CA VAL I 97 -0.68 -26.88 4.19
C VAL I 97 -0.11 -27.66 3.02
N GLN I 98 -0.99 -28.16 2.15
CA GLN I 98 -0.57 -28.91 0.97
C GLN I 98 -0.56 -28.01 -0.27
N VAL I 99 0.60 -27.89 -0.93
CA VAL I 99 0.70 -27.08 -2.15
C VAL I 99 0.21 -27.90 -3.36
N LEU I 100 -0.71 -27.34 -4.15
CA LEU I 100 -1.28 -28.13 -5.26
C LEU I 100 -0.79 -27.80 -6.66
N SER I 101 0.13 -26.86 -6.77
CA SER I 101 0.60 -26.46 -8.07
C SER I 101 2.08 -26.15 -8.02
N PRO I 102 2.69 -25.84 -9.19
CA PRO I 102 4.05 -25.34 -9.08
C PRO I 102 4.12 -24.05 -8.26
N GLN I 103 5.33 -23.76 -7.79
CA GLN I 103 5.61 -22.54 -7.05
C GLN I 103 6.65 -21.78 -7.87
N ILE I 104 6.11 -20.85 -8.67
CA ILE I 104 6.86 -20.12 -9.67
C ILE I 104 6.35 -18.70 -9.61
N ALA I 105 7.26 -17.73 -9.55
CA ALA I 105 6.84 -16.34 -9.47
C ALA I 105 7.18 -15.53 -10.71
N VAL I 106 6.82 -14.25 -10.69
CA VAL I 106 7.13 -13.34 -11.79
C VAL I 106 7.83 -12.13 -11.22
N VAL I 107 8.92 -11.72 -11.83
CA VAL I 107 9.65 -10.54 -11.38
C VAL I 107 9.68 -9.55 -12.53
N THR I 108 9.28 -8.32 -12.24
CA THR I 108 9.24 -7.26 -13.23
C THR I 108 10.40 -6.30 -12.93
N HIS I 109 10.87 -5.59 -13.96
CA HIS I 109 12.06 -4.71 -13.85
C HIS I 109 12.04 -3.67 -12.71
N ASP I 110 10.86 -3.41 -12.15
CA ASP I 110 10.71 -2.49 -11.02
C ASP I 110 10.80 -3.20 -9.68
N GLY I 111 10.91 -4.53 -9.72
CA GLY I 111 11.02 -5.30 -8.50
C GLY I 111 9.71 -5.87 -8.04
N SER I 112 8.62 -5.55 -8.74
CA SER I 112 7.30 -6.10 -8.40
C SER I 112 7.34 -7.62 -8.51
N VAL I 113 7.11 -8.29 -7.40
CA VAL I 113 7.07 -9.75 -7.41
C VAL I 113 5.64 -10.25 -7.23
N MET I 114 5.30 -11.33 -7.92
CA MET I 114 4.00 -11.97 -7.75
C MET I 114 4.00 -13.49 -7.82
N PHE I 115 3.15 -14.11 -7.02
CA PHE I 115 3.36 -15.50 -6.61
C PHE I 115 2.07 -16.08 -6.06
N ILE I 116 1.44 -16.98 -6.83
CA ILE I 116 0.12 -17.50 -6.49
C ILE I 116 0.03 -19.00 -6.78
N PRO I 117 0.29 -19.80 -5.76
CA PRO I 117 0.12 -21.24 -5.87
C PRO I 117 -1.25 -21.71 -5.37
N ALA I 118 -1.61 -22.96 -5.66
CA ALA I 118 -2.87 -23.52 -5.17
C ALA I 118 -2.57 -24.25 -3.87
N GLN I 119 -3.54 -24.23 -2.96
CA GLN I 119 -3.37 -24.79 -1.62
C GLN I 119 -4.61 -25.52 -1.11
N ARG I 120 -4.35 -26.51 -0.27
CA ARG I 120 -5.42 -27.19 0.45
C ARG I 120 -5.07 -26.90 1.91
N LEU I 121 -6.03 -26.35 2.65
CA LEU I 121 -5.82 -26.01 4.05
C LEU I 121 -6.88 -26.62 4.94
N SER I 122 -6.45 -27.19 6.07
CA SER I 122 -7.34 -27.72 7.10
C SER I 122 -7.22 -26.79 8.31
N PHE I 123 -8.34 -26.24 8.75
CA PHE I 123 -8.35 -25.30 9.87
C PHE I 123 -9.53 -25.56 10.82
N MET I 124 -9.49 -24.95 12.00
CA MET I 124 -10.51 -25.12 13.04
C MET I 124 -11.81 -24.40 12.75
N CYS I 125 -12.89 -25.18 12.68
CA CYS I 125 -14.21 -24.63 12.45
C CYS I 125 -15.30 -25.59 12.91
N ASP I 126 -16.03 -25.23 13.97
CA ASP I 126 -17.19 -26.00 14.38
C ASP I 126 -18.18 -25.75 13.25
N PRO I 127 -18.50 -26.80 12.47
CA PRO I 127 -19.39 -26.59 11.34
C PRO I 127 -20.87 -26.91 11.59
N THR I 128 -21.29 -27.03 12.86
CA THR I 128 -22.69 -27.35 13.13
C THR I 128 -23.61 -26.21 12.68
N GLY I 129 -24.65 -26.57 11.93
CA GLY I 129 -25.57 -25.60 11.34
C GLY I 129 -25.42 -25.58 9.83
N VAL I 130 -24.31 -26.12 9.33
CA VAL I 130 -23.99 -26.18 7.89
C VAL I 130 -25.13 -26.64 6.97
N ASP I 131 -26.04 -27.46 7.51
CA ASP I 131 -27.14 -28.01 6.72
C ASP I 131 -28.48 -27.29 6.96
N SER I 132 -28.42 -26.16 7.65
CA SER I 132 -29.60 -25.34 7.90
C SER I 132 -29.73 -24.34 6.75
N GLU I 133 -30.89 -23.68 6.70
CA GLU I 133 -31.20 -22.68 5.66
C GLU I 133 -30.30 -21.44 5.83
N GLU I 134 -29.71 -21.31 7.01
CA GLU I 134 -28.89 -20.16 7.39
C GLU I 134 -27.40 -20.49 7.40
N GLY I 135 -27.08 -21.78 7.53
CA GLY I 135 -25.71 -22.27 7.47
C GLY I 135 -24.79 -21.98 8.64
N VAL I 136 -23.50 -21.79 8.31
CA VAL I 136 -22.49 -21.54 9.33
C VAL I 136 -21.39 -20.62 8.80
N THR I 137 -20.76 -19.93 9.73
CA THR I 137 -19.68 -19.03 9.43
C THR I 137 -18.41 -19.68 9.97
N CYS I 138 -17.45 -19.93 9.07
CA CYS I 138 -16.14 -20.41 9.47
C CYS I 138 -15.24 -19.21 9.31
N ALA I 139 -14.14 -19.19 10.05
CA ALA I 139 -13.21 -18.07 9.99
C ALA I 139 -11.79 -18.51 10.33
N VAL I 140 -10.83 -17.96 9.59
CA VAL I 140 -9.40 -18.22 9.81
C VAL I 140 -8.60 -16.96 9.47
N LYS I 141 -7.75 -16.54 10.40
CA LYS I 141 -6.88 -15.38 10.24
C LYS I 141 -5.56 -15.76 9.58
N PHE I 142 -5.06 -14.89 8.70
CA PHE I 142 -3.77 -15.06 8.03
C PHE I 142 -2.94 -13.84 8.40
N GLY I 143 -1.65 -14.05 8.63
CA GLY I 143 -0.75 -12.95 8.96
C GLY I 143 0.68 -13.43 8.95
N SER I 144 1.64 -12.52 8.99
CA SER I 144 3.04 -12.94 9.00
C SER I 144 3.29 -13.81 10.22
N TRP I 145 4.10 -14.85 10.07
CA TRP I 145 4.40 -15.63 11.26
C TRP I 145 5.27 -14.81 12.24
N VAL I 146 6.35 -14.18 11.76
CA VAL I 146 7.29 -13.49 12.67
C VAL I 146 7.39 -11.96 12.63
N TYR I 147 6.76 -11.34 11.63
CA TYR I 147 6.84 -9.88 11.48
C TYR I 147 5.60 -9.15 11.98
N SER I 148 5.81 -7.98 12.59
CA SER I 148 4.70 -7.18 13.06
C SER I 148 4.45 -6.07 12.05
N GLY I 149 3.38 -5.31 12.28
CA GLY I 149 3.00 -4.19 11.42
C GLY I 149 4.14 -3.30 10.98
N PHE I 150 5.10 -3.04 11.86
CA PHE I 150 6.23 -2.17 11.50
C PHE I 150 7.13 -2.73 10.41
N GLU I 151 7.02 -4.03 10.15
CA GLU I 151 7.93 -4.72 9.23
C GLU I 151 7.20 -5.28 8.00
N ILE I 152 5.98 -5.76 8.21
CA ILE I 152 5.14 -6.27 7.12
C ILE I 152 3.74 -5.69 7.25
N ASP I 153 3.39 -4.95 6.20
CA ASP I 153 2.15 -4.23 6.09
C ASP I 153 1.19 -5.09 5.26
N LEU I 154 0.60 -6.10 5.90
CA LEU I 154 -0.31 -7.01 5.21
C LEU I 154 -1.52 -6.21 4.68
N LYS I 155 -1.86 -6.38 3.40
CA LYS I 155 -3.01 -5.72 2.78
C LYS I 155 -3.77 -6.68 1.87
N THR I 156 -4.95 -6.24 1.43
CA THR I 156 -5.78 -6.93 0.41
C THR I 156 -6.31 -5.82 -0.51
N ASP I 157 -6.61 -6.15 -1.77
CA ASP I 157 -7.15 -5.17 -2.75
C ASP I 157 -8.65 -4.93 -2.61
N THR I 158 -9.36 -6.01 -2.28
CA THR I 158 -10.80 -5.98 -2.07
C THR I 158 -11.07 -6.84 -0.84
N ASP I 159 -12.19 -6.56 -0.18
CA ASP I 159 -12.52 -7.35 1.00
C ASP I 159 -13.28 -8.60 0.63
N GLN I 160 -13.56 -8.75 -0.66
CA GLN I 160 -14.27 -9.93 -1.17
C GLN I 160 -13.33 -10.98 -1.73
N VAL I 161 -13.44 -12.20 -1.20
CA VAL I 161 -12.72 -13.35 -1.78
C VAL I 161 -13.35 -13.56 -3.16
N ASP I 162 -12.51 -13.86 -4.14
CA ASP I 162 -13.00 -14.10 -5.50
C ASP I 162 -13.65 -15.47 -5.60
N LEU I 163 -14.85 -15.50 -6.17
CA LEU I 163 -15.64 -16.72 -6.33
C LEU I 163 -16.06 -16.98 -7.77
N SER I 164 -15.46 -16.27 -8.73
CA SER I 164 -15.76 -16.45 -10.16
C SER I 164 -15.28 -17.81 -10.66
N SER I 165 -14.63 -18.53 -9.75
CA SER I 165 -14.01 -19.80 -10.05
C SER I 165 -14.44 -20.90 -9.08
N TYR I 166 -15.31 -20.54 -8.14
CA TYR I 166 -15.85 -21.50 -7.18
C TYR I 166 -16.55 -22.59 -7.99
N TYR I 167 -16.48 -23.82 -7.49
CA TYR I 167 -17.00 -24.97 -8.21
C TYR I 167 -18.52 -25.03 -8.35
N ALA I 168 -18.97 -24.95 -9.61
CA ALA I 168 -20.40 -24.95 -9.94
C ALA I 168 -21.16 -26.11 -9.28
N SER I 169 -20.57 -27.30 -9.34
CA SER I 169 -21.21 -28.48 -8.77
C SER I 169 -20.71 -28.78 -7.34
N SER I 170 -20.46 -27.72 -6.57
CA SER I 170 -19.98 -27.86 -5.20
C SER I 170 -21.10 -28.21 -4.25
N LYS I 171 -20.78 -29.07 -3.27
CA LYS I 171 -21.75 -29.46 -2.25
C LYS I 171 -22.12 -28.26 -1.38
N TYR I 172 -21.35 -27.18 -1.47
CA TYR I 172 -21.61 -26.01 -0.64
C TYR I 172 -21.94 -24.73 -1.38
N GLU I 173 -22.66 -23.87 -0.68
CA GLU I 173 -23.09 -22.59 -1.19
C GLU I 173 -22.47 -21.51 -0.33
N ILE I 174 -21.90 -20.51 -0.99
CA ILE I 174 -21.23 -19.42 -0.31
C ILE I 174 -22.18 -18.26 -0.14
N LEU I 175 -22.58 -18.02 1.09
CA LEU I 175 -23.45 -16.92 1.42
C LEU I 175 -22.62 -15.64 1.45
N SER I 176 -21.32 -15.80 1.70
CA SER I 176 -20.37 -14.68 1.69
C SER I 176 -18.96 -15.11 2.07
N ALA I 177 -17.99 -14.55 1.36
CA ALA I 177 -16.59 -14.82 1.57
C ALA I 177 -15.81 -13.51 1.50
N THR I 178 -15.33 -13.07 2.65
CA THR I 178 -14.58 -11.83 2.74
C THR I 178 -13.16 -12.03 3.25
N GLN I 179 -12.27 -11.15 2.80
CA GLN I 179 -10.86 -11.15 3.20
C GLN I 179 -10.57 -9.75 3.72
N THR I 180 -10.79 -9.58 5.01
CA THR I 180 -10.64 -8.26 5.62
C THR I 180 -9.43 -8.14 6.50
N ARG I 181 -8.73 -7.05 6.28
CA ARG I 181 -7.56 -6.71 7.04
C ARG I 181 -7.94 -5.96 8.31
N GLN I 182 -7.43 -6.46 9.43
CA GLN I 182 -7.62 -5.79 10.70
C GLN I 182 -6.26 -5.45 11.31
N VAL I 183 -6.16 -4.25 11.86
CA VAL I 183 -4.95 -3.78 12.50
C VAL I 183 -5.25 -3.82 13.99
N GLN I 184 -4.43 -4.57 14.72
CA GLN I 184 -4.61 -4.74 16.14
C GLN I 184 -3.58 -3.92 16.87
N HIS I 185 -4.06 -2.96 17.66
CA HIS I 185 -3.20 -2.12 18.50
C HIS I 185 -3.43 -2.56 19.94
N TYR I 186 -2.51 -3.38 20.46
CA TYR I 186 -2.64 -3.87 21.83
C TYR I 186 -1.97 -2.92 22.81
N SER I 187 -2.58 -2.76 23.98
CA SER I 187 -2.10 -1.83 25.00
C SER I 187 -0.82 -2.28 25.73
N CYS I 188 -0.19 -3.35 25.27
CA CYS I 188 1.02 -3.87 25.89
C CYS I 188 2.24 -3.43 25.13
N CYS I 189 2.02 -3.25 23.83
CA CYS I 189 3.14 -3.16 22.91
C CYS I 189 2.88 -2.07 21.89
N PRO I 190 3.86 -1.19 21.68
CA PRO I 190 3.67 -0.08 20.74
C PRO I 190 3.42 -0.52 19.30
N GLU I 191 3.80 -1.75 18.98
CA GLU I 191 3.69 -2.22 17.61
C GLU I 191 2.36 -2.87 17.25
N PRO I 192 1.79 -2.47 16.10
CA PRO I 192 0.57 -3.03 15.57
C PRO I 192 0.82 -4.43 14.99
N TYR I 193 -0.28 -5.18 14.89
CA TYR I 193 -0.28 -6.52 14.34
C TYR I 193 -1.45 -6.57 13.37
N ILE I 194 -1.14 -7.01 12.15
CA ILE I 194 -2.14 -7.06 11.10
C ILE I 194 -2.40 -8.48 10.65
N ASP I 195 -3.68 -8.79 10.47
CA ASP I 195 -4.05 -10.09 9.98
C ASP I 195 -5.08 -9.86 8.89
N VAL I 196 -5.22 -10.84 8.01
CA VAL I 196 -6.29 -10.84 7.05
C VAL I 196 -7.19 -11.95 7.56
N ASN I 197 -8.46 -11.62 7.76
CA ASN I 197 -9.40 -12.55 8.34
C ASN I 197 -10.34 -13.09 7.26
N LEU I 198 -10.14 -14.35 6.89
CA LEU I 198 -10.97 -15.02 5.88
C LEU I 198 -12.21 -15.58 6.55
N VAL I 199 -13.39 -15.06 6.17
CA VAL I 199 -14.67 -15.45 6.79
C VAL I 199 -15.66 -16.03 5.76
N VAL I 200 -15.97 -17.31 5.88
CA VAL I 200 -16.86 -17.95 4.94
C VAL I 200 -18.18 -18.40 5.59
N LYS I 201 -19.26 -17.68 5.28
CA LYS I 201 -20.58 -18.08 5.74
C LYS I 201 -21.08 -18.96 4.61
N PHE I 202 -21.36 -20.22 4.93
CA PHE I 202 -21.73 -21.19 3.92
C PHE I 202 -22.73 -22.22 4.44
N ARG I 203 -23.38 -22.91 3.50
CA ARG I 203 -24.37 -23.93 3.82
C ARG I 203 -24.44 -24.96 2.70
N GLU I 204 -24.98 -26.14 2.99
CA GLU I 204 -25.13 -27.19 1.96
C GLU I 204 -26.32 -26.88 1.07
N ARG I 205 -26.12 -27.02 -0.25
CA ARG I 205 -27.19 -26.77 -1.22
C ARG I 205 -28.44 -27.61 -0.99
N GLN J 1 18.90 -3.31 4.42
CA GLN J 1 19.30 -4.50 3.61
C GLN J 1 20.79 -4.69 3.86
N ALA J 2 21.55 -3.69 3.41
CA ALA J 2 23.02 -3.65 3.46
C ALA J 2 23.71 -4.29 4.68
N ASN J 3 23.54 -3.69 5.86
CA ASN J 3 24.18 -4.14 7.11
C ASN J 3 23.76 -5.49 7.68
N LEU J 4 22.46 -5.82 7.57
CA LEU J 4 21.96 -7.10 8.05
C LEU J 4 22.55 -8.24 7.22
N MET J 5 22.78 -7.98 5.93
CA MET J 5 23.40 -8.99 5.11
C MET J 5 24.80 -9.24 5.65
N ARG J 6 25.51 -8.17 6.07
CA ARG J 6 26.88 -8.33 6.57
C ARG J 6 26.84 -9.09 7.89
N LEU J 7 25.94 -8.67 8.79
CA LEU J 7 25.73 -9.31 10.10
C LEU J 7 25.48 -10.80 9.95
N LYS J 8 24.30 -11.18 9.42
CA LYS J 8 23.98 -12.58 9.19
C LYS J 8 25.21 -13.30 8.68
N SER J 9 25.66 -12.90 7.48
CA SER J 9 26.87 -13.45 6.84
C SER J 9 28.01 -13.73 7.81
N ASP J 10 28.40 -12.71 8.57
CA ASP J 10 29.47 -12.84 9.57
C ASP J 10 29.15 -13.92 10.62
N LEU J 11 27.96 -13.83 11.21
CA LEU J 11 27.53 -14.78 12.26
C LEU J 11 27.40 -16.23 11.87
N PHE J 12 27.04 -16.48 10.61
CA PHE J 12 26.82 -17.87 10.20
C PHE J 12 28.01 -18.52 9.52
N ASN J 13 28.80 -17.72 8.82
CA ASN J 13 29.93 -18.23 8.05
C ASN J 13 31.27 -18.45 8.76
N ARG J 14 31.99 -17.37 9.06
CA ARG J 14 33.35 -17.45 9.61
C ARG J 14 33.59 -18.57 10.61
N SER J 15 32.80 -18.58 11.69
CA SER J 15 32.95 -19.55 12.76
C SER J 15 32.29 -20.89 12.47
N PRO J 16 32.86 -22.00 12.99
CA PRO J 16 32.20 -23.30 12.86
C PRO J 16 30.95 -23.27 13.73
N MET J 17 29.94 -24.09 13.44
CA MET J 17 28.69 -24.05 14.21
C MET J 17 28.80 -24.60 15.64
N TYR J 18 27.88 -24.12 16.48
CA TYR J 18 27.76 -24.47 17.89
C TYR J 18 27.54 -25.98 18.11
N PRO J 19 28.36 -26.61 18.99
CA PRO J 19 28.25 -28.06 19.16
C PRO J 19 27.20 -28.55 20.18
N GLY J 20 26.38 -27.64 20.68
CA GLY J 20 25.42 -28.02 21.71
C GLY J 20 26.06 -27.82 23.07
N PRO J 21 25.26 -27.91 24.13
CA PRO J 21 25.75 -27.73 25.50
C PRO J 21 26.59 -28.90 26.02
N THR J 22 27.26 -28.65 27.15
CA THR J 22 28.08 -29.62 27.84
C THR J 22 27.91 -29.30 29.31
N LYS J 23 28.49 -30.11 30.18
CA LYS J 23 28.39 -29.88 31.62
C LYS J 23 29.12 -28.58 31.99
N ASP J 24 30.19 -28.28 31.25
CA ASP J 24 30.99 -27.05 31.44
C ASP J 24 30.22 -25.83 30.98
N ASP J 25 29.47 -26.01 29.90
CA ASP J 25 28.68 -24.93 29.33
C ASP J 25 27.19 -25.27 29.28
N PRO J 26 26.55 -25.36 30.47
CA PRO J 26 25.12 -25.57 30.51
C PRO J 26 24.39 -24.54 29.67
N LEU J 27 23.11 -24.80 29.43
CA LEU J 27 22.28 -23.93 28.64
C LEU J 27 20.89 -23.99 29.25
N THR J 28 20.23 -22.84 29.33
CA THR J 28 18.87 -22.75 29.88
C THR J 28 17.82 -22.53 28.79
N VAL J 29 16.93 -23.51 28.62
CA VAL J 29 15.82 -23.38 27.67
C VAL J 29 14.54 -23.21 28.47
N THR J 30 13.74 -22.21 28.10
CA THR J 30 12.45 -21.94 28.73
C THR J 30 11.41 -22.48 27.75
N LEU J 31 10.50 -23.32 28.24
CA LEU J 31 9.46 -23.91 27.40
C LEU J 31 8.11 -23.32 27.79
N GLY J 32 7.22 -23.14 26.82
CA GLY J 32 5.86 -22.62 27.03
C GLY J 32 4.93 -23.17 25.96
N PHE J 33 3.64 -23.30 26.26
CA PHE J 33 2.66 -23.84 25.29
C PHE J 33 1.41 -22.96 25.16
N THR J 34 0.88 -22.84 23.95
CA THR J 34 -0.37 -22.11 23.71
C THR J 34 -1.36 -23.10 23.11
N LEU J 35 -2.14 -23.75 23.98
CA LEU J 35 -3.09 -24.76 23.53
C LEU J 35 -4.21 -24.11 22.73
N GLN J 36 -4.30 -24.54 21.48
CA GLN J 36 -5.28 -24.05 20.52
C GLN J 36 -6.50 -24.94 20.45
N ASP J 37 -6.30 -26.26 20.39
CA ASP J 37 -7.46 -27.17 20.36
C ASP J 37 -7.13 -28.65 20.56
N ILE J 38 -8.08 -29.36 21.17
CA ILE J 38 -8.02 -30.80 21.25
C ILE J 38 -8.76 -31.17 19.97
N VAL J 39 -7.99 -31.62 18.99
CA VAL J 39 -8.52 -31.85 17.64
C VAL J 39 -8.92 -33.30 17.31
N LYS J 40 -8.52 -34.24 18.17
CA LYS J 40 -8.91 -35.63 18.00
C LYS J 40 -8.78 -36.40 19.30
N VAL J 41 -9.78 -37.20 19.58
CA VAL J 41 -9.83 -38.07 20.74
C VAL J 41 -10.18 -39.45 20.22
N ASP J 42 -9.27 -40.41 20.40
CA ASP J 42 -9.50 -41.75 19.88
C ASP J 42 -9.45 -42.77 21.01
N SER J 43 -10.62 -43.30 21.34
CA SER J 43 -10.77 -44.25 22.44
C SER J 43 -10.46 -45.71 22.11
N SER J 44 -10.38 -46.03 20.81
CA SER J 44 -10.08 -47.39 20.39
C SER J 44 -8.58 -47.64 20.19
N THR J 45 -7.79 -46.57 20.21
CA THR J 45 -6.34 -46.70 20.13
C THR J 45 -5.73 -46.04 21.35
N ASN J 46 -6.50 -45.18 22.01
CA ASN J 46 -6.05 -44.39 23.17
C ASN J 46 -5.01 -43.38 22.74
N GLU J 47 -5.41 -42.54 21.79
CA GLU J 47 -4.54 -41.51 21.24
C GLU J 47 -5.31 -40.21 21.20
N VAL J 48 -4.66 -39.17 21.70
CA VAL J 48 -5.21 -37.82 21.72
C VAL J 48 -4.30 -36.89 20.93
N ASP J 49 -4.91 -36.05 20.09
CA ASP J 49 -4.20 -35.07 19.27
C ASP J 49 -4.40 -33.65 19.76
N LEU J 50 -3.33 -32.87 19.74
CA LEU J 50 -3.40 -31.47 20.17
C LEU J 50 -2.81 -30.55 19.12
N VAL J 51 -3.31 -29.33 19.06
CA VAL J 51 -2.74 -28.29 18.20
C VAL J 51 -2.31 -27.16 19.13
N TYR J 52 -1.05 -26.75 19.02
CA TYR J 52 -0.53 -25.73 19.91
C TYR J 52 0.70 -25.01 19.36
N TYR J 53 0.97 -23.82 19.92
CA TYR J 53 2.19 -23.13 19.59
C TYR J 53 3.15 -23.51 20.70
N GLU J 54 4.37 -23.81 20.31
CA GLU J 54 5.40 -24.17 21.27
C GLU J 54 6.48 -23.11 21.26
N GLN J 55 6.68 -22.49 22.42
CA GLN J 55 7.68 -21.44 22.57
C GLN J 55 8.94 -22.04 23.15
N GLN J 56 10.07 -21.73 22.56
CA GLN J 56 11.35 -22.20 23.07
C GLN J 56 12.34 -21.04 23.08
N ARG J 57 12.80 -20.69 24.28
CA ARG J 57 13.66 -19.55 24.41
C ARG J 57 14.97 -19.95 25.05
N TRP J 58 16.09 -19.50 24.47
CA TRP J 58 17.41 -19.82 25.01
C TRP J 58 18.42 -18.74 24.61
N LYS J 59 19.69 -18.90 24.96
CA LYS J 59 20.67 -17.86 24.66
C LYS J 59 22.06 -18.38 24.32
N LEU J 60 22.68 -17.82 23.27
CA LEU J 60 24.04 -18.21 22.90
C LEU J 60 25.06 -17.08 22.92
N ASN J 61 26.13 -17.27 23.68
CA ASN J 61 27.24 -16.32 23.68
C ASN J 61 27.78 -16.20 22.26
N SER J 62 27.67 -17.30 21.52
CA SER J 62 28.13 -17.36 20.14
C SER J 62 27.27 -16.55 19.18
N LEU J 63 26.13 -16.06 19.66
CA LEU J 63 25.26 -15.27 18.80
C LEU J 63 25.27 -13.79 19.13
N MET J 64 26.27 -13.38 19.91
CA MET J 64 26.39 -11.98 20.34
C MET J 64 27.13 -11.09 19.36
N TRP J 65 26.73 -9.82 19.32
CA TRP J 65 27.38 -8.84 18.47
C TRP J 65 27.11 -7.43 18.99
N ASP J 66 28.09 -6.56 18.77
CA ASP J 66 28.01 -5.15 19.11
C ASP J 66 27.09 -4.53 18.05
N PRO J 67 25.93 -4.01 18.47
CA PRO J 67 24.96 -3.44 17.53
C PRO J 67 25.54 -2.26 16.75
N ASN J 68 26.43 -1.51 17.40
CA ASN J 68 27.05 -0.31 16.82
C ASN J 68 27.89 -0.58 15.55
N GLU J 69 28.57 -1.73 15.53
CA GLU J 69 29.40 -2.14 14.39
C GLU J 69 28.54 -2.64 13.23
N TYR J 70 27.23 -2.70 13.44
CA TYR J 70 26.33 -3.24 12.43
C TYR J 70 25.11 -2.40 12.09
N GLY J 71 25.27 -1.08 12.11
CA GLY J 71 24.19 -0.15 11.78
C GLY J 71 23.11 -0.11 12.84
N ASN J 72 23.54 -0.27 14.09
CA ASN J 72 22.63 -0.24 15.24
C ASN J 72 21.51 -1.32 15.18
N ILE J 73 21.79 -2.42 14.46
CA ILE J 73 20.91 -3.59 14.39
C ILE J 73 20.98 -4.31 15.73
N THR J 74 19.82 -4.45 16.37
CA THR J 74 19.70 -5.06 17.68
C THR J 74 19.23 -6.52 17.68
N ASP J 75 18.60 -6.93 16.58
CA ASP J 75 18.05 -8.28 16.42
C ASP J 75 17.57 -8.53 14.99
N PHE J 76 17.28 -9.80 14.68
CA PHE J 76 16.80 -10.18 13.35
C PHE J 76 16.17 -11.57 13.32
N ARG J 77 15.30 -11.77 12.33
CA ARG J 77 14.67 -13.06 12.12
C ARG J 77 15.47 -13.84 11.09
N THR J 78 15.39 -15.18 11.18
CA THR J 78 16.08 -16.06 10.23
C THR J 78 15.57 -17.48 10.36
N SER J 79 15.57 -18.21 9.24
CA SER J 79 15.18 -19.62 9.24
C SER J 79 15.84 -20.32 10.41
N ALA J 80 15.07 -21.16 11.11
CA ALA J 80 15.60 -21.92 12.24
C ALA J 80 16.72 -22.89 11.82
N ALA J 81 16.76 -23.23 10.53
CA ALA J 81 17.83 -24.09 9.99
C ALA J 81 19.18 -23.36 10.01
N ASP J 82 19.15 -22.03 10.11
CA ASP J 82 20.38 -21.24 10.18
C ASP J 82 21.08 -21.40 11.53
N ILE J 83 20.34 -21.91 12.52
CA ILE J 83 20.89 -22.02 13.87
C ILE J 83 20.68 -23.38 14.53
N TRP J 84 21.39 -23.57 15.64
CA TRP J 84 21.22 -24.74 16.48
C TRP J 84 19.95 -24.48 17.24
N THR J 85 19.13 -25.51 17.38
CA THR J 85 17.94 -25.44 18.23
C THR J 85 18.05 -26.66 19.15
N PRO J 86 17.51 -26.57 20.38
CA PRO J 86 17.49 -27.70 21.34
C PRO J 86 16.66 -28.91 20.85
N ASP J 87 16.82 -30.05 21.53
CA ASP J 87 16.16 -31.30 21.11
C ASP J 87 14.99 -31.67 22.03
N ILE J 88 14.26 -30.65 22.45
CA ILE J 88 13.12 -30.81 23.36
C ILE J 88 11.99 -31.51 22.63
N THR J 89 11.61 -32.67 23.17
CA THR J 89 10.64 -33.55 22.53
C THR J 89 9.65 -34.12 23.52
N ALA J 90 8.43 -34.33 23.04
CA ALA J 90 7.40 -35.04 23.80
C ALA J 90 7.91 -36.49 23.83
N TYR J 91 7.89 -37.09 25.02
CA TYR J 91 8.40 -38.45 25.23
C TYR J 91 7.44 -39.62 24.98
N SER J 92 6.18 -39.34 24.69
CA SER J 92 5.19 -40.40 24.55
C SER J 92 4.17 -40.09 23.47
N SER J 93 4.69 -39.68 22.33
CA SER J 93 3.89 -39.40 21.16
C SER J 93 3.75 -40.70 20.41
N THR J 94 2.68 -40.81 19.65
CA THR J 94 2.43 -42.02 18.88
C THR J 94 2.75 -41.82 17.41
N ARG J 95 2.88 -40.57 16.98
CA ARG J 95 3.20 -40.26 15.58
C ARG J 95 4.18 -39.10 15.45
N PRO J 96 4.82 -38.97 14.26
CA PRO J 96 5.73 -37.86 14.03
C PRO J 96 5.01 -36.52 14.12
N VAL J 97 5.62 -35.56 14.81
CA VAL J 97 5.02 -34.24 14.97
C VAL J 97 4.87 -33.53 13.65
N GLN J 98 3.76 -32.85 13.48
CA GLN J 98 3.56 -32.09 12.26
C GLN J 98 3.83 -30.61 12.55
N VAL J 99 4.86 -30.09 11.88
CA VAL J 99 5.26 -28.69 11.99
C VAL J 99 4.30 -27.90 11.10
N LEU J 100 3.37 -27.17 11.74
CA LEU J 100 2.25 -26.50 11.06
C LEU J 100 2.42 -25.04 10.66
N SER J 101 3.64 -24.53 10.67
CA SER J 101 3.88 -23.15 10.36
C SER J 101 5.29 -23.03 9.84
N PRO J 102 5.73 -21.80 9.50
CA PRO J 102 7.15 -21.66 9.19
C PRO J 102 7.94 -21.84 10.48
N GLN J 103 9.24 -22.09 10.33
CA GLN J 103 10.12 -22.24 11.47
C GLN J 103 11.17 -21.16 11.40
N ILE J 104 10.84 -20.01 12.02
CA ILE J 104 11.73 -18.85 12.02
C ILE J 104 12.01 -18.35 13.44
N ALA J 105 13.27 -18.03 13.70
CA ALA J 105 13.68 -17.55 15.02
C ALA J 105 13.99 -16.06 15.03
N VAL J 106 14.12 -15.51 16.25
CA VAL J 106 14.55 -14.13 16.39
C VAL J 106 15.87 -14.17 17.13
N VAL J 107 16.86 -13.44 16.62
CA VAL J 107 18.19 -13.44 17.21
C VAL J 107 18.55 -12.04 17.68
N THR J 108 18.63 -11.88 18.98
CA THR J 108 18.93 -10.61 19.64
C THR J 108 20.44 -10.46 19.85
N HIS J 109 20.92 -9.21 19.89
CA HIS J 109 22.36 -8.93 19.99
C HIS J 109 23.08 -9.53 21.21
N ASP J 110 22.35 -9.77 22.30
CA ASP J 110 22.94 -10.37 23.49
C ASP J 110 23.03 -11.90 23.35
N GLY J 111 22.70 -12.38 22.15
CA GLY J 111 22.76 -13.81 21.84
C GLY J 111 21.51 -14.57 22.22
N SER J 112 20.40 -13.85 22.41
CA SER J 112 19.12 -14.45 22.73
C SER J 112 18.48 -14.93 21.45
N VAL J 113 18.03 -16.17 21.47
CA VAL J 113 17.39 -16.75 20.33
C VAL J 113 16.00 -17.14 20.86
N MET J 114 14.97 -17.00 20.03
CA MET J 114 13.62 -17.45 20.44
C MET J 114 12.88 -17.95 19.20
N PHE J 115 11.89 -18.81 19.40
CA PHE J 115 11.32 -19.55 18.29
C PHE J 115 9.96 -20.16 18.66
N ILE J 116 8.94 -20.00 17.79
CA ILE J 116 7.58 -20.48 18.13
C ILE J 116 6.79 -21.09 16.96
N PRO J 117 7.01 -22.38 16.66
CA PRO J 117 6.21 -22.97 15.60
C PRO J 117 4.91 -23.62 16.10
N ALA J 118 3.91 -23.68 15.24
CA ALA J 118 2.66 -24.37 15.54
C ALA J 118 2.97 -25.85 15.35
N GLN J 119 2.25 -26.71 16.07
CA GLN J 119 2.55 -28.14 16.07
C GLN J 119 1.32 -28.98 16.31
N ARG J 120 1.29 -30.14 15.66
CA ARG J 120 0.23 -31.10 15.89
C ARG J 120 0.89 -32.28 16.62
N LEU J 121 0.32 -32.66 17.77
CA LEU J 121 0.85 -33.78 18.53
C LEU J 121 -0.21 -34.85 18.62
N SER J 122 0.25 -36.10 18.52
CA SER J 122 -0.56 -37.29 18.72
C SER J 122 0.25 -38.00 19.78
N PHE J 123 -0.35 -38.15 20.96
CA PHE J 123 0.32 -38.79 22.08
C PHE J 123 -0.62 -39.80 22.74
N MET J 124 -0.09 -40.56 23.68
CA MET J 124 -0.85 -41.58 24.38
C MET J 124 -1.76 -41.03 25.46
N CYS J 125 -3.03 -41.41 25.38
CA CYS J 125 -4.02 -41.02 26.37
C CYS J 125 -5.30 -41.84 26.27
N ASP J 126 -5.70 -42.44 27.39
CA ASP J 126 -6.96 -43.18 27.48
C ASP J 126 -8.01 -42.10 27.73
N PRO J 127 -8.80 -41.74 26.71
CA PRO J 127 -9.75 -40.65 26.86
C PRO J 127 -11.03 -41.00 27.63
N THR J 128 -11.09 -42.19 28.23
CA THR J 128 -12.28 -42.66 28.95
C THR J 128 -12.75 -41.73 30.06
N GLY J 129 -14.00 -41.30 29.95
CA GLY J 129 -14.61 -40.40 30.91
C GLY J 129 -14.68 -38.97 30.41
N VAL J 130 -14.37 -38.75 29.13
CA VAL J 130 -14.43 -37.42 28.53
C VAL J 130 -15.90 -37.00 28.37
N ASP J 131 -16.77 -37.99 28.23
CA ASP J 131 -18.21 -37.78 28.07
C ASP J 131 -18.89 -37.73 29.44
N SER J 132 -18.10 -37.41 30.45
CA SER J 132 -18.53 -37.34 31.84
C SER J 132 -18.43 -35.92 32.38
N GLU J 133 -19.10 -35.66 33.50
CA GLU J 133 -19.06 -34.33 34.10
C GLU J 133 -17.68 -34.09 34.71
N GLU J 134 -17.07 -35.15 35.25
CA GLU J 134 -15.74 -35.05 35.85
C GLU J 134 -14.64 -34.90 34.79
N GLY J 135 -14.89 -35.42 33.59
CA GLY J 135 -13.94 -35.30 32.50
C GLY J 135 -12.88 -36.37 32.45
N VAL J 136 -11.69 -35.97 31.99
CA VAL J 136 -10.56 -36.88 31.82
C VAL J 136 -9.25 -36.10 31.81
N THR J 137 -8.18 -36.72 32.30
CA THR J 137 -6.88 -36.04 32.38
C THR J 137 -5.82 -36.67 31.47
N CYS J 138 -5.20 -35.86 30.62
CA CYS J 138 -4.14 -36.34 29.73
C CYS J 138 -2.80 -35.70 30.09
N ALA J 139 -1.74 -36.49 30.06
CA ALA J 139 -0.40 -36.00 30.35
C ALA J 139 0.62 -36.47 29.32
N VAL J 140 1.67 -35.65 29.14
CA VAL J 140 2.76 -35.92 28.21
C VAL J 140 4.02 -35.16 28.66
N LYS J 141 5.11 -35.90 28.87
CA LYS J 141 6.36 -35.32 29.34
C LYS J 141 7.25 -34.78 28.21
N PHE J 142 7.59 -33.50 28.30
CA PHE J 142 8.48 -32.90 27.32
C PHE J 142 9.85 -32.78 27.93
N GLY J 143 10.88 -33.02 27.14
CA GLY J 143 12.23 -32.90 27.65
C GLY J 143 13.24 -33.12 26.57
N SER J 144 14.49 -32.71 26.86
CA SER J 144 15.60 -32.88 25.93
C SER J 144 15.69 -34.36 25.65
N TRP J 145 16.02 -34.73 24.42
CA TRP J 145 16.13 -36.14 24.09
C TRP J 145 17.46 -36.76 24.54
N VAL J 146 18.55 -35.98 24.54
CA VAL J 146 19.86 -36.53 24.92
C VAL J 146 20.54 -35.90 26.14
N TYR J 147 20.09 -34.72 26.54
CA TYR J 147 20.73 -33.98 27.62
C TYR J 147 20.08 -34.04 28.99
N SER J 148 20.90 -34.13 30.04
CA SER J 148 20.37 -34.09 31.41
C SER J 148 20.41 -32.65 31.92
N GLY J 149 19.69 -32.40 33.03
CA GLY J 149 19.68 -31.08 33.69
C GLY J 149 21.05 -30.46 33.86
N PHE J 150 22.10 -31.27 33.63
CA PHE J 150 23.47 -30.79 33.70
C PHE J 150 23.95 -30.07 32.46
N GLU J 151 23.35 -30.40 31.33
CA GLU J 151 23.70 -29.79 30.07
C GLU J 151 22.59 -28.86 29.62
N ILE J 152 21.34 -29.23 29.89
CA ILE J 152 20.20 -28.39 29.56
C ILE J 152 19.27 -28.21 30.76
N ASP J 153 19.05 -26.95 31.12
CA ASP J 153 18.22 -26.60 32.25
C ASP J 153 16.80 -26.16 31.84
N LEU J 154 16.00 -27.14 31.43
CA LEU J 154 14.63 -26.90 31.01
C LEU J 154 13.78 -26.10 32.02
N LYS J 155 13.13 -25.03 31.56
CA LYS J 155 12.30 -24.20 32.45
C LYS J 155 10.99 -23.71 31.81
N THR J 156 10.18 -23.03 32.61
CA THR J 156 8.97 -22.35 32.13
C THR J 156 8.87 -21.04 32.92
N ASP J 157 8.12 -20.06 32.42
CA ASP J 157 7.92 -18.81 33.14
C ASP J 157 6.63 -18.88 33.94
N THR J 158 5.77 -19.84 33.60
CA THR J 158 4.52 -20.09 34.31
C THR J 158 4.12 -21.57 34.19
N ASP J 159 3.38 -22.05 35.17
CA ASP J 159 2.92 -23.43 35.17
C ASP J 159 1.51 -23.52 34.61
N GLN J 160 0.98 -22.39 34.15
CA GLN J 160 -0.36 -22.34 33.56
C GLN J 160 -0.26 -22.25 32.05
N VAL J 161 -1.00 -23.13 31.37
CA VAL J 161 -0.97 -23.18 29.90
C VAL J 161 -1.81 -22.07 29.28
N ASP J 162 -1.16 -21.27 28.42
CA ASP J 162 -1.84 -20.16 27.78
C ASP J 162 -3.00 -20.67 26.92
N LEU J 163 -4.19 -20.53 27.49
CA LEU J 163 -5.43 -20.97 26.87
C LEU J 163 -6.17 -19.75 26.34
N SER J 164 -5.44 -18.65 26.11
CA SER J 164 -6.08 -17.40 25.70
C SER J 164 -6.65 -17.43 24.28
N SER J 165 -6.11 -18.32 23.43
CA SER J 165 -6.63 -18.45 22.07
C SER J 165 -7.15 -19.87 21.83
N TYR J 166 -7.70 -20.50 22.86
CA TYR J 166 -8.28 -21.83 22.70
C TYR J 166 -9.52 -21.64 21.82
N TYR J 167 -9.75 -22.56 20.90
CA TYR J 167 -10.87 -22.43 19.97
C TYR J 167 -12.21 -22.32 20.71
N ALA J 168 -12.81 -21.13 20.63
CA ALA J 168 -14.05 -20.81 21.34
C ALA J 168 -15.27 -21.70 21.02
N SER J 169 -15.23 -22.41 19.90
CA SER J 169 -16.31 -23.35 19.55
C SER J 169 -15.83 -24.81 19.64
N SER J 170 -14.68 -24.98 20.29
CA SER J 170 -14.08 -26.30 20.55
C SER J 170 -15.04 -27.30 21.16
N LYS J 171 -14.92 -28.55 20.71
CA LYS J 171 -15.70 -29.67 21.25
C LYS J 171 -15.55 -29.85 22.76
N TYR J 172 -14.37 -29.47 23.25
CA TYR J 172 -14.01 -29.70 24.64
C TYR J 172 -13.88 -28.43 25.44
N GLU J 173 -14.11 -28.59 26.74
CA GLU J 173 -13.92 -27.53 27.72
C GLU J 173 -12.62 -27.91 28.41
N ILE J 174 -11.72 -26.95 28.62
CA ILE J 174 -10.47 -27.24 29.31
C ILE J 174 -10.70 -27.05 30.80
N LEU J 175 -10.92 -28.13 31.54
CA LEU J 175 -11.14 -28.00 32.98
C LEU J 175 -9.87 -27.47 33.67
N SER J 176 -8.74 -27.67 33.00
CA SER J 176 -7.43 -27.14 33.40
C SER J 176 -6.33 -27.70 32.51
N ALA J 177 -5.32 -26.88 32.24
CA ALA J 177 -4.19 -27.31 31.46
C ALA J 177 -2.99 -26.68 32.11
N THR J 178 -2.04 -27.51 32.54
CA THR J 178 -0.81 -27.02 33.16
C THR J 178 0.45 -27.50 32.43
N GLN J 179 1.57 -26.89 32.78
CA GLN J 179 2.87 -27.20 32.22
C GLN J 179 3.87 -27.14 33.38
N THR J 180 3.95 -28.25 34.10
CA THR J 180 4.76 -28.31 35.30
C THR J 180 6.11 -28.95 35.14
N ARG J 181 7.11 -28.11 35.35
CA ARG J 181 8.47 -28.55 35.38
C ARG J 181 8.67 -29.44 36.61
N GLN J 182 9.29 -30.59 36.38
CA GLN J 182 9.68 -31.50 37.46
C GLN J 182 11.18 -31.77 37.37
N VAL J 183 11.89 -31.64 38.48
CA VAL J 183 13.30 -32.03 38.49
C VAL J 183 13.34 -33.41 39.14
N GLN J 184 14.11 -34.32 38.55
CA GLN J 184 14.20 -35.68 39.06
C GLN J 184 15.65 -36.05 39.42
N HIS J 185 15.85 -36.49 40.65
CA HIS J 185 17.13 -37.03 41.06
C HIS J 185 16.90 -38.50 41.34
N TYR J 186 17.67 -39.34 40.67
CA TYR J 186 17.56 -40.78 40.88
C TYR J 186 18.68 -41.22 41.79
N SER J 187 18.41 -42.27 42.56
CA SER J 187 19.33 -42.80 43.56
C SER J 187 20.60 -43.35 42.92
N CYS J 188 20.42 -43.94 41.75
CA CYS J 188 21.50 -44.52 40.95
C CYS J 188 22.45 -43.46 40.46
N CYS J 189 21.84 -42.32 40.14
CA CYS J 189 22.53 -41.33 39.34
C CYS J 189 22.60 -39.92 39.92
N PRO J 190 23.82 -39.34 39.93
CA PRO J 190 24.08 -38.03 40.48
C PRO J 190 23.59 -36.90 39.58
N GLU J 191 23.54 -37.15 38.26
CA GLU J 191 23.07 -36.16 37.32
C GLU J 191 21.53 -36.07 37.39
N PRO J 192 20.99 -34.84 37.36
CA PRO J 192 19.55 -34.68 37.46
C PRO J 192 18.86 -34.69 36.11
N TYR J 193 17.60 -35.10 36.08
CA TYR J 193 16.82 -35.08 34.85
C TYR J 193 15.59 -34.20 35.01
N ILE J 194 15.46 -33.23 34.10
CA ILE J 194 14.38 -32.24 34.15
C ILE J 194 13.31 -32.47 33.09
N ASP J 195 12.04 -32.26 33.45
CA ASP J 195 10.97 -32.43 32.48
C ASP J 195 9.80 -31.46 32.66
N VAL J 196 9.21 -31.03 31.56
CA VAL J 196 7.97 -30.28 31.68
C VAL J 196 6.88 -31.31 31.43
N ASN J 197 5.93 -31.42 32.35
CA ASN J 197 4.80 -32.31 32.18
C ASN J 197 3.59 -31.48 31.79
N LEU J 198 2.93 -31.87 30.70
CA LEU J 198 1.76 -31.16 30.19
C LEU J 198 0.49 -31.90 30.53
N VAL J 199 -0.18 -31.46 31.60
CA VAL J 199 -1.39 -32.11 32.04
C VAL J 199 -2.62 -31.32 31.59
N VAL J 200 -3.44 -31.94 30.75
CA VAL J 200 -4.65 -31.29 30.30
C VAL J 200 -5.83 -32.06 30.87
N LYS J 201 -6.70 -31.38 31.62
CA LYS J 201 -7.92 -31.99 32.12
C LYS J 201 -9.05 -31.41 31.28
N PHE J 202 -9.82 -32.29 30.64
CA PHE J 202 -10.87 -31.84 29.72
C PHE J 202 -12.06 -32.78 29.64
N ARG J 203 -13.13 -32.30 29.01
CA ARG J 203 -14.34 -33.09 28.82
C ARG J 203 -15.09 -32.46 27.66
N GLU J 204 -16.08 -33.17 27.14
CA GLU J 204 -16.92 -32.64 26.07
C GLU J 204 -17.70 -31.45 26.59
N ARG J 205 -17.92 -30.48 25.72
CA ARG J 205 -18.68 -29.28 26.05
C ARG J 205 -20.16 -29.52 25.77
N GLY K 1 13.66 15.08 13.53
CA GLY K 1 13.14 14.75 14.89
C GLY K 1 11.64 14.93 14.99
N CYS K 2 11.05 14.37 16.04
CA CYS K 2 9.61 14.48 16.27
C CYS K 2 9.14 15.92 16.20
N CYS K 3 9.82 16.77 16.97
CA CYS K 3 9.49 18.19 17.07
C CYS K 3 9.77 18.98 15.78
N SER K 4 10.30 18.29 14.77
CA SER K 4 10.55 18.94 13.49
C SER K 4 9.45 18.62 12.48
N ARG K 5 8.38 17.98 12.94
CA ARG K 5 7.25 17.67 12.05
C ARG K 5 5.88 17.84 12.70
N PRO K 6 4.98 18.55 12.02
CA PRO K 6 3.62 18.89 12.46
C PRO K 6 2.79 17.73 13.06
N PRO K 7 2.70 16.56 12.40
CA PRO K 7 1.87 15.53 13.02
C PRO K 7 2.42 14.99 14.35
N CYS K 8 3.73 15.04 14.52
CA CYS K 8 4.34 14.53 15.76
C CYS K 8 4.17 15.53 16.89
N ILE K 9 4.19 16.82 16.57
CA ILE K 9 4.00 17.89 17.54
C ILE K 9 2.56 17.84 18.08
N LEU K 10 1.59 17.55 17.20
CA LEU K 10 0.18 17.39 17.61
C LEU K 10 -0.03 16.24 18.58
N ASN K 11 0.75 15.17 18.39
CA ASN K 11 0.67 13.97 19.22
C ASN K 11 1.51 14.02 20.49
N ASN K 12 2.50 14.92 20.50
CA ASN K 12 3.41 15.04 21.63
C ASN K 12 3.70 16.51 21.98
N PRO K 13 2.67 17.24 22.46
CA PRO K 13 2.76 18.67 22.82
C PRO K 13 3.81 18.94 23.89
N ASP K 14 3.55 18.42 25.09
CA ASP K 14 4.45 18.55 26.23
C ASP K 14 5.68 17.69 26.05
N LEU K 15 5.51 16.55 25.38
CA LEU K 15 6.60 15.61 25.12
C LEU K 15 7.62 16.17 24.10
N CYS K 16 7.41 17.43 23.69
CA CYS K 16 8.32 18.15 22.79
C CYS K 16 9.12 19.23 23.52
N NH2 K 17 8.84 20.49 23.70
N GLY L 1 3.36 50.34 27.22
CA GLY L 1 2.18 51.03 27.81
C GLY L 1 0.85 50.41 27.40
N CYS L 2 -0.22 50.86 28.04
CA CYS L 2 -1.57 50.36 27.75
C CYS L 2 -2.05 50.74 26.35
N CYS L 3 -1.68 51.92 25.87
CA CYS L 3 -2.12 52.39 24.56
C CYS L 3 -1.31 51.77 23.42
N SER L 4 -0.27 51.01 23.78
CA SER L 4 0.55 50.33 22.79
C SER L 4 -0.07 48.98 22.43
N ARG L 5 -0.92 48.45 23.30
CA ARG L 5 -1.56 47.15 23.05
C ARG L 5 -3.08 47.21 22.81
N PRO L 6 -3.53 46.59 21.70
CA PRO L 6 -4.91 46.53 21.22
C PRO L 6 -6.01 46.22 22.26
N PRO L 7 -5.91 45.11 23.03
CA PRO L 7 -6.96 44.82 24.01
C PRO L 7 -7.10 45.86 25.14
N CYS L 8 -6.03 46.55 25.49
CA CYS L 8 -6.07 47.57 26.55
C CYS L 8 -6.75 48.84 26.03
N ILE L 9 -6.53 49.13 24.74
CA ILE L 9 -7.16 50.28 24.07
C ILE L 9 -8.68 50.06 24.07
N LEU L 10 -9.08 48.79 23.88
CA LEU L 10 -10.51 48.42 23.90
C LEU L 10 -11.17 48.59 25.25
N ASN L 11 -10.41 48.31 26.31
CA ASN L 11 -10.90 48.40 27.68
C ASN L 11 -10.75 49.78 28.29
N ASN L 12 -10.03 50.65 27.58
CA ASN L 12 -9.76 51.99 28.04
C ASN L 12 -9.83 52.92 26.82
N PRO L 13 -11.01 53.02 26.18
CA PRO L 13 -11.18 53.80 24.94
C PRO L 13 -10.90 55.30 25.07
N ASP L 14 -11.53 55.91 26.06
CA ASP L 14 -11.34 57.32 26.36
C ASP L 14 -10.08 57.49 27.21
N LEU L 15 -9.78 56.46 28.01
CA LEU L 15 -8.62 56.46 28.91
C LEU L 15 -7.24 56.35 28.23
N CYS L 16 -7.17 56.61 26.92
CA CYS L 16 -5.90 56.60 26.18
C CYS L 16 -5.52 57.95 25.57
N NH2 L 17 -6.10 59.08 25.94
N GLY M 1 -12.87 70.31 -3.04
CA GLY M 1 -14.29 70.73 -2.87
C GLY M 1 -15.25 69.56 -2.74
N CYS M 2 -16.50 69.80 -3.10
CA CYS M 2 -17.56 68.79 -3.06
C CYS M 2 -17.26 67.61 -3.97
N CYS M 3 -16.89 67.90 -5.21
CA CYS M 3 -16.60 66.88 -6.21
C CYS M 3 -15.28 66.14 -5.99
N SER M 4 -14.57 66.46 -4.91
CA SER M 4 -13.35 65.73 -4.59
C SER M 4 -13.58 64.79 -3.41
N ARG M 5 -14.84 64.69 -2.98
CA ARG M 5 -15.22 63.78 -1.89
C ARG M 5 -16.49 62.99 -2.25
N PRO M 6 -16.36 61.65 -2.33
CA PRO M 6 -17.38 60.66 -2.68
C PRO M 6 -18.80 60.86 -2.13
N PRO M 7 -18.98 61.16 -0.82
CA PRO M 7 -20.35 61.32 -0.34
C PRO M 7 -21.05 62.58 -0.85
N CYS M 8 -20.30 63.62 -1.11
CA CYS M 8 -20.86 64.79 -1.73
C CYS M 8 -21.16 64.56 -3.17
N ILE M 9 -20.18 64.03 -3.89
CA ILE M 9 -20.40 63.57 -5.23
C ILE M 9 -21.68 62.80 -5.39
N LEU M 10 -22.07 62.09 -4.36
CA LEU M 10 -23.15 61.17 -4.40
C LEU M 10 -24.46 61.82 -4.24
N ASN M 11 -24.52 62.83 -3.39
CA ASN M 11 -25.66 63.71 -3.18
C ASN M 11 -25.85 64.73 -4.28
N ASN M 12 -24.74 65.13 -4.92
CA ASN M 12 -24.79 66.16 -5.95
C ASN M 12 -24.18 65.70 -7.29
N PRO M 13 -24.84 64.75 -7.98
CA PRO M 13 -24.30 64.28 -9.26
C PRO M 13 -24.31 65.40 -10.32
N ASP M 14 -25.50 65.95 -10.56
CA ASP M 14 -25.73 67.05 -11.48
C ASP M 14 -24.93 68.30 -11.09
N LEU M 15 -25.06 68.72 -9.85
CA LEU M 15 -24.35 69.92 -9.35
C LEU M 15 -22.83 69.72 -9.19
N CYS M 16 -22.29 68.76 -9.94
CA CYS M 16 -20.85 68.48 -9.99
C CYS M 16 -20.33 68.54 -11.43
N NH2 M 17 -21.12 69.00 -12.32
N GLY N 1 -12.35 47.60 -34.55
CA GLY N 1 -13.15 46.61 -35.34
C GLY N 1 -14.06 45.77 -34.46
N CYS N 2 -14.99 45.04 -35.09
CA CYS N 2 -15.92 44.18 -34.37
C CYS N 2 -15.22 43.13 -33.53
N CYS N 3 -14.22 42.46 -34.10
CA CYS N 3 -13.51 41.41 -33.39
C CYS N 3 -12.47 41.96 -32.40
N SER N 4 -12.56 43.25 -32.10
CA SER N 4 -11.67 43.89 -31.13
C SER N 4 -12.45 44.33 -29.89
N ARG N 5 -13.74 44.04 -29.86
CA ARG N 5 -14.58 44.36 -28.71
C ARG N 5 -15.54 43.21 -28.35
N PRO N 6 -15.43 42.74 -27.09
CA PRO N 6 -16.16 41.64 -26.46
C PRO N 6 -17.64 41.47 -26.81
N PRO N 7 -18.47 42.54 -26.76
CA PRO N 7 -19.88 42.33 -27.07
C PRO N 7 -20.17 42.06 -28.55
N CYS N 8 -19.28 42.48 -29.45
CA CYS N 8 -19.47 42.27 -30.89
C CYS N 8 -19.06 40.86 -31.28
N ILE N 9 -17.91 40.42 -30.77
CA ILE N 9 -17.42 39.05 -30.99
C ILE N 9 -18.47 38.07 -30.48
N LEU N 10 -19.09 38.42 -29.35
CA LEU N 10 -20.10 37.59 -28.72
C LEU N 10 -21.39 37.48 -29.54
N ASN N 11 -21.75 38.55 -30.26
CA ASN N 11 -22.96 38.53 -31.09
C ASN N 11 -22.69 38.01 -32.49
N ASN N 12 -21.42 38.03 -32.88
CA ASN N 12 -20.99 37.59 -34.20
C ASN N 12 -19.81 36.62 -34.09
N PRO N 13 -20.04 35.40 -33.56
CA PRO N 13 -18.96 34.43 -33.38
C PRO N 13 -18.45 33.87 -34.71
N ASP N 14 -19.38 33.38 -35.53
CA ASP N 14 -19.09 32.81 -36.84
C ASP N 14 -18.58 33.85 -37.83
N LEU N 15 -19.10 35.07 -37.74
CA LEU N 15 -18.69 36.15 -38.63
C LEU N 15 -17.35 36.80 -38.27
N CYS N 16 -16.73 36.38 -37.16
CA CYS N 16 -15.42 36.92 -36.78
C CYS N 16 -14.24 36.16 -37.37
N NH2 N 17 -13.94 34.88 -37.15
N GLY O 1 4.70 12.18 -24.32
CA GLY O 1 3.90 10.94 -24.15
C GLY O 1 2.63 11.16 -23.34
N CYS O 2 2.01 10.06 -22.92
CA CYS O 2 0.78 10.09 -22.13
C CYS O 2 1.00 10.75 -20.77
N CYS O 3 2.10 10.40 -20.12
CA CYS O 3 2.40 10.92 -18.79
C CYS O 3 2.82 12.39 -18.80
N SER O 4 2.61 13.07 -19.93
CA SER O 4 2.93 14.48 -20.05
C SER O 4 1.69 15.37 -19.97
N ARG O 5 0.54 14.83 -20.39
CA ARG O 5 -0.71 15.58 -20.34
C ARG O 5 -1.66 15.07 -19.25
N PRO O 6 -2.23 15.99 -18.46
CA PRO O 6 -3.12 15.77 -17.32
C PRO O 6 -4.31 14.80 -17.50
N PRO O 7 -5.05 14.88 -18.63
CA PRO O 7 -6.18 13.95 -18.67
C PRO O 7 -5.83 12.50 -19.03
N CYS O 8 -4.61 12.28 -19.53
CA CYS O 8 -4.17 10.95 -19.92
C CYS O 8 -3.63 10.18 -18.72
N ILE O 9 -3.40 10.89 -17.62
CA ILE O 9 -2.83 10.29 -16.42
C ILE O 9 -3.90 10.03 -15.37
N LEU O 10 -4.98 10.80 -15.44
CA LEU O 10 -6.23 10.43 -14.78
C LEU O 10 -6.71 9.05 -15.23
N ASN O 11 -6.72 8.85 -16.55
CA ASN O 11 -7.20 7.59 -17.12
C ASN O 11 -6.21 6.44 -17.06
N ASN O 12 -4.93 6.76 -16.88
CA ASN O 12 -3.87 5.75 -16.83
C ASN O 12 -2.94 6.05 -15.65
N PRO O 13 -3.43 5.78 -14.43
CA PRO O 13 -2.74 6.17 -13.20
C PRO O 13 -1.43 5.44 -12.92
N ASP O 14 -1.56 4.17 -12.58
CA ASP O 14 -0.42 3.36 -12.12
C ASP O 14 0.60 2.99 -13.18
N LEU O 15 0.16 2.95 -14.44
CA LEU O 15 1.09 2.67 -15.54
C LEU O 15 1.57 3.98 -16.20
N CYS O 16 2.08 4.87 -15.34
CA CYS O 16 2.69 6.14 -15.74
C CYS O 16 4.00 6.37 -15.00
N NH2 O 17 4.24 7.47 -14.32
N GLY P 1 14.03 -70.71 5.04
CA GLY P 1 15.02 -70.27 6.06
C GLY P 1 15.94 -69.19 5.55
N CYS P 2 16.86 -69.57 4.65
CA CYS P 2 17.80 -68.62 4.06
C CYS P 2 17.11 -67.65 3.12
N CYS P 3 16.15 -68.14 2.35
CA CYS P 3 15.43 -67.30 1.39
C CYS P 3 14.33 -66.47 2.06
N SER P 4 14.30 -66.51 3.38
CA SER P 4 13.36 -65.72 4.16
C SER P 4 14.08 -64.54 4.83
N ARG P 5 15.40 -64.51 4.72
CA ARG P 5 16.19 -63.41 5.29
C ARG P 5 17.09 -62.72 4.25
N PRO P 6 16.94 -61.39 4.14
CA PRO P 6 17.62 -60.52 3.16
C PRO P 6 19.15 -60.66 3.07
N PRO P 7 19.88 -60.74 4.21
CA PRO P 7 21.32 -60.89 3.99
C PRO P 7 21.73 -62.26 3.44
N CYS P 8 20.90 -63.29 3.64
CA CYS P 8 21.21 -64.63 3.13
C CYS P 8 20.91 -64.69 1.64
N ILE P 9 19.75 -64.14 1.26
CA ILE P 9 19.34 -64.07 -0.16
C ILE P 9 20.40 -63.31 -0.98
N LEU P 10 20.97 -62.25 -0.40
CA LEU P 10 22.04 -61.50 -1.09
C LEU P 10 23.26 -62.35 -1.36
N ASN P 11 23.65 -63.13 -0.36
CA ASN P 11 24.85 -63.98 -0.46
C ASN P 11 24.67 -65.24 -1.28
N ASN P 12 23.44 -65.73 -1.35
CA ASN P 12 23.13 -66.95 -2.04
C ASN P 12 21.90 -66.79 -2.95
N PRO P 13 22.04 -65.99 -4.03
CA PRO P 13 20.91 -65.71 -4.94
C PRO P 13 20.42 -66.96 -5.67
N ASP P 14 21.36 -67.63 -6.35
CA ASP P 14 21.11 -68.88 -7.07
C ASP P 14 20.82 -70.01 -6.11
N LEU P 15 21.59 -70.06 -5.01
CA LEU P 15 21.44 -71.09 -3.98
C LEU P 15 20.11 -70.96 -3.22
N CYS P 16 19.23 -70.11 -3.75
CA CYS P 16 17.88 -69.90 -3.22
C CYS P 16 16.79 -70.47 -4.12
N NH2 P 17 16.44 -71.71 -3.87
N GLY Q 1 -1.50 -53.36 -26.91
CA GLY Q 1 -0.65 -52.86 -28.02
C GLY Q 1 0.56 -52.10 -27.53
N CYS Q 2 1.25 -51.44 -28.48
CA CYS Q 2 2.44 -50.64 -28.17
C CYS Q 2 2.11 -49.46 -27.26
N CYS Q 3 0.99 -48.79 -27.54
CA CYS Q 3 0.62 -47.61 -26.76
C CYS Q 3 0.00 -47.89 -25.39
N SER Q 4 0.09 -49.14 -24.94
CA SER Q 4 -0.38 -49.51 -23.62
C SER Q 4 0.80 -49.76 -22.68
N ARG Q 5 2.02 -49.45 -23.14
CA ARG Q 5 3.22 -49.60 -22.31
C ARG Q 5 4.23 -48.45 -22.52
N PRO Q 6 4.71 -47.89 -21.39
CA PRO Q 6 5.65 -46.76 -21.27
C PRO Q 6 6.87 -46.71 -22.21
N PRO Q 7 7.69 -47.78 -22.29
CA PRO Q 7 8.87 -47.62 -23.15
C PRO Q 7 8.56 -47.67 -24.64
N CYS Q 8 7.40 -48.21 -25.01
CA CYS Q 8 7.01 -48.28 -26.41
C CYS Q 8 6.47 -46.93 -26.84
N ILE Q 9 5.64 -46.32 -26.00
CA ILE Q 9 5.10 -44.98 -26.31
C ILE Q 9 6.25 -43.96 -26.35
N LEU Q 10 7.31 -44.21 -25.59
CA LEU Q 10 8.49 -43.35 -25.62
C LEU Q 10 9.18 -43.42 -26.97
N ASN Q 11 9.43 -44.64 -27.44
CA ASN Q 11 10.06 -44.88 -28.74
C ASN Q 11 9.16 -44.59 -29.94
N ASN Q 12 7.84 -44.63 -29.72
CA ASN Q 12 6.87 -44.37 -30.78
C ASN Q 12 5.83 -43.34 -30.32
N PRO Q 13 6.26 -42.08 -30.19
CA PRO Q 13 5.36 -41.02 -29.70
C PRO Q 13 4.22 -40.75 -30.67
N ASP Q 14 4.60 -40.65 -31.93
CA ASP Q 14 3.71 -40.38 -33.06
C ASP Q 14 2.73 -41.51 -33.37
N LEU Q 15 3.26 -42.72 -33.57
CA LEU Q 15 2.47 -43.88 -33.94
C LEU Q 15 1.51 -44.41 -32.85
N CYS Q 16 0.88 -43.48 -32.14
CA CYS Q 16 -0.15 -43.82 -31.15
C CYS Q 16 -1.52 -43.35 -31.64
N NH2 Q 17 -2.30 -42.61 -30.93
N GLY R 1 -13.41 -17.43 -17.16
CA GLY R 1 -12.94 -16.02 -17.09
C GLY R 1 -11.47 -15.92 -16.71
N CYS R 2 -10.90 -14.73 -16.85
CA CYS R 2 -9.48 -14.49 -16.53
C CYS R 2 -9.11 -14.92 -15.12
N CYS R 3 -9.87 -14.45 -14.14
CA CYS R 3 -9.55 -14.69 -12.72
C CYS R 3 -9.84 -16.11 -12.21
N SER R 4 -9.87 -17.07 -13.14
CA SER R 4 -10.07 -18.48 -12.83
C SER R 4 -8.89 -19.26 -13.43
N ARG R 5 -7.97 -18.51 -14.02
CA ARG R 5 -6.75 -19.04 -14.62
C ARG R 5 -5.56 -18.49 -13.88
N PRO R 6 -4.82 -19.36 -13.16
CA PRO R 6 -3.60 -18.86 -12.50
C PRO R 6 -2.66 -18.02 -13.40
N PRO R 7 -2.47 -18.38 -14.70
CA PRO R 7 -1.59 -17.52 -15.48
C PRO R 7 -2.20 -16.16 -15.87
N CYS R 8 -3.53 -16.08 -15.94
CA CYS R 8 -4.20 -14.83 -16.29
C CYS R 8 -4.21 -13.87 -15.10
N ILE R 9 -4.29 -14.43 -13.89
CA ILE R 9 -4.25 -13.66 -12.66
C ILE R 9 -2.84 -13.11 -12.48
N LEU R 10 -1.83 -13.95 -12.77
CA LEU R 10 -0.43 -13.56 -12.67
C LEU R 10 -0.09 -12.43 -13.64
N ASN R 11 -0.81 -12.37 -14.76
CA ASN R 11 -0.61 -11.33 -15.78
C ASN R 11 -1.49 -10.11 -15.57
N ASN R 12 -2.54 -10.29 -14.79
CA ASN R 12 -3.51 -9.24 -14.51
C ASN R 12 -3.87 -9.20 -13.02
N PRO R 13 -2.86 -8.97 -12.15
CA PRO R 13 -3.08 -8.95 -10.71
C PRO R 13 -4.10 -7.87 -10.30
N ASP R 14 -3.86 -6.63 -10.73
CA ASP R 14 -4.76 -5.51 -10.43
C ASP R 14 -6.17 -5.73 -10.95
N LEU R 15 -6.31 -5.85 -12.27
CA LEU R 15 -7.61 -5.98 -12.91
C LEU R 15 -8.39 -7.28 -12.61
N CYS R 16 -7.96 -8.03 -11.60
CA CYS R 16 -8.68 -9.24 -11.18
C CYS R 16 -9.62 -9.03 -10.00
N NH2 R 17 -9.30 -9.10 -8.74
N GLY S 1 -6.16 -11.16 21.52
CA GLY S 1 -5.07 -10.52 22.31
C GLY S 1 -3.69 -10.86 21.81
N CYS S 2 -2.69 -10.11 22.31
CA CYS S 2 -1.29 -10.32 21.91
C CYS S 2 -0.87 -11.77 21.89
N CYS S 3 -1.21 -12.52 22.94
CA CYS S 3 -0.77 -13.91 23.06
C CYS S 3 -1.53 -14.92 22.19
N SER S 4 -2.46 -14.44 21.37
CA SER S 4 -3.20 -15.30 20.45
C SER S 4 -2.55 -15.29 19.05
N ARG S 5 -1.63 -14.36 18.84
CA ARG S 5 -0.90 -14.28 17.57
C ARG S 5 0.61 -14.39 17.75
N PRO S 6 1.23 -15.30 16.98
CA PRO S 6 2.66 -15.66 16.99
C PRO S 6 3.69 -14.53 16.92
N PRO S 7 3.52 -13.53 16.02
CA PRO S 7 4.55 -12.48 16.01
C PRO S 7 4.57 -11.62 17.29
N CYS S 8 3.43 -11.51 17.97
CA CYS S 8 3.36 -10.71 19.20
C CYS S 8 4.09 -11.40 20.35
N ILE S 9 3.83 -12.70 20.52
CA ILE S 9 4.48 -13.53 21.53
C ILE S 9 5.99 -13.46 21.37
N LEU S 10 6.42 -13.45 20.11
CA LEU S 10 7.82 -13.42 19.72
C LEU S 10 8.56 -12.13 20.10
N ASN S 11 7.83 -11.01 20.11
CA ASN S 11 8.40 -9.70 20.45
C ASN S 11 8.24 -9.35 21.91
N ASN S 12 7.28 -10.03 22.54
CA ASN S 12 6.96 -9.81 23.93
C ASN S 12 6.98 -11.17 24.66
N PRO S 13 8.17 -11.81 24.74
CA PRO S 13 8.31 -13.13 25.37
C PRO S 13 7.80 -13.23 26.80
N ASP S 14 8.25 -12.32 27.66
CA ASP S 14 7.84 -12.31 29.06
C ASP S 14 6.51 -11.58 29.23
N LEU S 15 6.26 -10.56 28.41
CA LEU S 15 5.00 -9.81 28.47
C LEU S 15 3.79 -10.60 27.93
N CYS S 16 3.93 -11.92 27.90
CA CYS S 16 2.88 -12.88 27.51
C CYS S 16 2.73 -14.02 28.52
N NH2 S 17 2.36 -15.18 28.11
N GLY T 1 10.72 -43.62 35.86
CA GLY T 1 12.11 -43.85 36.35
C GLY T 1 13.17 -43.42 35.35
N CYS T 2 14.40 -43.85 35.59
CA CYS T 2 15.53 -43.53 34.72
C CYS T 2 15.37 -44.16 33.34
N CYS T 3 15.03 -45.45 33.32
CA CYS T 3 14.91 -46.18 32.07
C CYS T 3 13.65 -45.84 31.27
N SER T 4 12.83 -44.91 31.77
CA SER T 4 11.66 -44.52 31.02
C SER T 4 11.81 -43.13 30.36
N ARG T 5 13.03 -42.59 30.42
CA ARG T 5 13.34 -41.32 29.77
C ARG T 5 14.66 -41.42 28.99
N PRO T 6 14.62 -41.08 27.70
CA PRO T 6 15.73 -41.16 26.74
C PRO T 6 17.08 -40.62 27.23
N PRO T 7 17.15 -39.40 27.79
CA PRO T 7 18.45 -38.92 28.26
C PRO T 7 19.07 -39.72 29.41
N CYS T 8 18.24 -40.36 30.23
CA CYS T 8 18.76 -41.13 31.37
C CYS T 8 19.31 -42.48 30.92
N ILE T 9 18.52 -43.22 30.15
CA ILE T 9 18.96 -44.50 29.61
C ILE T 9 20.18 -44.33 28.70
N LEU T 10 20.31 -43.14 28.13
CA LEU T 10 21.44 -42.82 27.26
C LEU T 10 22.71 -42.56 28.10
N ASN T 11 22.53 -42.22 29.37
CA ASN T 11 23.64 -41.99 30.29
C ASN T 11 23.96 -43.21 31.14
N ASN T 12 22.92 -44.02 31.37
CA ASN T 12 23.03 -45.21 32.20
C ASN T 12 22.52 -46.46 31.48
N PRO T 13 23.30 -46.94 30.48
CA PRO T 13 22.90 -48.11 29.69
C PRO T 13 22.94 -49.39 30.50
N ASP T 14 24.09 -49.67 31.11
CA ASP T 14 24.34 -50.87 31.90
C ASP T 14 23.35 -51.15 33.04
N LEU T 15 22.66 -50.11 33.50
CA LEU T 15 21.70 -50.27 34.59
C LEU T 15 20.24 -50.14 34.14
N CYS T 16 19.94 -50.59 32.92
CA CYS T 16 18.56 -50.50 32.41
C CYS T 16 17.93 -51.82 31.91
N NH2 T 17 16.75 -52.13 32.34
C1 NAG U . -45.64 63.33 8.84
C2 NAG U . -45.47 64.01 7.43
C3 NAG U . -46.36 63.17 6.52
C4 NAG U . -45.90 61.75 6.19
C5 NAG U . -45.08 61.41 7.43
C6 NAG U . -44.78 59.92 7.57
C7 NAG U . -45.80 66.23 6.41
C8 NAG U . -45.70 67.70 6.71
N2 NAG U . -45.86 65.42 7.49
O3 NAG U . -47.29 63.88 5.52
O4 NAG U . -47.05 60.95 6.09
O5 NAG U . -45.71 61.88 8.61
O6 NAG U . -43.95 59.72 8.69
O7 NAG U . -45.87 65.87 5.21
C1 GOL V . 18.04 -54.48 36.55
O1 GOL V . 16.84 -53.87 36.17
C2 GOL V . 19.19 -53.50 36.38
O2 GOL V . 19.95 -53.85 35.25
C3 GOL V . 20.09 -53.53 37.62
O3 GOL V . 19.45 -52.85 38.68
C1 GOL W . 11.16 -73.14 -3.78
O1 GOL W . 12.43 -72.98 -4.43
C2 GOL W . 10.15 -72.06 -4.18
O2 GOL W . 10.76 -70.90 -4.72
C3 GOL W . 9.31 -71.66 -2.95
O3 GOL W . 8.04 -71.17 -3.32
C1 NAG X . 28.83 -45.49 -38.18
C2 NAG X . 29.71 -45.68 -39.48
C3 NAG X . 31.00 -46.55 -39.11
C4 NAG X . 31.76 -45.83 -37.98
C5 NAG X . 30.78 -45.60 -36.83
C6 NAG X . 31.42 -45.02 -35.55
C7 NAG X . 28.29 -46.75 -41.35
C8 NAG X . 27.46 -46.30 -42.54
N2 NAG X . 29.02 -45.77 -40.79
O3 NAG X . 31.79 -46.81 -40.29
O4 NAG X . 32.88 -46.59 -37.57
O5 NAG X . 29.70 -44.77 -37.31
O6 NAG X . 30.78 -45.58 -34.42
O7 NAG X . 28.25 -47.93 -41.00
#